data_7T1X
#
_entry.id   7T1X
#
_cell.length_a   85.930
_cell.length_b   149.260
_cell.length_c   115.360
_cell.angle_alpha   90.000
_cell.angle_beta   99.315
_cell.angle_gamma   90.000
#
_symmetry.space_group_name_H-M   'P 1 21 1'
#
loop_
_entity.id
_entity.type
_entity.pdbx_description
1 polymer 'Fab A194-01 heavy chain'
2 polymer 'Fab A194-01 light chain'
3 branched alpha-D-mannopyranose-(1-5)-beta-D-arabinofuranose-(1-2)-alpha-D-arabinofuranose-(1-3)-[beta-D-arabinofuranose-(1-2)-alpha-D-arabinofuranose-(1-5)]alpha-D-arabinofuranose-(1-5)-alpha-D-arabinofuranose
4 non-polymer 1,2-ETHANEDIOL
5 water water
#
loop_
_entity_poly.entity_id
_entity_poly.type
_entity_poly.pdbx_seq_one_letter_code
_entity_poly.pdbx_strand_id
1 'polypeptide(L)'
;QVQLLESGGGVVRPGGSLRLSCAASGFNFEDFGMSWVRQAPGKGLEWVSSISWNGANIGYVDSVKGRFTISRDNAKNSLY
LQMNSLRAEDTALYYCAIDWYRDDYYKMDVWGKGTTVTVSSASTKGPSVFPLAPSSKSTSGGTAALGCLVKDYFPEPVTV
SWNSGALTSGVHTFPAVLQSSGLYSLSSVVTVPSSSLGTQTYICNVNHKPSNTKVDKRVEPKSCDKTH
;
H,H2,H3,H4,H5
2 'polypeptide(L)'
;EIVMTQSPATLSVSPGERATLSCRASRSIRSALAWYQHKPGQAPRLLIFGASTRATGIPARFSGSGSGTDFTLTVSSIRS
EDSAVYYCQQYDFWYTFGQGTKLEIKRTVAAPSVFIFPPSDEQLKSGTASVVCLLNNFYPREAKVQWKVDNALQSGNSQE
SVTEQDSKDSTYSLSSTLTLSKADYEKHKVYACEVTHQGLSSPVTKSFNRGEC
;
L,L2,L3,L4,L5
#
# COMPACT_ATOMS: atom_id res chain seq x y z
N GLN A 1 -10.96 -22.86 30.31
CA GLN A 1 -11.62 -23.46 29.15
C GLN A 1 -12.80 -24.32 29.55
N VAL A 2 -13.78 -23.69 30.19
CA VAL A 2 -15.09 -24.30 30.33
C VAL A 2 -15.70 -24.43 28.95
N GLN A 3 -16.30 -25.58 28.67
CA GLN A 3 -16.69 -25.80 27.29
C GLN A 3 -18.02 -26.53 27.18
N LEU A 4 -18.82 -26.11 26.20
CA LEU A 4 -20.04 -26.78 25.80
C LEU A 4 -19.93 -27.07 24.32
N LEU A 5 -20.20 -28.32 23.93
CA LEU A 5 -20.04 -28.77 22.55
C LEU A 5 -21.32 -29.43 22.08
N GLU A 6 -22.07 -28.75 21.22
CA GLU A 6 -23.30 -29.27 20.66
C GLU A 6 -23.01 -30.15 19.45
N SER A 7 -23.84 -31.15 19.24
CA SER A 7 -23.77 -31.96 18.03
C SER A 7 -25.13 -32.57 17.73
N GLY A 8 -25.25 -33.15 16.54
CA GLY A 8 -26.47 -33.82 16.11
C GLY A 8 -27.28 -33.10 15.05
N GLY A 9 -26.97 -31.85 14.71
CA GLY A 9 -27.73 -31.16 13.70
C GLY A 9 -27.58 -31.79 12.33
N GLY A 10 -28.46 -31.38 11.42
CA GLY A 10 -28.43 -31.87 10.06
C GLY A 10 -29.73 -31.53 9.35
N VAL A 11 -29.94 -32.17 8.19
CA VAL A 11 -31.13 -31.93 7.37
C VAL A 11 -32.14 -33.01 7.68
N VAL A 12 -33.38 -32.60 7.95
CA VAL A 12 -34.48 -33.50 8.27
C VAL A 12 -35.74 -32.98 7.58
N ARG A 13 -36.54 -33.89 7.03
CA ARG A 13 -37.78 -33.51 6.39
C ARG A 13 -38.77 -32.92 7.38
N PRO A 14 -39.61 -31.99 6.94
CA PRO A 14 -40.69 -31.49 7.79
C PRO A 14 -41.53 -32.65 8.31
N GLY A 15 -41.92 -32.58 9.58
CA GLY A 15 -42.62 -33.67 10.21
C GLY A 15 -41.73 -34.75 10.78
N GLY A 16 -40.42 -34.69 10.52
CA GLY A 16 -39.47 -35.64 11.05
C GLY A 16 -38.96 -35.24 12.42
N SER A 17 -37.90 -35.94 12.83
CA SER A 17 -37.36 -35.78 14.17
C SER A 17 -35.84 -35.87 14.13
N LEU A 18 -35.23 -35.29 15.17
CA LEU A 18 -33.79 -35.28 15.33
CA LEU A 18 -33.79 -35.43 15.35
C LEU A 18 -33.47 -35.21 16.82
N ARG A 19 -32.31 -35.72 17.22
CA ARG A 19 -31.86 -35.64 18.60
CA ARG A 19 -31.85 -35.66 18.60
C ARG A 19 -30.54 -34.88 18.66
N LEU A 20 -30.56 -33.75 19.34
CA LEU A 20 -29.40 -32.92 19.59
C LEU A 20 -28.78 -33.30 20.93
N SER A 21 -27.45 -33.18 21.01
CA SER A 21 -26.71 -33.45 22.23
C SER A 21 -25.69 -32.34 22.47
N CYS A 22 -25.33 -32.20 23.74
CA CYS A 22 -24.40 -31.18 24.19
C CYS A 22 -23.49 -31.81 25.24
N ALA A 23 -22.19 -31.87 24.96
CA ALA A 23 -21.21 -32.43 25.89
C ALA A 23 -20.50 -31.32 26.65
N ALA A 24 -20.54 -31.38 27.97
CA ALA A 24 -19.92 -30.38 28.83
C ALA A 24 -18.54 -30.85 29.31
N SER A 25 -17.63 -29.90 29.47
CA SER A 25 -16.32 -30.19 30.05
C SER A 25 -15.80 -28.98 30.79
N GLY A 26 -14.98 -29.24 31.80
CA GLY A 26 -14.34 -28.17 32.53
C GLY A 26 -15.12 -27.64 33.72
N PHE A 27 -16.24 -28.27 34.08
CA PHE A 27 -17.00 -27.85 35.25
C PHE A 27 -17.83 -29.03 35.76
N ASN A 28 -18.41 -28.85 36.94
CA ASN A 28 -19.34 -29.82 37.53
C ASN A 28 -20.69 -29.69 36.84
N PHE A 29 -20.86 -30.45 35.76
CA PHE A 29 -22.09 -30.41 34.97
C PHE A 29 -23.33 -30.62 35.86
N GLU A 30 -23.23 -31.50 36.85
CA GLU A 30 -24.34 -31.80 37.74
C GLU A 30 -24.73 -30.60 38.63
N ASP A 31 -23.93 -29.54 38.68
CA ASP A 31 -24.27 -28.38 39.48
C ASP A 31 -25.12 -27.34 38.75
N PHE A 32 -25.27 -27.44 37.43
CA PHE A 32 -25.85 -26.36 36.65
C PHE A 32 -27.11 -26.79 35.91
N GLY A 33 -28.14 -25.94 35.96
CA GLY A 33 -29.22 -26.05 35.01
C GLY A 33 -28.75 -25.69 33.61
N MET A 34 -29.39 -26.31 32.62
CA MET A 34 -28.99 -26.13 31.23
C MET A 34 -30.19 -25.65 30.42
N SER A 35 -29.90 -24.84 29.39
CA SER A 35 -30.90 -24.34 28.48
C SER A 35 -30.49 -24.58 27.03
N TRP A 36 -31.48 -24.71 26.15
CA TRP A 36 -31.30 -24.63 24.71
C TRP A 36 -31.88 -23.31 24.24
N VAL A 37 -31.11 -22.59 23.42
CA VAL A 37 -31.51 -21.32 22.83
C VAL A 37 -31.19 -21.38 21.34
N ARG A 38 -32.13 -20.98 20.49
CA ARG A 38 -31.92 -21.07 19.05
C ARG A 38 -31.99 -19.70 18.40
N GLN A 39 -31.42 -19.61 17.20
CA GLN A 39 -31.49 -18.42 16.36
C GLN A 39 -31.86 -18.86 14.94
N ALA A 40 -33.11 -18.63 14.57
CA ALA A 40 -33.53 -18.92 13.21
C ALA A 40 -32.92 -17.89 12.25
N PRO A 41 -32.68 -18.29 11.01
CA PRO A 41 -32.12 -17.36 10.03
C PRO A 41 -32.92 -16.07 9.95
N GLY A 42 -32.21 -14.96 10.12
CA GLY A 42 -32.81 -13.64 10.03
C GLY A 42 -33.66 -13.25 11.23
N LYS A 43 -33.53 -13.94 12.35
CA LYS A 43 -34.32 -13.68 13.54
C LYS A 43 -33.41 -13.51 14.73
N GLY A 44 -34.03 -13.27 15.90
CA GLY A 44 -33.28 -13.10 17.13
C GLY A 44 -33.14 -14.38 17.93
N LEU A 45 -32.52 -14.25 19.09
CA LEU A 45 -32.40 -15.36 20.02
C LEU A 45 -33.76 -15.74 20.58
N GLU A 46 -34.02 -17.04 20.67
CA GLU A 46 -35.27 -17.52 21.26
C GLU A 46 -34.95 -18.66 22.22
N TRP A 47 -35.30 -18.47 23.48
CA TRP A 47 -35.15 -19.53 24.46
C TRP A 47 -36.14 -20.65 24.13
N VAL A 48 -35.66 -21.90 24.22
CA VAL A 48 -36.44 -23.07 23.81
C VAL A 48 -36.82 -23.93 25.01
N SER A 49 -35.83 -24.32 25.81
CA SER A 49 -36.09 -25.27 26.89
C SER A 49 -35.00 -25.16 27.96
N SER A 50 -35.36 -25.59 29.17
CA SER A 50 -34.43 -25.62 30.28
C SER A 50 -34.73 -26.83 31.16
N ILE A 51 -33.68 -27.45 31.70
CA ILE A 51 -33.82 -28.47 32.73
C ILE A 51 -32.93 -28.10 33.90
N SER A 52 -33.50 -28.08 35.11
CA SER A 52 -32.71 -27.68 36.26
C SER A 52 -31.66 -28.73 36.59
N TRP A 53 -30.70 -28.32 37.42
CA TRP A 53 -29.52 -29.15 37.71
C TRP A 53 -29.91 -30.56 38.13
N ASN A 54 -30.99 -30.70 38.90
CA ASN A 54 -31.44 -31.99 39.40
C ASN A 54 -32.70 -32.51 38.69
N GLY A 55 -33.07 -31.93 37.54
CA GLY A 55 -34.23 -32.40 36.80
C GLY A 55 -35.57 -32.10 37.43
N ALA A 56 -35.59 -31.30 38.51
CA ALA A 56 -36.82 -31.05 39.27
C ALA A 56 -37.73 -30.01 38.61
N ASN A 57 -37.17 -29.13 37.77
CA ASN A 57 -37.96 -28.11 37.09
C ASN A 57 -37.58 -28.13 35.61
N ILE A 58 -38.58 -28.34 34.75
CA ILE A 58 -38.35 -28.40 33.30
C ILE A 58 -39.35 -27.46 32.62
N GLY A 59 -38.85 -26.67 31.66
CA GLY A 59 -39.71 -25.72 30.96
C GLY A 59 -39.49 -25.74 29.46
N TYR A 60 -40.55 -25.34 28.74
CA TYR A 60 -40.53 -25.26 27.28
C TYR A 60 -41.23 -24.00 26.81
N VAL A 61 -40.71 -23.38 25.75
CA VAL A 61 -41.47 -22.33 25.08
C VAL A 61 -42.70 -22.97 24.44
N ASP A 62 -43.81 -22.23 24.43
CA ASP A 62 -45.11 -22.78 24.06
C ASP A 62 -45.08 -23.48 22.70
N SER A 63 -44.36 -22.94 21.73
CA SER A 63 -44.44 -23.49 20.38
C SER A 63 -43.79 -24.86 20.25
N VAL A 64 -43.05 -25.34 21.26
CA VAL A 64 -42.42 -26.65 21.23
C VAL A 64 -42.99 -27.60 22.27
N LYS A 65 -43.98 -27.18 23.06
CA LYS A 65 -44.62 -28.07 24.01
C LYS A 65 -45.23 -29.24 23.27
N GLY A 66 -44.97 -30.46 23.77
CA GLY A 66 -45.50 -31.67 23.18
C GLY A 66 -44.73 -32.19 21.98
N ARG A 67 -43.77 -31.43 21.46
CA ARG A 67 -42.91 -31.84 20.36
C ARG A 67 -41.48 -32.09 20.78
N PHE A 68 -40.94 -31.24 21.66
CA PHE A 68 -39.57 -31.34 22.13
C PHE A 68 -39.55 -31.91 23.53
N THR A 69 -38.49 -32.64 23.84
CA THR A 69 -38.24 -33.16 25.16
C THR A 69 -36.79 -32.92 25.49
N ILE A 70 -36.54 -32.21 26.59
CA ILE A 70 -35.19 -31.95 27.07
C ILE A 70 -34.88 -33.01 28.12
N SER A 71 -33.62 -33.41 28.20
CA SER A 71 -33.17 -34.33 29.23
C SER A 71 -31.67 -34.20 29.40
N ARG A 72 -31.16 -34.84 30.46
CA ARG A 72 -29.75 -34.77 30.81
C ARG A 72 -29.32 -36.13 31.36
N ASP A 73 -28.03 -36.40 31.22
CA ASP A 73 -27.37 -37.58 31.79
C ASP A 73 -26.13 -37.08 32.52
N ASN A 74 -26.21 -36.94 33.84
CA ASN A 74 -25.09 -36.37 34.56
C ASN A 74 -23.85 -37.27 34.51
N ALA A 75 -24.04 -38.58 34.38
CA ALA A 75 -22.89 -39.48 34.32
C ALA A 75 -22.10 -39.32 33.03
N LYS A 76 -22.75 -38.89 31.95
CA LYS A 76 -22.09 -38.66 30.67
C LYS A 76 -21.79 -37.19 30.42
N ASN A 77 -22.10 -36.32 31.38
CA ASN A 77 -21.95 -34.88 31.24
C ASN A 77 -22.61 -34.36 29.97
N SER A 78 -23.83 -34.82 29.71
CA SER A 78 -24.50 -34.55 28.44
C SER A 78 -25.91 -34.03 28.65
N LEU A 79 -26.30 -33.10 27.79
CA LEU A 79 -27.66 -32.57 27.70
C LEU A 79 -28.23 -32.99 26.35
N TYR A 80 -29.53 -33.27 26.31
CA TYR A 80 -30.15 -33.74 25.07
C TYR A 80 -31.40 -32.93 24.76
N LEU A 81 -31.76 -32.90 23.47
CA LEU A 81 -33.03 -32.34 23.01
C LEU A 81 -33.58 -33.23 21.91
N GLN A 82 -34.66 -33.96 22.21
CA GLN A 82 -35.36 -34.77 21.23
C GLN A 82 -36.42 -33.90 20.56
N MET A 83 -36.23 -33.61 19.27
CA MET A 83 -37.08 -32.68 18.52
C MET A 83 -37.98 -33.49 17.58
N ASN A 84 -39.29 -33.51 17.86
CA ASN A 84 -40.22 -34.24 17.01
C ASN A 84 -41.12 -33.29 16.22
N SER A 85 -41.68 -33.82 15.12
CA SER A 85 -42.60 -33.09 14.25
C SER A 85 -42.02 -31.76 13.79
N LEU A 86 -40.85 -31.84 13.13
CA LEU A 86 -40.13 -30.62 12.81
C LEU A 86 -40.90 -29.75 11.82
N ARG A 87 -40.87 -28.44 12.06
CA ARG A 87 -41.49 -27.45 11.20
C ARG A 87 -40.41 -26.56 10.63
N ALA A 88 -40.83 -25.75 9.64
CA ALA A 88 -39.90 -24.79 9.04
C ALA A 88 -39.37 -23.80 10.07
N GLU A 89 -40.20 -23.42 11.05
CA GLU A 89 -39.73 -22.47 12.05
C GLU A 89 -38.70 -23.08 12.98
N ASP A 90 -38.46 -24.39 12.92
CA ASP A 90 -37.43 -25.00 13.74
C ASP A 90 -36.04 -24.91 13.11
N THR A 91 -35.94 -24.49 11.84
CA THR A 91 -34.63 -24.31 11.21
C THR A 91 -33.85 -23.22 11.92
N ALA A 92 -32.70 -23.57 12.46
CA ALA A 92 -31.98 -22.60 13.28
C ALA A 92 -30.64 -23.17 13.73
N LEU A 93 -29.80 -22.27 14.23
CA LEU A 93 -28.64 -22.67 15.00
C LEU A 93 -29.08 -22.86 16.45
N TYR A 94 -28.74 -24.01 17.03
CA TYR A 94 -29.15 -24.35 18.39
C TYR A 94 -27.94 -24.30 19.31
N TYR A 95 -27.95 -23.37 20.28
CA TYR A 95 -26.94 -23.25 21.35
C TYR A 95 -27.41 -23.97 22.60
N CYS A 96 -26.48 -24.62 23.31
CA CYS A 96 -26.73 -24.97 24.70
C CYS A 96 -25.99 -23.99 25.61
N ALA A 97 -26.53 -23.80 26.79
CA ALA A 97 -25.98 -22.87 27.74
C ALA A 97 -26.33 -23.34 29.13
N ILE A 98 -25.45 -23.06 30.09
CA ILE A 98 -25.85 -23.17 31.49
C ILE A 98 -26.85 -22.05 31.76
N ASP A 99 -27.74 -22.27 32.71
CA ASP A 99 -28.51 -21.12 33.15
C ASP A 99 -28.24 -20.84 34.63
N TRP A 100 -28.80 -21.64 35.53
CA TRP A 100 -28.65 -21.42 36.96
C TRP A 100 -27.57 -22.32 37.55
N TYR A 101 -26.90 -21.81 38.58
CA TYR A 101 -26.15 -22.64 39.52
C TYR A 101 -27.12 -23.16 40.57
N ARG A 102 -27.45 -24.46 40.49
CA ARG A 102 -28.42 -25.12 41.38
C ARG A 102 -29.74 -24.36 41.33
N ASP A 103 -30.38 -24.09 42.47
CA ASP A 103 -31.50 -23.17 42.56
C ASP A 103 -31.07 -21.88 43.26
N ASP A 104 -29.78 -21.54 43.16
CA ASP A 104 -29.19 -20.43 43.91
C ASP A 104 -29.20 -19.12 43.12
N TYR A 105 -28.63 -19.13 41.92
CA TYR A 105 -28.52 -17.88 41.20
C TYR A 105 -28.42 -18.14 39.71
N TYR A 106 -28.97 -17.20 38.94
CA TYR A 106 -28.82 -17.17 37.50
C TYR A 106 -27.38 -16.88 37.13
N LYS A 107 -26.82 -17.66 36.20
CA LYS A 107 -25.44 -17.46 35.76
C LYS A 107 -25.38 -17.25 34.26
N MET A 108 -25.62 -18.29 33.45
CA MET A 108 -25.86 -18.15 32.02
C MET A 108 -24.74 -17.44 31.28
N ASP A 109 -23.50 -17.65 31.73
CA ASP A 109 -22.37 -17.02 31.07
C ASP A 109 -21.47 -18.02 30.34
N VAL A 110 -21.93 -19.26 30.13
CA VAL A 110 -21.17 -20.25 29.40
C VAL A 110 -22.07 -20.74 28.29
N TRP A 111 -21.63 -20.56 27.04
CA TRP A 111 -22.40 -20.91 25.85
C TRP A 111 -21.55 -21.77 24.91
N GLY A 112 -22.22 -22.64 24.16
CA GLY A 112 -21.58 -23.39 23.11
C GLY A 112 -21.52 -22.61 21.82
N LYS A 113 -20.97 -23.25 20.79
CA LYS A 113 -20.84 -22.60 19.49
C LYS A 113 -22.05 -22.81 18.58
N GLY A 114 -22.94 -23.74 18.93
CA GLY A 114 -24.16 -23.98 18.18
C GLY A 114 -24.03 -25.15 17.21
N THR A 115 -25.16 -25.81 16.96
CA THR A 115 -25.27 -26.81 15.89
C THR A 115 -26.51 -26.52 15.07
N THR A 116 -26.43 -26.76 13.76
CA THR A 116 -27.42 -26.28 12.81
C THR A 116 -28.44 -27.35 12.45
N VAL A 117 -29.72 -27.01 12.57
CA VAL A 117 -30.80 -27.91 12.19
C VAL A 117 -31.51 -27.29 10.98
N THR A 118 -31.61 -28.05 9.90
CA THR A 118 -32.20 -27.56 8.67
C THR A 118 -33.39 -28.45 8.35
N VAL A 119 -34.58 -27.86 8.31
CA VAL A 119 -35.80 -28.61 8.05
C VAL A 119 -36.11 -28.43 6.57
N SER A 120 -35.84 -29.48 5.79
CA SER A 120 -35.94 -29.38 4.34
C SER A 120 -36.13 -30.77 3.73
N SER A 121 -36.77 -30.80 2.56
CA SER A 121 -36.84 -31.99 1.73
C SER A 121 -35.63 -32.15 0.83
N ALA A 122 -34.82 -31.10 0.69
CA ALA A 122 -33.77 -31.08 -0.30
C ALA A 122 -32.61 -31.98 0.09
N SER A 123 -31.80 -32.29 -0.90
CA SER A 123 -30.65 -33.16 -0.76
C SER A 123 -29.41 -32.38 -0.34
N THR A 124 -28.51 -33.07 0.36
CA THR A 124 -27.23 -32.51 0.75
C THR A 124 -26.26 -32.53 -0.43
N LYS A 125 -25.67 -31.38 -0.73
CA LYS A 125 -24.69 -31.25 -1.81
C LYS A 125 -23.50 -30.44 -1.33
N GLY A 126 -22.31 -30.96 -1.60
CA GLY A 126 -21.07 -30.31 -1.22
C GLY A 126 -20.63 -29.29 -2.26
N PRO A 127 -19.82 -28.33 -1.82
CA PRO A 127 -19.46 -27.21 -2.69
C PRO A 127 -18.30 -27.51 -3.64
N SER A 128 -18.29 -26.76 -4.74
CA SER A 128 -17.11 -26.59 -5.58
C SER A 128 -16.35 -25.34 -5.15
N VAL A 129 -15.03 -25.42 -5.15
CA VAL A 129 -14.19 -24.30 -4.71
C VAL A 129 -13.32 -23.87 -5.88
N PHE A 130 -13.54 -22.63 -6.36
CA PHE A 130 -12.76 -22.01 -7.42
C PHE A 130 -11.94 -20.83 -6.91
N PRO A 131 -10.78 -20.58 -7.49
CA PRO A 131 -9.94 -19.47 -7.04
C PRO A 131 -10.33 -18.14 -7.66
N LEU A 132 -10.21 -17.09 -6.85
CA LEU A 132 -10.31 -15.71 -7.30
C LEU A 132 -8.88 -15.18 -7.36
N ALA A 133 -8.29 -15.21 -8.57
CA ALA A 133 -6.86 -15.00 -8.73
C ALA A 133 -6.50 -13.52 -8.74
N PRO A 134 -5.37 -13.16 -8.12
CA PRO A 134 -4.92 -11.76 -8.10
C PRO A 134 -4.53 -11.27 -9.48
N SER A 135 -4.45 -9.94 -9.60
CA SER A 135 -4.05 -9.27 -10.83
C SER A 135 -2.58 -8.86 -10.79
N GLY A 142 0.18 -1.47 -5.10
CA GLY A 142 0.44 -1.59 -3.68
C GLY A 142 -0.22 -2.78 -3.00
N THR A 143 -1.54 -2.87 -3.12
CA THR A 143 -2.33 -3.87 -2.42
C THR A 143 -3.08 -4.74 -3.42
N ALA A 144 -3.00 -6.05 -3.23
CA ALA A 144 -3.68 -7.00 -4.11
C ALA A 144 -4.77 -7.74 -3.35
N ALA A 145 -5.79 -8.17 -4.09
CA ALA A 145 -6.90 -8.93 -3.52
C ALA A 145 -7.00 -10.28 -4.20
N LEU A 146 -7.29 -11.31 -3.41
CA LEU A 146 -7.46 -12.66 -3.92
C LEU A 146 -8.48 -13.35 -3.03
N GLY A 147 -9.00 -14.48 -3.50
CA GLY A 147 -10.02 -15.14 -2.71
C GLY A 147 -10.40 -16.48 -3.26
N CYS A 148 -11.48 -17.03 -2.69
CA CYS A 148 -12.04 -18.33 -3.06
C CYS A 148 -13.52 -18.18 -3.28
N LEU A 149 -14.03 -18.86 -4.30
CA LEU A 149 -15.46 -18.89 -4.61
C LEU A 149 -15.98 -20.28 -4.25
N VAL A 150 -16.84 -20.35 -3.23
CA VAL A 150 -17.43 -21.59 -2.73
C VAL A 150 -18.85 -21.68 -3.27
N LYS A 151 -19.08 -22.50 -4.29
CA LYS A 151 -20.32 -22.44 -5.07
C LYS A 151 -21.10 -23.76 -5.04
N ASP A 152 -22.43 -23.64 -5.01
CA ASP A 152 -23.36 -24.74 -5.22
C ASP A 152 -23.30 -25.81 -4.12
N TYR A 153 -23.57 -25.37 -2.88
CA TYR A 153 -23.68 -26.30 -1.77
C TYR A 153 -25.03 -26.16 -1.08
N PHE A 154 -25.37 -27.19 -0.29
CA PHE A 154 -26.56 -27.24 0.53
C PHE A 154 -26.38 -28.29 1.61
N PRO A 155 -26.78 -28.01 2.86
CA PRO A 155 -27.29 -26.73 3.30
C PRO A 155 -26.22 -25.82 3.84
N GLU A 156 -26.63 -24.67 4.36
CA GLU A 156 -25.71 -23.83 5.09
C GLU A 156 -25.34 -24.54 6.38
N PRO A 157 -24.16 -24.26 6.94
CA PRO A 157 -23.13 -23.31 6.52
C PRO A 157 -21.86 -23.95 6.01
N VAL A 158 -21.00 -23.09 5.48
CA VAL A 158 -19.64 -23.41 5.09
C VAL A 158 -18.69 -22.57 5.94
N THR A 159 -17.55 -23.14 6.31
CA THR A 159 -16.48 -22.39 6.95
C THR A 159 -15.30 -22.24 6.02
N VAL A 160 -14.69 -21.05 6.03
CA VAL A 160 -13.52 -20.74 5.24
C VAL A 160 -12.46 -20.15 6.16
N SER A 161 -11.24 -20.66 6.07
CA SER A 161 -10.09 -20.03 6.71
C SER A 161 -9.00 -19.87 5.66
N TRP A 162 -7.93 -19.17 6.02
CA TRP A 162 -6.81 -18.93 5.11
C TRP A 162 -5.52 -19.37 5.76
N ASN A 163 -4.73 -20.15 5.01
CA ASN A 163 -3.47 -20.71 5.50
C ASN A 163 -3.69 -21.37 6.86
N SER A 164 -4.75 -22.17 6.93
CA SER A 164 -5.10 -22.95 8.12
C SER A 164 -5.25 -22.07 9.35
N GLY A 165 -5.74 -20.84 9.17
CA GLY A 165 -5.97 -19.93 10.27
C GLY A 165 -4.82 -19.01 10.62
N ALA A 166 -3.66 -19.18 9.98
CA ALA A 166 -2.55 -18.28 10.25
C ALA A 166 -2.84 -16.88 9.71
N LEU A 167 -3.55 -16.82 8.58
CA LEU A 167 -3.85 -15.55 7.91
C LEU A 167 -5.26 -15.11 8.30
N THR A 168 -5.35 -14.01 9.01
CA THR A 168 -6.62 -13.48 9.45
C THR A 168 -6.80 -12.02 9.10
N SER A 169 -5.73 -11.23 9.15
CA SER A 169 -5.85 -9.81 8.83
C SER A 169 -6.19 -9.63 7.37
N GLY A 170 -7.22 -8.82 7.12
CA GLY A 170 -7.67 -8.52 5.77
C GLY A 170 -8.66 -9.51 5.20
N VAL A 171 -9.07 -10.52 5.95
CA VAL A 171 -9.96 -11.53 5.42
C VAL A 171 -11.40 -11.06 5.55
N HIS A 172 -12.18 -11.24 4.49
CA HIS A 172 -13.62 -11.00 4.52
C HIS A 172 -14.30 -12.22 3.91
N THR A 173 -15.07 -12.94 4.72
CA THR A 173 -15.92 -14.01 4.20
C THR A 173 -17.35 -13.49 4.14
N PHE A 174 -17.93 -13.52 2.94
CA PHE A 174 -19.23 -12.93 2.75
C PHE A 174 -20.34 -13.89 3.20
N PRO A 175 -21.47 -13.36 3.64
CA PRO A 175 -22.62 -14.23 3.88
C PRO A 175 -23.02 -14.94 2.60
N ALA A 176 -23.54 -16.16 2.75
CA ALA A 176 -23.97 -16.91 1.59
C ALA A 176 -25.16 -16.24 0.91
N VAL A 177 -25.35 -16.60 -0.34
CA VAL A 177 -26.45 -16.12 -1.16
C VAL A 177 -27.20 -17.33 -1.71
N LEU A 178 -28.53 -17.33 -1.56
CA LEU A 178 -29.33 -18.42 -2.09
C LEU A 178 -29.55 -18.20 -3.58
N GLN A 179 -28.97 -19.07 -4.40
CA GLN A 179 -29.12 -18.94 -5.84
C GLN A 179 -30.47 -19.49 -6.27
N SER A 180 -30.89 -19.08 -7.47
CA SER A 180 -32.18 -19.54 -8.00
C SER A 180 -32.24 -21.06 -8.13
N SER A 181 -31.10 -21.73 -8.20
CA SER A 181 -31.07 -23.19 -8.28
C SER A 181 -31.50 -23.84 -6.98
N GLY A 182 -31.52 -23.09 -5.88
CA GLY A 182 -31.76 -23.65 -4.57
C GLY A 182 -30.48 -23.96 -3.80
N LEU A 183 -29.33 -23.72 -4.40
CA LEU A 183 -28.04 -23.95 -3.76
C LEU A 183 -27.45 -22.63 -3.30
N TYR A 184 -26.60 -22.71 -2.29
CA TYR A 184 -25.95 -21.55 -1.70
C TYR A 184 -24.59 -21.34 -2.36
N SER A 185 -24.12 -20.10 -2.33
CA SER A 185 -22.80 -19.77 -2.84
C SER A 185 -22.26 -18.57 -2.07
N LEU A 186 -20.96 -18.57 -1.80
CA LEU A 186 -20.32 -17.45 -1.13
C LEU A 186 -18.88 -17.32 -1.61
N SER A 187 -18.29 -16.15 -1.31
CA SER A 187 -16.89 -15.86 -1.57
C SER A 187 -16.20 -15.46 -0.28
N SER A 188 -14.92 -15.79 -0.20
CA SER A 188 -14.03 -15.32 0.85
C SER A 188 -12.83 -14.67 0.19
N VAL A 189 -12.53 -13.44 0.58
CA VAL A 189 -11.46 -12.67 -0.04
C VAL A 189 -10.49 -12.20 1.03
N VAL A 190 -9.29 -11.83 0.58
CA VAL A 190 -8.31 -11.22 1.46
C VAL A 190 -7.45 -10.26 0.64
N THR A 191 -7.07 -9.14 1.26
CA THR A 191 -6.15 -8.18 0.67
C THR A 191 -4.75 -8.40 1.25
N VAL A 192 -3.76 -8.42 0.37
CA VAL A 192 -2.37 -8.71 0.72
C VAL A 192 -1.44 -7.74 0.00
N PRO A 193 -0.20 -7.61 0.47
CA PRO A 193 0.78 -6.81 -0.26
C PRO A 193 1.08 -7.42 -1.62
N SER A 194 1.18 -6.56 -2.64
CA SER A 194 1.52 -7.04 -3.98
C SER A 194 2.89 -7.68 -4.01
N SER A 195 3.85 -7.14 -3.24
CA SER A 195 5.23 -7.63 -3.28
C SER A 195 5.32 -9.09 -2.83
N SER A 196 4.39 -9.53 -1.98
CA SER A 196 4.41 -10.89 -1.44
C SER A 196 3.74 -11.92 -2.34
N LEU A 197 3.24 -11.52 -3.52
CA LEU A 197 2.44 -12.42 -4.35
C LEU A 197 3.20 -13.65 -4.83
N GLY A 198 4.51 -13.56 -5.06
CA GLY A 198 5.23 -14.72 -5.53
C GLY A 198 5.98 -15.49 -4.47
N THR A 199 6.30 -14.82 -3.36
CA THR A 199 7.07 -15.43 -2.28
C THR A 199 6.18 -16.03 -1.21
N GLN A 200 4.93 -15.59 -1.11
CA GLN A 200 3.99 -16.11 -0.13
C GLN A 200 2.95 -17.01 -0.79
N THR A 201 2.63 -18.12 -0.12
CA THR A 201 1.58 -19.03 -0.57
C THR A 201 0.25 -18.68 0.10
N TYR A 202 -0.82 -18.73 -0.67
CA TYR A 202 -2.16 -18.43 -0.16
C TYR A 202 -3.08 -19.61 -0.43
N ILE A 203 -3.61 -20.21 0.62
CA ILE A 203 -4.49 -21.36 0.51
C ILE A 203 -5.73 -21.09 1.35
N CYS A 204 -6.90 -21.23 0.74
CA CYS A 204 -8.13 -21.15 1.51
C CYS A 204 -8.57 -22.58 1.86
N ASN A 205 -9.10 -22.73 3.06
CA ASN A 205 -9.50 -24.03 3.61
C ASN A 205 -11.01 -24.01 3.79
N VAL A 206 -11.71 -24.73 2.93
CA VAL A 206 -13.16 -24.77 2.93
C VAL A 206 -13.62 -26.09 3.57
N ASN A 207 -14.47 -26.00 4.57
CA ASN A 207 -15.05 -27.16 5.21
C ASN A 207 -16.57 -27.02 5.15
N HIS A 208 -17.22 -28.06 4.66
CA HIS A 208 -18.68 -28.15 4.64
C HIS A 208 -19.02 -29.45 5.35
N LYS A 209 -19.20 -29.36 6.66
CA LYS A 209 -19.41 -30.57 7.45
C LYS A 209 -20.59 -31.41 6.98
N PRO A 210 -21.75 -30.86 6.60
CA PRO A 210 -22.89 -31.73 6.25
C PRO A 210 -22.60 -32.77 5.17
N SER A 211 -21.68 -32.48 4.25
CA SER A 211 -21.36 -33.40 3.15
C SER A 211 -19.96 -33.98 3.27
N ASN A 212 -19.27 -33.74 4.39
CA ASN A 212 -17.89 -34.19 4.60
C ASN A 212 -16.99 -33.74 3.46
N THR A 213 -17.05 -32.45 3.14
CA THR A 213 -16.26 -31.88 2.08
C THR A 213 -15.21 -30.98 2.71
N LYS A 214 -13.95 -31.36 2.55
CA LYS A 214 -12.82 -30.53 2.94
C LYS A 214 -12.00 -30.27 1.69
N VAL A 215 -11.81 -28.99 1.36
CA VAL A 215 -11.06 -28.57 0.20
C VAL A 215 -10.02 -27.54 0.61
N ASP A 216 -8.80 -27.71 0.11
CA ASP A 216 -7.70 -26.77 0.30
C ASP A 216 -7.31 -26.28 -1.08
N LYS A 217 -7.60 -25.02 -1.39
CA LYS A 217 -7.38 -24.46 -2.71
C LYS A 217 -6.24 -23.44 -2.68
N ARG A 218 -5.24 -23.66 -3.54
CA ARG A 218 -4.17 -22.69 -3.73
C ARG A 218 -4.67 -21.61 -4.68
N VAL A 219 -4.44 -20.34 -4.33
CA VAL A 219 -4.84 -19.21 -5.15
C VAL A 219 -3.57 -18.52 -5.60
N GLU A 220 -3.17 -18.74 -6.87
CA GLU A 220 -1.95 -18.22 -7.48
C GLU A 220 -2.29 -17.23 -8.60
N PRO A 221 -1.39 -16.28 -8.89
CA PRO A 221 -1.61 -15.40 -10.05
C PRO A 221 -1.59 -16.18 -11.35
N LYS A 222 -2.43 -15.75 -12.31
CA LYS A 222 -2.51 -16.44 -13.60
C LYS A 222 -1.54 -15.85 -14.62
N GLU B 1 -47.72 -15.72 27.67
CA GLU B 1 -46.28 -15.58 27.77
C GLU B 1 -45.92 -14.11 27.87
N ILE B 2 -44.74 -13.83 28.41
CA ILE B 2 -44.25 -12.47 28.59
C ILE B 2 -43.65 -11.98 27.27
N VAL B 3 -44.06 -10.80 26.83
CA VAL B 3 -43.52 -10.22 25.61
C VAL B 3 -42.51 -9.14 25.98
N MET B 4 -41.31 -9.24 25.43
CA MET B 4 -40.24 -8.29 25.65
C MET B 4 -40.10 -7.40 24.42
N THR B 5 -40.30 -6.10 24.59
CA THR B 5 -40.24 -5.13 23.50
C THR B 5 -39.04 -4.20 23.67
N GLN B 6 -38.14 -4.22 22.69
CA GLN B 6 -36.93 -3.42 22.69
C GLN B 6 -37.09 -2.26 21.72
N SER B 7 -36.42 -1.15 22.03
CA SER B 7 -36.37 -0.01 21.12
C SER B 7 -35.05 0.71 21.35
N PRO B 8 -34.49 1.35 20.34
CA PRO B 8 -34.97 1.36 18.95
C PRO B 8 -34.60 0.05 18.29
N ALA B 9 -35.13 -0.23 17.10
CA ALA B 9 -34.72 -1.43 16.39
C ALA B 9 -33.27 -1.35 15.96
N THR B 10 -32.85 -0.20 15.44
CA THR B 10 -31.51 0.04 14.95
C THR B 10 -30.98 1.35 15.50
N LEU B 11 -29.67 1.49 15.44
CA LEU B 11 -29.04 2.63 16.08
C LEU B 11 -27.69 2.80 15.42
N SER B 12 -27.36 4.03 15.02
CA SER B 12 -26.08 4.33 14.40
C SER B 12 -25.41 5.40 15.24
N VAL B 13 -24.27 5.07 15.84
CA VAL B 13 -23.66 5.92 16.85
C VAL B 13 -22.16 6.01 16.60
N SER B 14 -21.60 7.22 16.74
CA SER B 14 -20.18 7.45 16.51
C SER B 14 -19.32 7.09 17.72
N PRO B 15 -18.07 6.71 17.49
CA PRO B 15 -17.20 6.33 18.60
C PRO B 15 -16.99 7.49 19.57
N GLY B 16 -16.94 7.14 20.85
CA GLY B 16 -16.81 8.10 21.92
C GLY B 16 -18.11 8.56 22.53
N GLU B 17 -19.22 8.43 21.82
CA GLU B 17 -20.52 8.87 22.31
C GLU B 17 -21.18 7.79 23.18
N ARG B 18 -22.43 8.04 23.59
CA ARG B 18 -23.21 7.06 24.34
C ARG B 18 -24.58 6.90 23.71
N ALA B 19 -25.12 5.69 23.84
CA ALA B 19 -26.42 5.31 23.34
C ALA B 19 -27.19 4.61 24.46
N THR B 20 -28.50 4.81 24.49
CA THR B 20 -29.35 4.20 25.49
C THR B 20 -30.37 3.29 24.80
N LEU B 21 -30.43 2.05 25.26
CA LEU B 21 -31.31 1.03 24.73
C LEU B 21 -32.43 0.81 25.73
N SER B 22 -33.66 0.61 25.25
CA SER B 22 -34.83 0.47 26.10
C SER B 22 -35.45 -0.91 25.94
N CYS B 23 -35.93 -1.47 27.06
CA CYS B 23 -36.57 -2.78 27.10
C CYS B 23 -37.82 -2.67 27.96
N ARG B 24 -38.95 -3.16 27.44
CA ARG B 24 -40.22 -3.15 28.16
C ARG B 24 -40.78 -4.56 28.25
N ALA B 25 -41.26 -4.92 29.44
CA ALA B 25 -41.91 -6.20 29.68
C ALA B 25 -43.42 -6.01 29.73
N SER B 26 -44.15 -6.99 29.18
CA SER B 26 -45.61 -6.88 29.14
C SER B 26 -46.24 -6.97 30.54
N ARG B 27 -45.54 -7.53 31.51
CA ARG B 27 -45.95 -7.52 32.91
C ARG B 27 -44.67 -7.54 33.73
N SER B 28 -44.81 -7.35 35.04
CA SER B 28 -43.65 -7.21 35.90
C SER B 28 -42.74 -8.45 35.85
N ILE B 29 -41.45 -8.20 35.67
CA ILE B 29 -40.42 -9.22 35.82
C ILE B 29 -39.52 -8.93 37.02
N ARG B 30 -39.97 -8.05 37.91
CA ARG B 30 -39.23 -7.63 39.09
C ARG B 30 -37.85 -7.11 38.70
N SER B 31 -36.78 -7.80 39.11
CA SER B 31 -35.43 -7.39 38.72
C SER B 31 -34.71 -8.44 37.87
N ALA B 32 -35.40 -9.51 37.47
CA ALA B 32 -34.74 -10.59 36.73
C ALA B 32 -34.68 -10.22 35.25
N LEU B 33 -33.89 -9.20 34.96
CA LEU B 33 -33.67 -8.76 33.58
C LEU B 33 -32.17 -8.75 33.28
N ALA B 34 -31.79 -9.35 32.15
CA ALA B 34 -30.41 -9.46 31.71
C ALA B 34 -30.21 -8.79 30.35
N TRP B 35 -28.97 -8.36 30.07
CA TRP B 35 -28.61 -7.81 28.77
C TRP B 35 -27.50 -8.63 28.14
N TYR B 36 -27.60 -8.84 26.83
CA TYR B 36 -26.62 -9.62 26.09
C TYR B 36 -26.08 -8.83 24.91
N GLN B 37 -24.79 -9.00 24.64
CA GLN B 37 -24.16 -8.57 23.41
C GLN B 37 -23.92 -9.79 22.52
N HIS B 38 -24.33 -9.69 21.25
CA HIS B 38 -24.17 -10.80 20.32
C HIS B 38 -23.48 -10.30 19.05
N LYS B 39 -22.17 -10.54 18.97
CA LYS B 39 -21.48 -10.20 17.74
C LYS B 39 -21.66 -11.32 16.72
N PRO B 40 -21.89 -10.98 15.45
CA PRO B 40 -22.09 -12.03 14.45
C PRO B 40 -20.85 -12.91 14.34
N GLY B 41 -21.08 -14.23 14.30
CA GLY B 41 -20.03 -15.23 14.29
C GLY B 41 -19.58 -15.73 15.65
N GLN B 42 -20.13 -15.20 16.74
CA GLN B 42 -19.73 -15.57 18.10
C GLN B 42 -20.96 -15.91 18.91
N ALA B 43 -20.73 -16.54 20.06
CA ALA B 43 -21.81 -16.83 20.97
C ALA B 43 -22.25 -15.57 21.71
N PRO B 44 -23.50 -15.53 22.18
CA PRO B 44 -23.92 -14.38 23.00
C PRO B 44 -23.07 -14.25 24.26
N ARG B 45 -22.92 -13.00 24.70
CA ARG B 45 -22.06 -12.65 25.82
C ARG B 45 -22.90 -11.89 26.83
N LEU B 46 -22.95 -12.40 28.05
CA LEU B 46 -23.77 -11.76 29.08
C LEU B 46 -23.11 -10.45 29.52
N LEU B 47 -23.89 -9.36 29.53
CA LEU B 47 -23.38 -8.08 30.00
C LEU B 47 -23.87 -7.72 31.39
N ILE B 48 -25.16 -7.89 31.64
CA ILE B 48 -25.81 -7.44 32.86
C ILE B 48 -26.77 -8.54 33.29
N PHE B 49 -26.85 -8.78 34.60
CA PHE B 49 -27.94 -9.54 35.19
C PHE B 49 -28.48 -8.73 36.36
N GLY B 50 -29.63 -9.13 36.89
CA GLY B 50 -30.26 -8.38 37.97
C GLY B 50 -30.58 -6.95 37.61
N ALA B 51 -30.83 -6.68 36.34
CA ALA B 51 -31.19 -5.36 35.83
C ALA B 51 -30.01 -4.39 35.86
N SER B 52 -29.19 -4.41 36.92
CA SER B 52 -28.15 -3.39 37.05
C SER B 52 -26.76 -3.91 37.44
N THR B 53 -26.54 -5.23 37.48
CA THR B 53 -25.27 -5.78 37.95
C THR B 53 -24.43 -6.24 36.75
N ARG B 54 -23.24 -5.68 36.60
CA ARG B 54 -22.34 -6.09 35.53
C ARG B 54 -21.78 -7.49 35.78
N ALA B 55 -21.75 -8.30 34.73
CA ALA B 55 -21.13 -9.61 34.75
C ALA B 55 -19.60 -9.49 34.82
N THR B 56 -18.95 -10.64 35.00
CA THR B 56 -17.52 -10.66 35.20
C THR B 56 -16.78 -10.09 34.00
N GLY B 57 -15.89 -9.15 34.26
CA GLY B 57 -15.07 -8.59 33.21
C GLY B 57 -15.78 -7.58 32.33
N ILE B 58 -17.01 -7.19 32.66
CA ILE B 58 -17.70 -6.19 31.85
C ILE B 58 -17.33 -4.81 32.38
N PRO B 59 -16.84 -3.93 31.54
CA PRO B 59 -16.39 -2.60 31.99
C PRO B 59 -17.56 -1.67 32.36
N ALA B 60 -17.22 -0.63 33.13
CA ALA B 60 -18.21 0.28 33.69
C ALA B 60 -18.94 1.11 32.64
N ARG B 61 -18.46 1.16 31.40
CA ARG B 61 -19.22 1.87 30.36
C ARG B 61 -20.49 1.14 29.94
N PHE B 62 -20.77 -0.07 30.45
CA PHE B 62 -22.07 -0.72 30.31
C PHE B 62 -22.84 -0.51 31.60
N SER B 63 -23.94 0.24 31.54
CA SER B 63 -24.73 0.61 32.72
C SER B 63 -26.20 0.24 32.50
N GLY B 64 -26.71 -0.65 33.34
CA GLY B 64 -28.08 -1.09 33.23
C GLY B 64 -28.89 -0.68 34.45
N SER B 65 -30.17 -0.39 34.23
CA SER B 65 -31.07 -0.08 35.33
C SER B 65 -32.51 -0.39 34.91
N GLY B 66 -33.40 -0.39 35.90
CA GLY B 66 -34.80 -0.66 35.68
C GLY B 66 -35.36 -1.62 36.71
N SER B 67 -36.70 -1.68 36.73
CA SER B 67 -37.41 -2.52 37.68
C SER B 67 -38.85 -2.66 37.21
N GLY B 68 -39.43 -3.84 37.43
CA GLY B 68 -40.82 -4.06 37.07
C GLY B 68 -41.01 -4.37 35.61
N THR B 69 -41.35 -3.35 34.81
CA THR B 69 -41.57 -3.53 33.39
C THR B 69 -40.64 -2.71 32.50
N ASP B 70 -39.96 -1.68 33.03
CA ASP B 70 -39.20 -0.72 32.23
C ASP B 70 -37.72 -0.77 32.58
N PHE B 71 -36.87 -0.96 31.57
CA PHE B 71 -35.43 -1.12 31.76
C PHE B 71 -34.66 -0.35 30.69
N THR B 72 -33.42 0.03 31.04
CA THR B 72 -32.49 0.64 30.08
C THR B 72 -31.09 0.04 30.24
N LEU B 73 -30.35 0.07 29.14
CA LEU B 73 -28.91 -0.16 29.09
C LEU B 73 -28.25 1.04 28.42
N THR B 74 -27.28 1.66 29.08
CA THR B 74 -26.56 2.77 28.48
C THR B 74 -25.11 2.34 28.24
N VAL B 75 -24.67 2.45 26.98
CA VAL B 75 -23.32 2.09 26.57
C VAL B 75 -22.60 3.38 26.21
N SER B 76 -21.59 3.72 27.02
CA SER B 76 -20.83 4.95 26.83
C SER B 76 -19.45 4.64 26.28
N SER B 77 -18.76 5.70 25.84
CA SER B 77 -17.44 5.63 25.22
C SER B 77 -17.40 4.51 24.17
N ILE B 78 -18.32 4.61 23.23
CA ILE B 78 -18.52 3.53 22.27
C ILE B 78 -17.28 3.35 21.39
N ARG B 79 -16.96 2.09 21.13
CA ARG B 79 -15.81 1.63 20.36
C ARG B 79 -16.29 0.85 19.15
N SER B 80 -15.41 0.73 18.15
CA SER B 80 -15.76 -0.06 16.97
C SER B 80 -16.11 -1.50 17.33
N GLU B 81 -15.49 -2.06 18.38
CA GLU B 81 -15.77 -3.43 18.80
C GLU B 81 -17.17 -3.62 19.37
N ASP B 82 -17.91 -2.53 19.61
CA ASP B 82 -19.27 -2.63 20.13
C ASP B 82 -20.31 -2.91 19.06
N SER B 83 -19.94 -2.91 17.78
CA SER B 83 -20.86 -3.25 16.70
C SER B 83 -21.43 -4.65 16.91
N ALA B 84 -22.72 -4.73 17.21
CA ALA B 84 -23.34 -5.98 17.60
C ALA B 84 -24.83 -5.77 17.73
N VAL B 85 -25.54 -6.85 17.97
CA VAL B 85 -26.94 -6.84 18.33
C VAL B 85 -27.02 -7.00 19.83
N TYR B 86 -27.85 -6.19 20.48
CA TYR B 86 -28.01 -6.22 21.92
C TYR B 86 -29.42 -6.68 22.27
N TYR B 87 -29.50 -7.67 23.14
CA TYR B 87 -30.77 -8.25 23.55
C TYR B 87 -30.98 -8.08 25.04
N CYS B 88 -32.22 -7.82 25.42
CA CYS B 88 -32.60 -8.06 26.80
C CYS B 88 -33.21 -9.45 26.93
N GLN B 89 -33.21 -9.96 28.16
CA GLN B 89 -33.78 -11.27 28.45
C GLN B 89 -34.38 -11.23 29.85
N GLN B 90 -35.66 -11.51 29.95
CA GLN B 90 -36.25 -11.68 31.27
C GLN B 90 -35.96 -13.10 31.75
N TYR B 91 -35.66 -13.24 33.04
CA TYR B 91 -35.51 -14.55 33.62
C TYR B 91 -36.26 -14.62 34.94
N ASP B 92 -37.36 -13.87 35.04
CA ASP B 92 -38.22 -13.99 36.22
C ASP B 92 -39.11 -15.22 36.11
N PHE B 93 -39.62 -15.51 34.93
CA PHE B 93 -40.52 -16.64 34.75
C PHE B 93 -40.10 -17.36 33.47
N TRP B 94 -39.22 -18.34 33.62
CA TRP B 94 -38.51 -18.99 32.50
C TRP B 94 -37.74 -17.87 31.80
N TYR B 95 -37.63 -17.89 30.47
CA TYR B 95 -36.75 -16.95 29.79
C TYR B 95 -37.39 -16.40 28.52
N THR B 96 -37.25 -15.10 28.27
CA THR B 96 -37.68 -14.53 27.01
C THR B 96 -36.74 -13.42 26.60
N PHE B 97 -36.17 -13.54 25.41
CA PHE B 97 -35.38 -12.46 24.86
C PHE B 97 -36.28 -11.44 24.17
N GLY B 98 -35.82 -10.18 24.15
CA GLY B 98 -36.40 -9.18 23.27
C GLY B 98 -35.96 -9.40 21.83
N GLN B 99 -36.52 -8.59 20.94
CA GLN B 99 -36.24 -8.74 19.53
C GLN B 99 -34.89 -8.18 19.12
N GLY B 100 -34.21 -7.46 20.01
CA GLY B 100 -32.84 -7.01 19.79
C GLY B 100 -32.74 -5.61 19.22
N THR B 101 -31.63 -4.94 19.53
CA THR B 101 -31.27 -3.66 18.94
C THR B 101 -29.94 -3.82 18.22
N LYS B 102 -29.91 -3.52 16.93
CA LYS B 102 -28.70 -3.64 16.13
C LYS B 102 -27.95 -2.31 16.14
N LEU B 103 -26.74 -2.32 16.71
CA LEU B 103 -25.95 -1.11 16.88
C LEU B 103 -24.84 -1.07 15.83
N GLU B 104 -24.87 -0.03 15.01
CA GLU B 104 -23.86 0.20 13.99
C GLU B 104 -22.97 1.33 14.47
N ILE B 105 -21.67 1.24 14.16
CA ILE B 105 -20.74 2.28 14.59
C ILE B 105 -20.60 3.25 13.43
N LYS B 106 -20.97 4.50 13.68
CA LYS B 106 -20.89 5.53 12.65
C LYS B 106 -19.46 6.03 12.59
N ARG B 107 -18.77 5.72 11.51
CA ARG B 107 -17.42 6.21 11.29
C ARG B 107 -17.46 7.18 10.13
N THR B 108 -16.28 7.73 9.81
CA THR B 108 -16.20 8.64 8.68
C THR B 108 -16.38 7.93 7.35
N VAL B 109 -16.70 8.72 6.33
CA VAL B 109 -16.90 8.16 5.00
C VAL B 109 -15.58 7.59 4.50
N ALA B 110 -15.66 6.39 3.91
CA ALA B 110 -14.53 5.69 3.32
C ALA B 110 -14.95 5.11 1.98
N ALA B 111 -14.15 5.37 0.95
CA ALA B 111 -14.48 4.92 -0.40
C ALA B 111 -14.12 3.45 -0.62
N PRO B 112 -14.88 2.76 -1.47
CA PRO B 112 -14.55 1.37 -1.80
C PRO B 112 -13.29 1.29 -2.63
N SER B 113 -12.43 0.33 -2.29
CA SER B 113 -11.38 -0.17 -3.18
C SER B 113 -11.99 -1.27 -4.01
N VAL B 114 -11.91 -1.15 -5.33
CA VAL B 114 -12.65 -2.03 -6.23
C VAL B 114 -11.70 -3.00 -6.94
N PHE B 115 -12.09 -4.28 -6.99
CA PHE B 115 -11.33 -5.32 -7.68
C PHE B 115 -12.31 -6.18 -8.47
N ILE B 116 -11.89 -6.64 -9.65
CA ILE B 116 -12.70 -7.54 -10.47
C ILE B 116 -11.92 -8.82 -10.73
N PHE B 117 -12.63 -9.95 -10.70
CA PHE B 117 -12.02 -11.27 -10.88
C PHE B 117 -12.73 -11.99 -12.01
N PRO B 118 -12.03 -12.43 -13.05
CA PRO B 118 -12.69 -13.20 -14.12
C PRO B 118 -12.93 -14.63 -13.68
N PRO B 119 -13.76 -15.39 -14.41
CA PRO B 119 -13.97 -16.79 -14.03
C PRO B 119 -12.68 -17.56 -14.16
N SER B 120 -12.45 -18.48 -13.23
CA SER B 120 -11.32 -19.38 -13.35
C SER B 120 -11.57 -20.36 -14.50
N ASP B 121 -10.47 -20.84 -15.10
CA ASP B 121 -10.62 -21.87 -16.12
C ASP B 121 -11.26 -23.13 -15.57
N GLU B 122 -10.98 -23.46 -14.30
CA GLU B 122 -11.58 -24.63 -13.67
C GLU B 122 -13.10 -24.53 -13.68
N GLN B 123 -13.65 -23.35 -13.36
CA GLN B 123 -15.09 -23.22 -13.30
C GLN B 123 -15.70 -23.28 -14.69
N LEU B 124 -14.98 -22.77 -15.68
CA LEU B 124 -15.48 -22.79 -17.05
C LEU B 124 -15.67 -24.23 -17.53
N LYS B 125 -14.90 -25.18 -17.01
CA LYS B 125 -15.10 -26.58 -17.35
C LYS B 125 -16.50 -27.06 -16.97
N SER B 126 -17.10 -26.49 -15.94
CA SER B 126 -18.43 -26.92 -15.54
C SER B 126 -19.55 -26.31 -16.38
N GLY B 127 -19.26 -25.31 -17.20
CA GLY B 127 -20.27 -24.73 -18.06
C GLY B 127 -20.87 -23.45 -17.53
N THR B 128 -20.33 -22.91 -16.44
CA THR B 128 -20.81 -21.68 -15.84
C THR B 128 -19.62 -20.75 -15.61
N ALA B 129 -19.85 -19.46 -15.78
CA ALA B 129 -18.84 -18.45 -15.53
C ALA B 129 -19.35 -17.52 -14.44
N SER B 130 -18.56 -17.33 -13.39
CA SER B 130 -18.88 -16.40 -12.32
C SER B 130 -17.83 -15.29 -12.34
N VAL B 131 -18.28 -14.07 -12.65
CA VAL B 131 -17.45 -12.88 -12.59
C VAL B 131 -17.77 -12.18 -11.27
N VAL B 132 -16.74 -11.93 -10.47
CA VAL B 132 -16.95 -11.40 -9.13
C VAL B 132 -16.36 -10.00 -9.07
N CYS B 133 -17.13 -9.07 -8.52
CA CYS B 133 -16.66 -7.72 -8.29
C CYS B 133 -16.62 -7.47 -6.79
N LEU B 134 -15.47 -7.02 -6.31
CA LEU B 134 -15.24 -6.79 -4.89
C LEU B 134 -15.18 -5.29 -4.61
N LEU B 135 -15.96 -4.83 -3.63
CA LEU B 135 -15.88 -3.47 -3.09
C LEU B 135 -15.40 -3.61 -1.65
N ASN B 136 -14.20 -3.09 -1.36
CA ASN B 136 -13.53 -3.36 -0.08
C ASN B 136 -13.42 -2.13 0.81
N ASN B 137 -13.77 -2.31 2.09
CA ASN B 137 -13.54 -1.37 3.18
C ASN B 137 -14.10 0.03 2.90
N PHE B 138 -15.43 0.09 2.82
CA PHE B 138 -16.11 1.35 2.60
C PHE B 138 -17.12 1.62 3.71
N TYR B 139 -17.52 2.91 3.82
CA TYR B 139 -18.57 3.37 4.72
C TYR B 139 -19.14 4.68 4.16
N PRO B 140 -20.46 4.84 4.12
CA PRO B 140 -21.46 3.91 4.65
C PRO B 140 -21.76 2.73 3.75
N ARG B 141 -22.75 1.94 4.19
CA ARG B 141 -23.07 0.65 3.60
C ARG B 141 -23.68 0.77 2.21
N GLU B 142 -24.39 1.87 1.92
CA GLU B 142 -25.10 2.00 0.65
C GLU B 142 -24.12 2.16 -0.50
N ALA B 143 -24.24 1.29 -1.50
CA ALA B 143 -23.39 1.35 -2.68
C ALA B 143 -24.15 0.75 -3.86
N LYS B 144 -23.89 1.27 -5.05
CA LYS B 144 -24.50 0.81 -6.29
C LYS B 144 -23.46 0.15 -7.18
N VAL B 145 -23.78 -1.01 -7.76
CA VAL B 145 -22.90 -1.74 -8.68
C VAL B 145 -23.66 -2.02 -9.97
N GLN B 146 -23.08 -1.60 -11.10
CA GLN B 146 -23.63 -1.87 -12.43
C GLN B 146 -22.68 -2.76 -13.21
N TRP B 147 -23.21 -3.82 -13.82
CA TRP B 147 -22.44 -4.70 -14.69
C TRP B 147 -22.66 -4.32 -16.14
N LYS B 148 -21.57 -4.15 -16.88
CA LYS B 148 -21.64 -3.84 -18.32
C LYS B 148 -20.82 -4.88 -19.06
N VAL B 149 -21.45 -5.61 -19.97
CA VAL B 149 -20.79 -6.64 -20.78
C VAL B 149 -20.77 -6.15 -22.22
N ASP B 150 -19.57 -5.86 -22.74
CA ASP B 150 -19.41 -5.28 -24.07
C ASP B 150 -20.24 -4.02 -24.22
N ASN B 151 -20.20 -3.18 -23.19
CA ASN B 151 -20.92 -1.91 -23.08
C ASN B 151 -22.42 -2.09 -22.96
N ALA B 152 -22.90 -3.31 -22.76
CA ALA B 152 -24.33 -3.56 -22.58
C ALA B 152 -24.61 -3.71 -21.09
N LEU B 153 -25.49 -2.86 -20.57
CA LEU B 153 -25.83 -2.89 -19.16
C LEU B 153 -26.57 -4.18 -18.82
N GLN B 154 -26.07 -4.90 -17.82
CA GLN B 154 -26.65 -6.17 -17.39
C GLN B 154 -27.73 -5.92 -16.35
N SER B 155 -28.71 -6.81 -16.33
CA SER B 155 -29.81 -6.70 -15.38
C SER B 155 -30.39 -8.08 -15.15
N GLY B 156 -30.51 -8.44 -13.88
CA GLY B 156 -31.15 -9.67 -13.46
C GLY B 156 -30.24 -10.88 -13.31
N ASN B 157 -28.95 -10.78 -13.63
CA ASN B 157 -28.05 -11.92 -13.58
C ASN B 157 -26.90 -11.71 -12.59
N SER B 158 -27.14 -10.90 -11.55
CA SER B 158 -26.12 -10.68 -10.53
C SER B 158 -26.77 -10.76 -9.15
N GLN B 159 -25.95 -11.03 -8.16
CA GLN B 159 -26.35 -11.09 -6.76
C GLN B 159 -25.28 -10.44 -5.92
N GLU B 160 -25.71 -9.71 -4.90
CA GLU B 160 -24.80 -9.00 -4.02
C GLU B 160 -24.77 -9.66 -2.66
N SER B 161 -23.73 -9.33 -1.90
CA SER B 161 -23.61 -9.80 -0.53
C SER B 161 -22.74 -8.82 0.23
N VAL B 162 -23.19 -8.43 1.42
CA VAL B 162 -22.47 -7.45 2.23
C VAL B 162 -22.06 -8.15 3.53
N THR B 163 -20.83 -7.89 3.95
CA THR B 163 -20.34 -8.40 5.23
C THR B 163 -20.96 -7.64 6.39
N GLU B 164 -20.88 -8.24 7.57
CA GLU B 164 -21.20 -7.51 8.78
C GLU B 164 -20.12 -6.46 9.03
N GLN B 165 -20.49 -5.42 9.77
CA GLN B 165 -19.55 -4.33 10.02
C GLN B 165 -18.28 -4.85 10.67
N ASP B 166 -17.14 -4.42 10.14
CA ASP B 166 -15.85 -4.83 10.69
C ASP B 166 -15.68 -4.29 12.11
N SER B 167 -15.20 -5.17 13.00
CA SER B 167 -15.12 -4.79 14.41
C SER B 167 -13.94 -3.89 14.73
N LYS B 168 -12.94 -3.83 13.86
CA LYS B 168 -11.76 -3.00 14.09
C LYS B 168 -11.80 -1.65 13.39
N ASP B 169 -12.25 -1.59 12.13
CA ASP B 169 -12.28 -0.32 11.40
C ASP B 169 -13.68 0.12 10.98
N SER B 170 -14.73 -0.62 11.33
CA SER B 170 -16.12 -0.20 11.16
C SER B 170 -16.54 -0.04 9.70
N THR B 171 -15.85 -0.66 8.75
CA THR B 171 -16.24 -0.60 7.35
C THR B 171 -17.04 -1.82 6.95
N TYR B 172 -17.56 -1.76 5.73
CA TYR B 172 -18.26 -2.87 5.11
C TYR B 172 -17.50 -3.27 3.84
N SER B 173 -17.77 -4.48 3.39
CA SER B 173 -17.32 -4.92 2.08
C SER B 173 -18.49 -5.61 1.39
N LEU B 174 -18.49 -5.50 0.07
CA LEU B 174 -19.58 -5.98 -0.76
C LEU B 174 -19.02 -6.74 -1.94
N SER B 175 -19.67 -7.85 -2.28
CA SER B 175 -19.34 -8.60 -3.48
C SER B 175 -20.58 -8.68 -4.36
N SER B 176 -20.37 -8.49 -5.66
CA SER B 176 -21.39 -8.68 -6.67
C SER B 176 -20.90 -9.77 -7.60
N THR B 177 -21.72 -10.79 -7.82
CA THR B 177 -21.33 -11.92 -8.64
C THR B 177 -22.22 -11.93 -9.88
N LEU B 178 -21.59 -11.77 -11.04
CA LEU B 178 -22.27 -11.91 -12.32
C LEU B 178 -22.13 -13.35 -12.79
N THR B 179 -23.26 -14.00 -13.05
CA THR B 179 -23.24 -15.41 -13.41
C THR B 179 -23.79 -15.58 -14.82
N LEU B 180 -22.98 -16.18 -15.69
CA LEU B 180 -23.32 -16.39 -17.08
C LEU B 180 -22.99 -17.83 -17.46
N SER B 181 -23.63 -18.30 -18.51
CA SER B 181 -23.23 -19.60 -19.04
C SER B 181 -21.87 -19.48 -19.70
N LYS B 182 -21.18 -20.61 -19.82
CA LYS B 182 -19.91 -20.59 -20.53
C LYS B 182 -20.09 -20.09 -21.95
N ALA B 183 -21.17 -20.48 -22.61
CA ALA B 183 -21.42 -20.04 -23.98
C ALA B 183 -21.65 -18.53 -24.04
N ASP B 184 -22.53 -18.00 -23.18
CA ASP B 184 -22.75 -16.56 -23.15
C ASP B 184 -21.47 -15.83 -22.78
N TYR B 185 -20.70 -16.38 -21.83
CA TYR B 185 -19.46 -15.73 -21.44
C TYR B 185 -18.48 -15.65 -22.61
N GLU B 186 -18.44 -16.69 -23.44
CA GLU B 186 -17.44 -16.71 -24.50
C GLU B 186 -17.87 -15.94 -25.74
N LYS B 187 -19.02 -15.29 -25.74
CA LYS B 187 -19.45 -14.51 -26.89
C LYS B 187 -19.05 -13.04 -26.81
N HIS B 188 -18.47 -12.60 -25.70
CA HIS B 188 -18.19 -11.19 -25.45
C HIS B 188 -16.79 -11.01 -24.90
N LYS B 189 -16.27 -9.80 -25.06
CA LYS B 189 -14.87 -9.49 -24.72
C LYS B 189 -14.72 -8.71 -23.43
N VAL B 190 -15.39 -7.56 -23.32
CA VAL B 190 -15.18 -6.64 -22.20
C VAL B 190 -16.22 -6.90 -21.13
N TYR B 191 -15.75 -7.17 -19.91
CA TYR B 191 -16.58 -7.35 -18.74
C TYR B 191 -16.21 -6.26 -17.74
N ALA B 192 -17.17 -5.39 -17.41
CA ALA B 192 -16.91 -4.22 -16.57
C ALA B 192 -17.81 -4.19 -15.33
N CYS B 193 -17.26 -3.64 -14.27
CA CYS B 193 -17.92 -3.45 -12.99
C CYS B 193 -17.87 -1.95 -12.66
N GLU B 194 -19.01 -1.27 -12.65
CA GLU B 194 -19.07 0.16 -12.34
C GLU B 194 -19.66 0.39 -10.96
N VAL B 195 -18.95 1.16 -10.13
CA VAL B 195 -19.28 1.30 -8.71
C VAL B 195 -19.58 2.75 -8.40
N THR B 196 -20.72 2.99 -7.77
CA THR B 196 -21.12 4.31 -7.29
C THR B 196 -21.16 4.30 -5.78
N HIS B 197 -20.52 5.30 -5.16
CA HIS B 197 -20.51 5.43 -3.71
C HIS B 197 -20.22 6.88 -3.35
N GLN B 198 -20.75 7.27 -2.20
CA GLN B 198 -20.66 8.65 -1.71
C GLN B 198 -19.22 9.14 -1.56
N GLY B 199 -18.29 8.25 -1.24
CA GLY B 199 -16.89 8.57 -1.08
C GLY B 199 -16.07 8.69 -2.34
N LEU B 200 -16.68 8.48 -3.51
CA LEU B 200 -16.02 8.57 -4.81
C LEU B 200 -16.53 9.79 -5.57
N SER B 201 -15.60 10.52 -6.20
CA SER B 201 -15.96 11.73 -6.93
C SER B 201 -16.86 11.44 -8.11
N SER B 202 -16.52 10.42 -8.88
CA SER B 202 -17.34 9.93 -9.98
C SER B 202 -17.34 8.42 -9.88
N PRO B 203 -18.26 7.74 -10.56
CA PRO B 203 -18.29 6.27 -10.51
C PRO B 203 -17.00 5.68 -11.03
N VAL B 204 -16.57 4.58 -10.41
CA VAL B 204 -15.33 3.88 -10.72
C VAL B 204 -15.64 2.59 -11.47
N THR B 205 -14.88 2.33 -12.54
CA THR B 205 -15.07 1.13 -13.35
C THR B 205 -13.80 0.29 -13.36
N LYS B 206 -13.94 -1.00 -13.05
CA LYS B 206 -12.89 -1.99 -13.24
C LYS B 206 -13.34 -3.00 -14.27
N SER B 207 -12.45 -3.30 -15.23
CA SER B 207 -12.83 -4.19 -16.32
C SER B 207 -11.69 -5.13 -16.66
N PHE B 208 -12.01 -6.12 -17.48
CA PHE B 208 -11.01 -6.99 -18.07
C PHE B 208 -11.50 -7.43 -19.44
N ASN B 209 -10.57 -7.90 -20.26
CA ASN B 209 -10.86 -8.50 -21.55
C ASN B 209 -10.69 -10.00 -21.44
N ARG B 210 -11.72 -10.73 -21.85
CA ARG B 210 -11.70 -12.19 -21.80
C ARG B 210 -10.52 -12.76 -22.59
N GLY B 211 -9.56 -13.35 -21.89
CA GLY B 211 -8.40 -13.95 -22.52
C GLY B 211 -7.08 -13.26 -22.26
N GLU B 212 -7.09 -12.03 -21.74
CA GLU B 212 -5.85 -11.26 -21.59
C GLU B 212 -5.14 -11.55 -20.28
N GLN C 1 27.55 9.13 -16.24
CA GLN C 1 26.15 9.56 -16.11
C GLN C 1 25.71 9.65 -14.65
N VAL C 2 26.14 10.73 -14.00
CA VAL C 2 25.55 11.14 -12.74
C VAL C 2 24.07 11.32 -12.91
N GLN C 3 23.29 10.83 -11.94
CA GLN C 3 21.85 10.76 -12.10
C GLN C 3 21.11 11.02 -10.79
N LEU C 4 19.97 11.69 -10.89
CA LEU C 4 19.01 11.89 -9.81
C LEU C 4 17.67 11.34 -10.27
N LEU C 5 17.04 10.52 -9.43
CA LEU C 5 15.79 9.85 -9.78
C LEU C 5 14.72 10.08 -8.72
N GLU C 6 13.71 10.88 -9.05
CA GLU C 6 12.57 11.15 -8.19
C GLU C 6 11.52 10.07 -8.35
N SER C 7 10.82 9.76 -7.26
CA SER C 7 9.70 8.85 -7.30
C SER C 7 8.76 9.17 -6.16
N GLY C 8 7.57 8.58 -6.19
CA GLY C 8 6.59 8.77 -5.14
C GLY C 8 5.42 9.65 -5.50
N GLY C 9 5.42 10.30 -6.66
CA GLY C 9 4.30 11.14 -7.04
C GLY C 9 3.04 10.34 -7.30
N GLY C 10 1.93 11.07 -7.37
CA GLY C 10 0.64 10.46 -7.59
C GLY C 10 -0.47 11.43 -7.24
N VAL C 11 -1.66 10.87 -7.02
CA VAL C 11 -2.86 11.64 -6.68
C VAL C 11 -3.07 11.58 -5.17
N VAL C 12 -3.36 12.73 -4.56
CA VAL C 12 -3.58 12.81 -3.12
C VAL C 12 -4.78 13.73 -2.89
N ARG C 13 -5.66 13.34 -1.96
CA ARG C 13 -6.78 14.19 -1.62
C ARG C 13 -6.28 15.45 -0.89
N PRO C 14 -6.95 16.59 -1.08
CA PRO C 14 -6.60 17.79 -0.32
C PRO C 14 -6.60 17.53 1.19
N GLY C 15 -5.61 18.10 1.87
CA GLY C 15 -5.42 17.84 3.28
C GLY C 15 -4.65 16.57 3.58
N GLY C 16 -4.37 15.76 2.56
CA GLY C 16 -3.69 14.48 2.74
C GLY C 16 -2.18 14.60 2.74
N SER C 17 -1.55 13.43 2.62
CA SER C 17 -0.10 13.32 2.79
C SER C 17 0.48 12.45 1.69
N LEU C 18 1.74 12.70 1.39
CA LEU C 18 2.49 12.03 0.34
C LEU C 18 3.98 12.22 0.62
N ARG C 19 4.78 11.19 0.35
CA ARG C 19 6.20 11.22 0.62
C ARG C 19 6.97 11.02 -0.69
N LEU C 20 7.75 12.02 -1.06
CA LEU C 20 8.57 11.95 -2.27
C LEU C 20 9.96 11.43 -1.94
N SER C 21 10.57 10.77 -2.92
CA SER C 21 11.94 10.28 -2.77
C SER C 21 12.76 10.68 -3.98
N CYS C 22 14.07 10.81 -3.76
CA CYS C 22 15.02 11.10 -4.82
C CYS C 22 16.24 10.25 -4.56
N ALA C 23 16.58 9.38 -5.51
CA ALA C 23 17.72 8.47 -5.40
C ALA C 23 18.87 9.02 -6.25
N ALA C 24 20.02 9.22 -5.63
CA ALA C 24 21.20 9.73 -6.31
C ALA C 24 22.14 8.58 -6.64
N SER C 25 22.83 8.71 -7.77
CA SER C 25 23.83 7.72 -8.14
C SER C 25 24.94 8.39 -8.92
N GLY C 26 26.13 7.82 -8.81
CA GLY C 26 27.26 8.30 -9.56
C GLY C 26 28.06 9.39 -8.90
N PHE C 27 27.76 9.73 -7.64
CA PHE C 27 28.57 10.71 -6.94
C PHE C 27 28.45 10.48 -5.45
N ASN C 28 29.36 11.11 -4.71
CA ASN C 28 29.40 11.02 -3.25
C ASN C 28 28.30 11.91 -2.68
N PHE C 29 27.11 11.31 -2.53
CA PHE C 29 25.90 12.03 -2.13
C PHE C 29 26.10 12.85 -0.85
N GLU C 30 26.81 12.30 0.14
CA GLU C 30 26.98 12.98 1.41
C GLU C 30 27.74 14.30 1.30
N ASP C 31 28.34 14.59 0.15
CA ASP C 31 29.08 15.83 -0.04
C ASP C 31 28.18 16.99 -0.49
N PHE C 32 26.93 16.73 -0.85
CA PHE C 32 26.12 17.72 -1.54
C PHE C 32 24.88 18.09 -0.74
N GLY C 33 24.60 19.39 -0.65
CA GLY C 33 23.27 19.81 -0.25
C GLY C 33 22.26 19.53 -1.35
N MET C 34 21.01 19.30 -0.95
CA MET C 34 19.98 18.96 -1.91
C MET C 34 18.82 19.91 -1.80
N SER C 35 18.15 20.16 -2.93
CA SER C 35 16.97 21.00 -2.99
C SER C 35 15.84 20.31 -3.75
N TRP C 36 14.62 20.68 -3.40
CA TRP C 36 13.43 20.40 -4.20
C TRP C 36 12.99 21.68 -4.87
N VAL C 37 12.70 21.59 -6.17
CA VAL C 37 12.17 22.70 -6.96
C VAL C 37 10.97 22.15 -7.73
N ARG C 38 9.86 22.88 -7.73
CA ARG C 38 8.64 22.42 -8.38
C ARG C 38 8.19 23.41 -9.46
N GLN C 39 7.38 22.90 -10.37
CA GLN C 39 6.77 23.73 -11.41
C GLN C 39 5.31 23.37 -11.51
N ALA C 40 4.43 24.25 -11.02
CA ALA C 40 3.01 24.04 -11.18
C ALA C 40 2.60 24.26 -12.64
N PRO C 41 1.51 23.62 -13.07
CA PRO C 41 1.03 23.81 -14.45
C PRO C 41 0.86 25.28 -14.78
N GLY C 42 1.50 25.71 -15.87
CA GLY C 42 1.37 27.10 -16.30
C GLY C 42 2.09 28.13 -15.46
N LYS C 43 3.07 27.73 -14.68
CA LYS C 43 3.81 28.64 -13.81
C LYS C 43 5.30 28.42 -14.04
N GLY C 44 6.13 29.18 -13.32
CA GLY C 44 7.56 29.06 -13.42
C GLY C 44 8.11 28.09 -12.39
N LEU C 45 9.43 27.99 -12.37
CA LEU C 45 10.11 27.20 -11.34
C LEU C 45 9.95 27.88 -9.99
N GLU C 46 9.69 27.08 -8.95
CA GLU C 46 9.64 27.61 -7.59
C GLU C 46 10.44 26.71 -6.66
N TRP C 47 11.45 27.30 -6.02
CA TRP C 47 12.22 26.57 -5.02
C TRP C 47 11.35 26.28 -3.79
N VAL C 48 11.46 25.07 -3.27
CA VAL C 48 10.62 24.60 -2.17
C VAL C 48 11.43 24.43 -0.87
N SER C 49 12.52 23.67 -0.93
CA SER C 49 13.24 23.33 0.30
C SER C 49 14.67 22.91 -0.03
N SER C 50 15.54 23.02 0.98
CA SER C 50 16.94 22.60 0.84
C SER C 50 17.43 22.03 2.17
N ILE C 51 18.26 21.00 2.08
CA ILE C 51 18.96 20.44 3.24
C ILE C 51 20.45 20.39 2.89
N SER C 52 21.28 20.92 3.79
CA SER C 52 22.70 20.98 3.51
C SER C 52 23.32 19.57 3.56
N TRP C 53 24.55 19.48 3.06
CA TRP C 53 25.22 18.19 2.94
C TRP C 53 25.22 17.42 4.25
N ASN C 54 25.42 18.12 5.37
CA ASN C 54 25.48 17.49 6.69
C ASN C 54 24.22 17.70 7.52
N GLY C 55 23.14 18.19 6.91
CA GLY C 55 21.91 18.41 7.64
C GLY C 55 21.90 19.59 8.57
N ALA C 56 22.94 20.41 8.57
CA ALA C 56 23.03 21.50 9.54
C ALA C 56 22.18 22.71 9.19
N ASN C 57 21.85 22.91 7.92
CA ASN C 57 21.11 24.09 7.50
C ASN C 57 19.94 23.62 6.64
N ILE C 58 18.73 23.92 7.07
CA ILE C 58 17.52 23.51 6.38
C ILE C 58 16.64 24.73 6.16
N GLY C 59 16.11 24.87 4.95
CA GLY C 59 15.26 26.00 4.63
C GLY C 59 14.02 25.54 3.88
N TYR C 60 12.96 26.34 4.01
CA TYR C 60 11.70 26.13 3.32
C TYR C 60 11.19 27.46 2.79
N VAL C 61 10.53 27.41 1.64
CA VAL C 61 9.74 28.53 1.18
C VAL C 61 8.54 28.72 2.11
N ASP C 62 8.12 29.98 2.30
CA ASP C 62 7.12 30.30 3.31
C ASP C 62 5.83 29.48 3.16
N SER C 63 5.38 29.24 1.93
CA SER C 63 4.07 28.62 1.77
C SER C 63 4.03 27.16 2.22
N VAL C 64 5.18 26.53 2.48
CA VAL C 64 5.19 25.14 2.90
C VAL C 64 5.72 24.97 4.32
N LYS C 65 6.12 26.05 5.00
CA LYS C 65 6.60 25.92 6.37
C LYS C 65 5.52 25.33 7.27
N GLY C 66 5.89 24.27 8.00
CA GLY C 66 4.96 23.60 8.89
C GLY C 66 4.10 22.55 8.22
N ARG C 67 4.16 22.42 6.90
CA ARG C 67 3.46 21.39 6.15
C ARG C 67 4.41 20.38 5.52
N PHE C 68 5.56 20.84 5.01
CA PHE C 68 6.55 19.99 4.38
C PHE C 68 7.73 19.79 5.33
N THR C 69 8.36 18.63 5.23
CA THR C 69 9.57 18.35 5.97
C THR C 69 10.56 17.65 5.06
N ILE C 70 11.75 18.22 4.93
CA ILE C 70 12.82 17.66 4.09
C ILE C 70 13.75 16.83 4.96
N SER C 71 14.29 15.77 4.38
CA SER C 71 15.28 14.95 5.09
C SER C 71 16.08 14.17 4.08
N ARG C 72 17.14 13.53 4.57
CA ARG C 72 18.05 12.75 3.73
C ARG C 72 18.50 11.52 4.51
N ASP C 73 18.90 10.48 3.79
CA ASP C 73 19.53 9.31 4.40
C ASP C 73 20.77 8.97 3.57
N ASN C 74 21.94 9.35 4.06
CA ASN C 74 23.15 9.17 3.25
C ASN C 74 23.45 7.69 3.01
N ALA C 75 22.98 6.82 3.89
CA ALA C 75 23.20 5.38 3.73
C ALA C 75 22.41 4.82 2.57
N LYS C 76 21.31 5.46 2.20
CA LYS C 76 20.50 5.10 1.04
C LYS C 76 20.77 5.99 -0.16
N ASN C 77 21.69 6.94 -0.05
CA ASN C 77 21.93 7.95 -1.08
C ASN C 77 20.62 8.62 -1.48
N SER C 78 19.78 8.96 -0.50
CA SER C 78 18.41 9.37 -0.80
C SER C 78 18.04 10.67 -0.12
N LEU C 79 17.21 11.43 -0.81
CA LEU C 79 16.60 12.66 -0.35
C LEU C 79 15.08 12.43 -0.28
N TYR C 80 14.43 13.04 0.72
CA TYR C 80 13.00 12.84 0.95
C TYR C 80 12.31 14.18 1.13
N LEU C 81 11.01 14.18 0.84
CA LEU C 81 10.14 15.32 1.12
C LEU C 81 8.82 14.78 1.67
N GLN C 82 8.59 14.98 2.96
CA GLN C 82 7.32 14.62 3.59
C GLN C 82 6.32 15.76 3.44
N MET C 83 5.26 15.55 2.65
CA MET C 83 4.28 16.58 2.34
C MET C 83 2.96 16.33 3.08
N ASN C 84 2.66 17.18 4.06
CA ASN C 84 1.41 17.10 4.82
C ASN C 84 0.52 18.29 4.47
N SER C 85 -0.78 18.14 4.76
CA SER C 85 -1.76 19.20 4.56
C SER C 85 -1.71 19.75 3.13
N LEU C 86 -1.81 18.85 2.15
CA LEU C 86 -1.65 19.24 0.76
C LEU C 86 -2.79 20.14 0.28
N ARG C 87 -2.44 21.15 -0.50
CA ARG C 87 -3.39 22.08 -1.10
C ARG C 87 -3.35 21.97 -2.62
N ALA C 88 -4.32 22.63 -3.26
CA ALA C 88 -4.35 22.63 -4.71
C ALA C 88 -3.10 23.28 -5.31
N GLU C 89 -2.55 24.29 -4.65
CA GLU C 89 -1.38 24.98 -5.15
C GLU C 89 -0.11 24.14 -5.04
N ASP C 90 -0.17 23.01 -4.37
CA ASP C 90 0.96 22.08 -4.32
C ASP C 90 1.02 21.17 -5.54
N THR C 91 -0.01 21.17 -6.39
CA THR C 91 0.02 20.38 -7.61
C THR C 91 1.12 20.88 -8.54
N ALA C 92 2.06 20.00 -8.88
CA ALA C 92 3.24 20.42 -9.62
C ALA C 92 4.08 19.22 -10.02
N LEU C 93 5.01 19.47 -10.94
CA LEU C 93 6.13 18.56 -11.17
C LEU C 93 7.23 18.92 -10.19
N TYR C 94 7.70 17.93 -9.43
CA TYR C 94 8.69 18.14 -8.37
C TYR C 94 10.03 17.56 -8.79
N TYR C 95 11.02 18.43 -8.93
CA TYR C 95 12.41 18.09 -9.21
C TYR C 95 13.23 18.03 -7.93
N CYS C 96 14.17 17.09 -7.86
CA CYS C 96 15.29 17.24 -6.94
C CYS C 96 16.52 17.69 -7.73
N ALA C 97 17.41 18.39 -7.03
CA ALA C 97 18.65 18.87 -7.62
C ALA C 97 19.68 18.99 -6.52
N ILE C 98 20.94 18.81 -6.87
CA ILE C 98 21.99 19.22 -5.96
C ILE C 98 21.99 20.75 -5.88
N ASP C 99 22.38 21.29 -4.73
CA ASP C 99 22.62 22.73 -4.77
C ASP C 99 24.08 23.01 -4.49
N TRP C 100 24.52 22.89 -3.23
CA TRP C 100 25.89 23.24 -2.88
C TRP C 100 26.79 22.02 -2.77
N TYR C 101 28.05 22.21 -3.14
CA TYR C 101 29.08 21.26 -2.74
C TYR C 101 29.52 21.64 -1.32
N ARG C 102 29.08 20.85 -0.34
CA ARG C 102 29.34 21.15 1.06
C ARG C 102 28.89 22.55 1.39
N ASP C 103 29.72 23.31 2.12
CA ASP C 103 29.52 24.73 2.33
C ASP C 103 30.54 25.54 1.55
N ASP C 104 31.06 24.96 0.47
CA ASP C 104 32.18 25.54 -0.28
C ASP C 104 31.67 26.40 -1.45
N TYR C 105 30.84 25.84 -2.33
CA TYR C 105 30.40 26.60 -3.50
C TYR C 105 29.05 26.08 -4.00
N TYR C 106 28.27 27.02 -4.52
CA TYR C 106 27.02 26.73 -5.20
C TYR C 106 27.29 25.96 -6.49
N LYS C 107 26.53 24.88 -6.73
CA LYS C 107 26.73 24.08 -7.94
C LYS C 107 25.43 23.96 -8.74
N MET C 108 24.47 23.16 -8.28
CA MET C 108 23.11 23.13 -8.82
C MET C 108 23.06 22.86 -10.32
N ASP C 109 23.98 22.03 -10.80
CA ASP C 109 24.08 21.70 -12.22
C ASP C 109 23.63 20.26 -12.52
N VAL C 110 22.99 19.57 -11.56
CA VAL C 110 22.49 18.22 -11.77
C VAL C 110 21.05 18.17 -11.26
N TRP C 111 20.12 17.84 -12.17
CA TRP C 111 18.71 17.82 -11.85
C TRP C 111 18.13 16.48 -12.24
N GLY C 112 17.08 16.07 -11.54
CA GLY C 112 16.34 14.90 -11.96
C GLY C 112 15.32 15.26 -13.03
N LYS C 113 14.57 14.26 -13.44
CA LYS C 113 13.53 14.48 -14.44
C LYS C 113 12.19 14.90 -13.83
N GLY C 114 12.02 14.76 -12.52
CA GLY C 114 10.80 15.20 -11.89
C GLY C 114 9.80 14.07 -11.66
N THR C 115 8.96 14.25 -10.65
CA THR C 115 7.81 13.38 -10.39
C THR C 115 6.61 14.27 -10.15
N THR C 116 5.43 13.82 -10.59
CA THR C 116 4.23 14.66 -10.63
C THR C 116 3.35 14.44 -9.40
N VAL C 117 2.96 15.54 -8.74
CA VAL C 117 2.04 15.52 -7.62
C VAL C 117 0.74 16.21 -8.02
N THR C 118 -0.37 15.51 -7.86
CA THR C 118 -1.69 16.02 -8.24
C THR C 118 -2.60 15.99 -7.02
N VAL C 119 -3.06 17.16 -6.57
CA VAL C 119 -3.92 17.27 -5.40
C VAL C 119 -5.34 17.39 -5.91
N SER C 120 -6.08 16.29 -5.78
CA SER C 120 -7.41 16.18 -6.36
C SER C 120 -8.22 15.15 -5.59
N SER C 121 -9.53 15.34 -5.60
CA SER C 121 -10.45 14.33 -5.09
C SER C 121 -10.70 13.22 -6.09
N ALA C 122 -10.30 13.39 -7.35
CA ALA C 122 -10.68 12.49 -8.43
C ALA C 122 -9.95 11.15 -8.35
N SER C 123 -10.51 10.17 -9.07
CA SER C 123 -9.97 8.81 -9.16
C SER C 123 -8.98 8.71 -10.31
N THR C 124 -8.01 7.80 -10.16
CA THR C 124 -7.05 7.55 -11.22
C THR C 124 -7.69 6.67 -12.30
N LYS C 125 -7.57 7.09 -13.56
CA LYS C 125 -8.12 6.33 -14.68
C LYS C 125 -7.10 6.23 -15.80
N GLY C 126 -6.95 5.03 -16.36
CA GLY C 126 -6.01 4.78 -17.44
C GLY C 126 -6.54 5.15 -18.82
N PRO C 127 -5.64 5.38 -19.76
CA PRO C 127 -6.05 5.87 -21.08
C PRO C 127 -6.48 4.76 -22.04
N SER C 128 -7.36 5.14 -22.97
CA SER C 128 -7.62 4.36 -24.17
C SER C 128 -6.71 4.84 -25.28
N VAL C 129 -6.20 3.91 -26.10
CA VAL C 129 -5.28 4.27 -27.18
C VAL C 129 -5.89 3.81 -28.50
N PHE C 130 -6.29 4.77 -29.35
CA PHE C 130 -6.80 4.51 -30.69
C PHE C 130 -5.81 4.97 -31.75
N PRO C 131 -5.79 4.32 -32.91
CA PRO C 131 -4.84 4.71 -33.97
C PRO C 131 -5.33 5.88 -34.82
N LEU C 132 -4.36 6.67 -35.27
CA LEU C 132 -4.57 7.66 -36.31
C LEU C 132 -3.91 7.08 -37.57
N ALA C 133 -4.71 6.41 -38.41
CA ALA C 133 -4.21 5.59 -39.51
C ALA C 133 -3.88 6.45 -40.74
N PRO C 134 -2.83 6.10 -41.49
CA PRO C 134 -2.50 6.87 -42.70
C PRO C 134 -3.61 6.73 -43.74
N SER C 135 -3.63 7.69 -44.66
CA SER C 135 -4.68 7.77 -45.67
C SER C 135 -4.22 7.21 -47.01
N SER C 136 -5.19 7.00 -47.89
CA SER C 136 -4.95 6.51 -49.23
C SER C 136 -4.47 7.63 -50.15
N GLY C 142 3.86 11.80 -51.25
CA GLY C 142 5.24 11.98 -50.84
C GLY C 142 5.53 11.73 -49.37
N THR C 143 4.82 12.43 -48.49
CA THR C 143 4.95 12.27 -47.04
C THR C 143 3.60 11.94 -46.43
N ALA C 144 3.56 10.93 -45.57
CA ALA C 144 2.33 10.52 -44.90
C ALA C 144 2.47 10.76 -43.41
N ALA C 145 1.33 10.96 -42.75
CA ALA C 145 1.26 11.19 -41.32
C ALA C 145 0.39 10.11 -40.67
N LEU C 146 0.82 9.66 -39.50
CA LEU C 146 0.09 8.67 -38.70
C LEU C 146 0.32 8.98 -37.22
N GLY C 147 -0.51 8.38 -36.37
CA GLY C 147 -0.38 8.71 -34.96
C GLY C 147 -1.21 7.84 -34.05
N CYS C 148 -1.27 8.26 -32.78
CA CYS C 148 -2.03 7.60 -31.72
C CYS C 148 -2.85 8.63 -30.97
N LEU C 149 -4.08 8.25 -30.63
CA LEU C 149 -4.98 9.08 -29.84
C LEU C 149 -5.07 8.47 -28.45
N VAL C 150 -4.56 9.20 -27.45
CA VAL C 150 -4.54 8.75 -26.07
C VAL C 150 -5.66 9.49 -25.34
N LYS C 151 -6.76 8.78 -25.06
CA LYS C 151 -8.00 9.44 -24.66
C LYS C 151 -8.46 8.97 -23.28
N ASP C 152 -9.03 9.91 -22.52
CA ASP C 152 -9.78 9.67 -21.28
C ASP C 152 -8.91 9.10 -20.15
N TYR C 153 -7.87 9.83 -19.76
CA TYR C 153 -7.06 9.43 -18.63
C TYR C 153 -7.00 10.51 -17.55
N PHE C 154 -6.58 10.10 -16.34
CA PHE C 154 -6.37 10.99 -15.21
C PHE C 154 -5.50 10.29 -14.19
N PRO C 155 -4.52 10.98 -13.58
CA PRO C 155 -4.16 12.35 -13.91
C PRO C 155 -3.05 12.41 -14.96
N GLU C 156 -2.57 13.63 -15.24
CA GLU C 156 -1.37 13.78 -16.03
C GLU C 156 -0.18 13.29 -15.21
N PRO C 157 0.90 12.85 -15.88
CA PRO C 157 1.09 12.83 -17.33
C PRO C 157 1.05 11.45 -17.97
N VAL C 158 1.10 11.46 -19.30
CA VAL C 158 1.30 10.29 -20.14
C VAL C 158 2.57 10.52 -20.94
N THR C 159 3.34 9.47 -21.18
CA THR C 159 4.43 9.52 -22.13
C THR C 159 4.12 8.65 -23.34
N VAL C 160 4.58 9.09 -24.50
CA VAL C 160 4.42 8.34 -25.74
C VAL C 160 5.78 8.24 -26.40
N SER C 161 6.14 7.04 -26.85
CA SER C 161 7.30 6.86 -27.71
C SER C 161 6.87 6.14 -28.98
N TRP C 162 7.79 6.03 -29.94
CA TRP C 162 7.50 5.33 -31.19
C TRP C 162 8.58 4.28 -31.45
N ASN C 163 8.13 3.06 -31.74
CA ASN C 163 9.02 1.91 -31.93
C ASN C 163 10.05 1.83 -30.81
N SER C 164 9.55 1.99 -29.58
CA SER C 164 10.35 1.84 -28.37
C SER C 164 11.56 2.79 -28.36
N GLY C 165 11.37 4.00 -28.92
CA GLY C 165 12.41 4.99 -28.96
C GLY C 165 13.28 4.96 -30.20
N ALA C 166 13.12 3.95 -31.07
CA ALA C 166 13.92 3.88 -32.29
C ALA C 166 13.55 5.01 -33.23
N LEU C 167 12.26 5.37 -33.29
CA LEU C 167 11.74 6.40 -34.18
C LEU C 167 11.58 7.70 -33.41
N THR C 168 12.35 8.71 -33.78
CA THR C 168 12.27 9.99 -33.09
C THR C 168 12.09 11.17 -34.05
N SER C 169 12.71 11.11 -35.24
CA SER C 169 12.57 12.21 -36.18
C SER C 169 11.15 12.32 -36.71
N GLY C 170 10.61 13.54 -36.68
CA GLY C 170 9.28 13.79 -37.18
C GLY C 170 8.14 13.59 -36.20
N VAL C 171 8.46 13.28 -34.93
CA VAL C 171 7.47 13.00 -33.90
C VAL C 171 7.00 14.29 -33.23
N HIS C 172 5.68 14.40 -33.04
CA HIS C 172 5.06 15.47 -32.27
C HIS C 172 4.05 14.85 -31.31
N THR C 173 4.29 14.99 -30.01
CA THR C 173 3.30 14.63 -29.00
C THR C 173 2.68 15.92 -28.45
N PHE C 174 1.40 16.07 -28.63
CA PHE C 174 0.78 17.34 -28.28
C PHE C 174 0.52 17.43 -26.77
N PRO C 175 0.47 18.65 -26.24
CA PRO C 175 0.05 18.81 -24.85
C PRO C 175 -1.35 18.25 -24.64
N ALA C 176 -1.57 17.69 -23.45
CA ALA C 176 -2.88 17.15 -23.15
C ALA C 176 -3.94 18.25 -23.12
N VAL C 177 -5.19 17.84 -23.28
CA VAL C 177 -6.36 18.72 -23.28
C VAL C 177 -7.33 18.22 -22.22
N LEU C 178 -7.84 19.13 -21.40
CA LEU C 178 -8.85 18.76 -20.41
C LEU C 178 -10.22 18.79 -21.08
N GLN C 179 -10.83 17.62 -21.20
CA GLN C 179 -12.15 17.50 -21.81
C GLN C 179 -13.25 17.87 -20.81
N SER C 180 -14.45 18.11 -21.33
CA SER C 180 -15.57 18.43 -20.46
C SER C 180 -15.89 17.31 -19.47
N SER C 181 -15.46 16.08 -19.77
CA SER C 181 -15.69 14.96 -18.87
C SER C 181 -14.84 15.02 -17.61
N GLY C 182 -13.77 15.83 -17.61
CA GLY C 182 -12.82 15.83 -16.53
C GLY C 182 -11.61 14.96 -16.79
N LEU C 183 -11.58 14.26 -17.92
CA LEU C 183 -10.47 13.42 -18.30
C LEU C 183 -9.61 14.14 -19.33
N TYR C 184 -8.34 13.75 -19.38
CA TYR C 184 -7.38 14.32 -20.32
C TYR C 184 -7.34 13.51 -21.61
N SER C 185 -6.90 14.17 -22.67
CA SER C 185 -6.74 13.54 -23.98
C SER C 185 -5.60 14.21 -24.72
N LEU C 186 -4.81 13.42 -25.44
CA LEU C 186 -3.77 13.97 -26.29
C LEU C 186 -3.57 13.07 -27.50
N SER C 187 -2.89 13.63 -28.50
CA SER C 187 -2.49 12.89 -29.67
C SER C 187 -0.98 12.98 -29.83
N SER C 188 -0.40 11.91 -30.34
CA SER C 188 1.01 11.87 -30.72
C SER C 188 1.09 11.46 -32.18
N VAL C 189 1.78 12.26 -33.00
CA VAL C 189 1.84 12.02 -34.44
C VAL C 189 3.29 11.94 -34.90
N VAL C 190 3.48 11.37 -36.09
CA VAL C 190 4.78 11.31 -36.75
C VAL C 190 4.57 11.34 -38.26
N THR C 191 5.45 12.04 -38.96
CA THR C 191 5.44 12.05 -40.43
C THR C 191 6.52 11.08 -40.93
N VAL C 192 6.13 10.22 -41.86
CA VAL C 192 7.00 9.16 -42.38
C VAL C 192 6.90 9.15 -43.91
N PRO C 193 7.89 8.57 -44.59
CA PRO C 193 7.80 8.45 -46.05
C PRO C 193 6.67 7.53 -46.48
N SER C 194 5.97 7.93 -47.55
CA SER C 194 4.89 7.13 -48.08
C SER C 194 5.37 5.75 -48.52
N SER C 195 6.58 5.67 -49.10
CA SER C 195 7.09 4.40 -49.61
C SER C 195 7.28 3.37 -48.49
N SER C 196 7.51 3.83 -47.27
CA SER C 196 7.77 2.94 -46.14
C SER C 196 6.50 2.45 -45.46
N LEU C 197 5.32 2.84 -45.94
CA LEU C 197 4.08 2.51 -45.25
C LEU C 197 3.82 1.00 -45.22
N GLY C 198 4.30 0.27 -46.22
CA GLY C 198 4.07 -1.17 -46.28
C GLY C 198 5.21 -2.03 -45.76
N THR C 199 6.44 -1.47 -45.71
CA THR C 199 7.61 -2.22 -45.27
C THR C 199 7.95 -2.04 -43.80
N GLN C 200 7.66 -0.87 -43.21
CA GLN C 200 8.02 -0.57 -41.84
C GLN C 200 6.81 -0.67 -40.91
N THR C 201 7.03 -1.26 -39.73
CA THR C 201 6.02 -1.34 -38.70
C THR C 201 6.14 -0.15 -37.76
N TYR C 202 5.00 0.44 -37.42
CA TYR C 202 4.93 1.62 -36.56
C TYR C 202 4.07 1.29 -35.35
N ILE C 203 4.67 1.38 -34.16
CA ILE C 203 4.01 1.09 -32.90
C ILE C 203 4.25 2.24 -31.94
N CYS C 204 3.18 2.80 -31.38
CA CYS C 204 3.32 3.81 -30.35
C CYS C 204 3.21 3.13 -28.99
N ASN C 205 4.02 3.59 -28.05
CA ASN C 205 4.10 3.02 -26.72
C ASN C 205 3.60 4.07 -25.74
N VAL C 206 2.40 3.83 -25.21
CA VAL C 206 1.75 4.77 -24.30
C VAL C 206 1.96 4.26 -22.89
N ASN C 207 2.50 5.12 -22.04
CA ASN C 207 2.73 4.80 -20.64
C ASN C 207 2.01 5.82 -19.76
N HIS C 208 1.19 5.32 -18.84
CA HIS C 208 0.50 6.14 -17.86
C HIS C 208 0.86 5.57 -16.49
N LYS C 209 1.93 6.11 -15.90
CA LYS C 209 2.43 5.57 -14.63
C LYS C 209 1.40 5.55 -13.50
N PRO C 210 0.56 6.57 -13.28
CA PRO C 210 -0.35 6.52 -12.13
C PRO C 210 -1.27 5.31 -12.13
N SER C 211 -1.62 4.76 -13.29
CA SER C 211 -2.59 3.67 -13.37
C SER C 211 -1.97 2.34 -13.78
N ASN C 212 -0.64 2.26 -13.86
CA ASN C 212 0.07 1.06 -14.33
C ASN C 212 -0.50 0.59 -15.66
N THR C 213 -0.62 1.53 -16.59
CA THR C 213 -1.15 1.26 -17.92
C THR C 213 -0.01 1.45 -18.92
N LYS C 214 0.36 0.35 -19.57
CA LYS C 214 1.27 0.37 -20.70
C LYS C 214 0.53 -0.27 -21.86
N VAL C 215 0.43 0.45 -22.98
CA VAL C 215 -0.27 -0.04 -24.17
C VAL C 215 0.66 0.15 -25.37
N ASP C 216 0.76 -0.87 -26.22
CA ASP C 216 1.51 -0.80 -27.47
C ASP C 216 0.53 -0.97 -28.63
N LYS C 217 0.31 0.10 -29.39
CA LYS C 217 -0.67 0.09 -30.48
C LYS C 217 0.03 0.12 -31.82
N ARG C 218 -0.28 -0.85 -32.68
CA ARG C 218 0.20 -0.86 -34.06
C ARG C 218 -0.71 0.02 -34.91
N VAL C 219 -0.11 0.85 -35.75
CA VAL C 219 -0.82 1.81 -36.58
C VAL C 219 -0.61 1.42 -38.04
N GLU C 220 -1.63 0.80 -38.63
CA GLU C 220 -1.61 0.30 -40.00
C GLU C 220 -2.61 1.04 -40.88
N PRO C 221 -2.39 1.06 -42.20
CA PRO C 221 -3.38 1.64 -43.12
C PRO C 221 -4.68 0.85 -43.09
N LYS C 222 -5.79 1.53 -42.79
CA LYS C 222 -7.08 0.87 -42.62
C LYS C 222 -7.61 0.18 -43.90
N GLU D 1 10.62 37.97 2.12
CA GLU D 1 11.04 37.23 0.94
C GLU D 1 11.66 38.15 -0.10
N ILE D 2 12.61 37.63 -0.88
CA ILE D 2 13.25 38.39 -1.96
C ILE D 2 12.42 38.19 -3.22
N VAL D 3 12.08 39.30 -3.90
CA VAL D 3 11.30 39.27 -5.15
C VAL D 3 12.22 39.47 -6.34
N MET D 4 12.15 38.55 -7.30
CA MET D 4 12.94 38.62 -8.53
C MET D 4 12.01 39.00 -9.68
N THR D 5 12.30 40.13 -10.31
CA THR D 5 11.49 40.64 -11.42
C THR D 5 12.29 40.55 -12.70
N GLN D 6 11.80 39.73 -13.64
CA GLN D 6 12.43 39.54 -14.94
C GLN D 6 11.68 40.30 -16.02
N SER D 7 12.40 40.77 -17.02
CA SER D 7 11.75 41.40 -18.16
C SER D 7 12.58 41.20 -19.41
N PRO D 8 11.95 41.13 -20.59
CA PRO D 8 10.50 41.18 -20.84
C PRO D 8 9.87 39.81 -20.58
N ALA D 9 8.53 39.73 -20.53
CA ALA D 9 7.89 38.43 -20.32
C ALA D 9 8.15 37.49 -21.49
N THR D 10 8.06 38.01 -22.71
CA THR D 10 8.25 37.24 -23.93
C THR D 10 9.23 37.98 -24.81
N LEU D 11 9.80 37.27 -25.76
CA LEU D 11 10.83 37.86 -26.62
C LEU D 11 10.95 37.07 -27.90
N SER D 12 10.98 37.79 -29.03
CA SER D 12 11.10 37.18 -30.35
C SER D 12 12.35 37.74 -31.03
N VAL D 13 13.24 36.84 -31.45
CA VAL D 13 14.57 37.19 -31.91
C VAL D 13 14.86 36.41 -33.19
N SER D 14 15.50 37.06 -34.11
CA SER D 14 15.91 36.39 -35.33
C SER D 14 17.26 35.71 -35.13
N PRO D 15 17.52 34.62 -35.84
CA PRO D 15 18.81 33.93 -35.66
C PRO D 15 19.97 34.83 -36.04
N GLY D 16 21.05 34.73 -35.26
CA GLY D 16 22.21 35.55 -35.44
C GLY D 16 22.19 36.86 -34.69
N GLU D 17 21.02 37.34 -34.28
CA GLU D 17 20.91 38.57 -33.49
C GLU D 17 21.20 38.23 -32.03
N ARG D 18 20.96 39.20 -31.14
CA ARG D 18 21.14 38.95 -29.73
C ARG D 18 19.88 39.35 -28.97
N ALA D 19 19.69 38.71 -27.84
CA ALA D 19 18.58 39.00 -26.96
C ALA D 19 19.16 39.40 -25.60
N THR D 20 18.57 40.42 -24.99
CA THR D 20 19.00 40.92 -23.69
C THR D 20 17.88 40.69 -22.69
N LEU D 21 18.19 39.97 -21.63
CA LEU D 21 17.23 39.65 -20.58
C LEU D 21 17.65 40.37 -19.30
N SER D 22 16.66 40.90 -18.57
CA SER D 22 16.92 41.67 -17.37
C SER D 22 16.31 40.98 -16.17
N CYS D 23 17.03 41.04 -15.05
CA CYS D 23 16.59 40.47 -13.79
C CYS D 23 16.88 41.51 -12.73
N ARG D 24 15.88 41.81 -11.92
CA ARG D 24 16.03 42.78 -10.85
C ARG D 24 15.67 42.12 -9.53
N ALA D 25 16.52 42.34 -8.52
CA ALA D 25 16.31 41.83 -7.19
C ALA D 25 15.77 42.93 -6.29
N SER D 26 14.81 42.57 -5.43
CA SER D 26 14.17 43.56 -4.56
C SER D 26 15.11 44.10 -3.49
N ARG D 27 16.20 43.41 -3.21
CA ARG D 27 17.26 43.93 -2.36
C ARG D 27 18.56 43.29 -2.81
N SER D 28 19.68 43.79 -2.31
CA SER D 28 20.97 43.33 -2.81
C SER D 28 21.15 41.83 -2.59
N ILE D 29 21.58 41.14 -3.64
CA ILE D 29 22.00 39.75 -3.58
C ILE D 29 23.49 39.62 -3.91
N ARG D 30 24.22 40.74 -3.87
CA ARG D 30 25.65 40.78 -4.16
C ARG D 30 25.94 40.21 -5.55
N SER D 31 26.63 39.07 -5.63
CA SER D 31 26.91 38.44 -6.92
C SER D 31 26.29 37.05 -7.05
N ALA D 32 25.43 36.66 -6.11
CA ALA D 32 24.84 35.32 -6.09
C ALA D 32 23.61 35.26 -6.99
N LEU D 33 23.85 35.38 -8.29
CA LEU D 33 22.78 35.28 -9.27
C LEU D 33 23.14 34.24 -10.33
N ALA D 34 22.19 33.37 -10.64
CA ALA D 34 22.35 32.34 -11.65
C ALA D 34 21.29 32.50 -12.73
N TRP D 35 21.61 32.03 -13.94
CA TRP D 35 20.69 32.00 -15.05
C TRP D 35 20.50 30.56 -15.52
N TYR D 36 19.26 30.22 -15.86
CA TYR D 36 18.89 28.86 -16.29
C TYR D 36 18.16 28.89 -17.62
N GLN D 37 18.42 27.87 -18.43
CA GLN D 37 17.64 27.59 -19.64
C GLN D 37 16.71 26.41 -19.39
N HIS D 38 15.43 26.57 -19.70
CA HIS D 38 14.45 25.50 -19.50
C HIS D 38 13.65 25.28 -20.79
N LYS D 39 14.06 24.27 -21.56
CA LYS D 39 13.34 23.81 -22.74
C LYS D 39 12.24 22.83 -22.33
N PRO D 40 11.11 22.86 -23.03
CA PRO D 40 10.01 21.96 -22.68
C PRO D 40 10.41 20.50 -22.76
N GLY D 41 10.00 19.72 -21.76
CA GLY D 41 10.29 18.31 -21.72
C GLY D 41 11.60 17.95 -21.06
N GLN D 42 12.37 18.94 -20.61
CA GLN D 42 13.69 18.69 -20.07
C GLN D 42 13.82 19.34 -18.70
N ALA D 43 14.87 18.95 -18.02
CA ALA D 43 15.20 19.54 -16.74
C ALA D 43 15.84 20.91 -16.96
N PRO D 44 15.74 21.81 -16.00
CA PRO D 44 16.44 23.10 -16.13
C PRO D 44 17.93 22.87 -16.26
N ARG D 45 18.59 23.78 -16.99
CA ARG D 45 20.01 23.67 -17.32
C ARG D 45 20.71 24.95 -16.88
N LEU D 46 21.71 24.82 -16.01
CA LEU D 46 22.41 25.98 -15.48
C LEU D 46 23.35 26.58 -16.53
N LEU D 47 23.23 27.90 -16.73
CA LEU D 47 24.02 28.65 -17.69
C LEU D 47 25.10 29.52 -17.06
N ILE D 48 24.73 30.29 -16.04
CA ILE D 48 25.59 31.28 -15.41
C ILE D 48 25.45 31.14 -13.90
N PHE D 49 26.58 31.26 -13.18
CA PHE D 49 26.56 31.47 -11.74
C PHE D 49 27.50 32.62 -11.41
N GLY D 50 27.44 33.07 -10.15
CA GLY D 50 28.27 34.20 -9.74
C GLY D 50 28.02 35.44 -10.57
N ALA D 51 26.81 35.59 -11.11
CA ALA D 51 26.37 36.71 -11.93
C ALA D 51 26.99 36.70 -13.33
N SER D 52 28.29 36.39 -13.43
CA SER D 52 28.96 36.54 -14.72
C SER D 52 29.82 35.35 -15.15
N THR D 53 29.75 34.21 -14.47
CA THR D 53 30.61 33.08 -14.81
C THR D 53 29.81 32.00 -15.53
N ARG D 54 30.25 31.66 -16.74
CA ARG D 54 29.62 30.57 -17.46
C ARG D 54 29.92 29.25 -16.77
N ALA D 55 28.89 28.41 -16.64
CA ALA D 55 29.13 27.06 -16.13
C ALA D 55 29.89 26.23 -17.17
N THR D 56 30.36 25.06 -16.74
CA THR D 56 31.19 24.23 -17.61
C THR D 56 30.43 23.88 -18.87
N GLY D 57 31.08 24.04 -20.02
CA GLY D 57 30.47 23.64 -21.27
C GLY D 57 29.42 24.57 -21.81
N ILE D 58 29.24 25.75 -21.23
CA ILE D 58 28.29 26.71 -21.77
C ILE D 58 29.05 27.56 -22.79
N PRO D 59 28.50 27.76 -23.99
CA PRO D 59 29.22 28.54 -25.01
C PRO D 59 29.30 30.03 -24.65
N ALA D 60 30.28 30.70 -25.27
CA ALA D 60 30.57 32.10 -24.96
C ALA D 60 29.48 33.08 -25.42
N ARG D 61 28.56 32.65 -26.27
CA ARG D 61 27.44 33.50 -26.66
C ARG D 61 26.42 33.70 -25.55
N PHE D 62 26.65 33.11 -24.38
CA PHE D 62 25.90 33.41 -23.16
C PHE D 62 26.75 34.31 -22.27
N SER D 63 26.27 35.53 -22.01
CA SER D 63 27.02 36.49 -21.20
C SER D 63 26.14 37.09 -20.11
N GLY D 64 26.55 36.94 -18.86
CA GLY D 64 25.84 37.48 -17.73
C GLY D 64 26.68 38.56 -17.07
N SER D 65 26.01 39.58 -16.52
CA SER D 65 26.70 40.61 -15.78
C SER D 65 25.76 41.19 -14.72
N GLY D 66 26.35 41.94 -13.79
CA GLY D 66 25.57 42.58 -12.74
C GLY D 66 26.14 42.35 -11.36
N SER D 67 25.71 43.15 -10.39
CA SER D 67 26.15 43.09 -9.01
C SER D 67 25.21 43.95 -8.18
N GLY D 68 24.84 43.48 -7.00
CA GLY D 68 23.88 44.16 -6.16
C GLY D 68 22.42 43.83 -6.48
N THR D 69 21.72 44.65 -7.27
CA THR D 69 20.32 44.38 -7.58
C THR D 69 19.97 44.21 -9.06
N ASP D 70 20.80 44.68 -10.00
CA ASP D 70 20.42 44.70 -11.42
C ASP D 70 21.37 43.83 -12.22
N PHE D 71 20.80 42.90 -12.99
CA PHE D 71 21.58 41.90 -13.70
C PHE D 71 21.01 41.71 -15.11
N THR D 72 21.88 41.33 -16.04
CA THR D 72 21.42 41.04 -17.40
C THR D 72 22.06 39.77 -17.91
N LEU D 73 21.34 39.10 -18.80
CA LEU D 73 21.83 37.98 -19.59
C LEU D 73 21.69 38.34 -21.05
N THR D 74 22.79 38.27 -21.80
CA THR D 74 22.76 38.54 -23.22
C THR D 74 23.14 37.29 -24.00
N VAL D 75 22.24 36.85 -24.88
CA VAL D 75 22.46 35.65 -25.68
C VAL D 75 22.68 36.12 -27.12
N SER D 76 23.91 35.96 -27.62
CA SER D 76 24.25 36.41 -28.97
C SER D 76 24.37 35.22 -29.91
N SER D 77 24.50 35.52 -31.20
CA SER D 77 24.53 34.50 -32.24
C SER D 77 23.42 33.48 -32.02
N ILE D 78 22.19 34.01 -31.92
CA ILE D 78 21.05 33.18 -31.56
C ILE D 78 20.89 32.05 -32.55
N ARG D 79 20.60 30.86 -32.03
CA ARG D 79 20.38 29.63 -32.79
C ARG D 79 18.97 29.14 -32.48
N SER D 80 18.42 28.32 -33.39
CA SER D 80 17.08 27.79 -33.16
C SER D 80 17.00 27.04 -31.84
N GLU D 81 18.08 26.40 -31.43
CA GLU D 81 18.09 25.62 -30.19
C GLU D 81 17.98 26.49 -28.95
N ASP D 82 18.11 27.81 -29.09
CA ASP D 82 17.99 28.72 -27.95
C ASP D 82 16.55 28.98 -27.56
N SER D 83 15.59 28.47 -28.34
CA SER D 83 14.17 28.58 -28.00
C SER D 83 13.88 27.91 -26.65
N ALA D 84 13.52 28.68 -25.64
CA ALA D 84 13.30 28.14 -24.30
C ALA D 84 12.76 29.26 -23.42
N VAL D 85 12.45 28.90 -22.17
CA VAL D 85 12.18 29.88 -21.11
C VAL D 85 13.45 30.05 -20.29
N TYR D 86 13.83 31.29 -20.03
CA TYR D 86 15.03 31.60 -19.27
C TYR D 86 14.67 32.23 -17.93
N TYR D 87 15.26 31.69 -16.87
CA TYR D 87 15.00 32.14 -15.50
C TYR D 87 16.27 32.67 -14.86
N CYS D 88 16.14 33.71 -14.06
CA CYS D 88 17.18 34.04 -13.10
C CYS D 88 16.85 33.40 -11.75
N GLN D 89 17.88 33.27 -10.92
CA GLN D 89 17.71 32.71 -9.58
C GLN D 89 18.74 33.36 -8.66
N GLN D 90 18.26 34.02 -7.60
CA GLN D 90 19.19 34.49 -6.58
C GLN D 90 19.50 33.33 -5.63
N TYR D 91 20.75 33.26 -5.20
CA TYR D 91 21.14 32.25 -4.23
C TYR D 91 21.99 32.88 -3.13
N ASP D 92 21.72 34.15 -2.84
CA ASP D 92 22.36 34.83 -1.72
C ASP D 92 21.74 34.44 -0.39
N PHE D 93 20.41 34.32 -0.34
CA PHE D 93 19.68 33.98 0.88
C PHE D 93 18.60 32.98 0.47
N TRP D 94 18.94 31.70 0.60
CA TRP D 94 18.16 30.57 0.06
C TRP D 94 18.04 30.79 -1.44
N TYR D 95 16.91 30.46 -2.06
CA TYR D 95 16.81 30.48 -3.52
C TYR D 95 15.48 31.06 -3.92
N THR D 96 15.50 31.93 -4.94
CA THR D 96 14.26 32.45 -5.52
C THR D 96 14.44 32.64 -7.01
N PHE D 97 13.60 31.95 -7.78
CA PHE D 97 13.57 32.15 -9.22
C PHE D 97 12.69 33.35 -9.57
N GLY D 98 13.08 34.04 -10.65
CA GLY D 98 12.20 34.97 -11.30
C GLY D 98 11.18 34.21 -12.11
N GLN D 99 10.21 34.95 -12.65
CA GLN D 99 9.07 34.31 -13.31
C GLN D 99 9.38 33.90 -14.74
N GLY D 100 10.52 34.31 -15.28
CA GLY D 100 10.99 33.75 -16.53
C GLY D 100 10.71 34.64 -17.72
N THR D 101 11.58 34.53 -18.72
CA THR D 101 11.41 35.16 -20.02
C THR D 101 11.30 34.07 -21.07
N LYS D 102 10.23 34.08 -21.83
CA LYS D 102 10.03 33.07 -22.87
C LYS D 102 10.59 33.61 -24.18
N LEU D 103 11.61 32.93 -24.73
CA LEU D 103 12.31 33.38 -25.93
C LEU D 103 11.89 32.54 -27.14
N GLU D 104 11.35 33.20 -28.16
CA GLU D 104 10.97 32.55 -29.42
C GLU D 104 11.96 32.93 -30.52
N ILE D 105 12.27 31.96 -31.39
CA ILE D 105 13.20 32.17 -32.50
C ILE D 105 12.40 32.46 -33.77
N LYS D 106 12.70 33.58 -34.43
CA LYS D 106 12.04 33.96 -35.67
C LYS D 106 12.59 33.16 -36.84
N ARG D 107 11.71 32.62 -37.68
CA ARG D 107 12.11 32.00 -38.94
C ARG D 107 11.26 32.54 -40.08
N THR D 108 11.53 32.07 -41.30
CA THR D 108 10.68 32.45 -42.42
C THR D 108 9.32 31.78 -42.30
N VAL D 109 8.35 32.32 -43.04
CA VAL D 109 7.01 31.78 -43.03
C VAL D 109 7.00 30.36 -43.58
N ALA D 110 6.22 29.49 -42.95
CA ALA D 110 6.05 28.11 -43.40
C ALA D 110 4.58 27.72 -43.33
N ALA D 111 4.06 27.20 -44.41
CA ALA D 111 2.66 26.86 -44.44
C ALA D 111 2.41 25.53 -43.73
N PRO D 112 1.22 25.34 -43.15
CA PRO D 112 0.91 24.06 -42.50
C PRO D 112 0.76 22.96 -43.53
N SER D 113 1.38 21.80 -43.25
CA SER D 113 1.01 20.57 -43.93
C SER D 113 -0.15 19.96 -43.15
N VAL D 114 -1.28 19.77 -43.83
CA VAL D 114 -2.55 19.45 -43.17
C VAL D 114 -2.92 18.00 -43.44
N PHE D 115 -3.37 17.30 -42.39
CA PHE D 115 -3.85 15.93 -42.46
C PHE D 115 -5.12 15.79 -41.62
N ILE D 116 -6.06 14.96 -42.08
CA ILE D 116 -7.30 14.68 -41.38
C ILE D 116 -7.40 13.18 -41.13
N PHE D 117 -7.91 12.80 -39.96
CA PHE D 117 -8.01 11.40 -39.54
C PHE D 117 -9.43 11.05 -39.12
N PRO D 118 -10.03 10.00 -39.68
CA PRO D 118 -11.35 9.59 -39.23
C PRO D 118 -11.26 8.80 -37.93
N PRO D 119 -12.39 8.64 -37.22
CA PRO D 119 -12.37 7.83 -35.99
C PRO D 119 -12.04 6.38 -36.29
N SER D 120 -11.31 5.75 -35.37
CA SER D 120 -11.04 4.33 -35.52
C SER D 120 -12.32 3.52 -35.28
N ASP D 121 -12.39 2.36 -35.92
CA ASP D 121 -13.53 1.47 -35.70
C ASP D 121 -13.58 1.01 -34.23
N GLU D 122 -12.43 0.80 -33.60
CA GLU D 122 -12.41 0.40 -32.19
C GLU D 122 -13.11 1.44 -31.33
N GLN D 123 -12.87 2.73 -31.59
CA GLN D 123 -13.45 3.78 -30.75
C GLN D 123 -14.95 3.90 -30.94
N LEU D 124 -15.45 3.68 -32.16
CA LEU D 124 -16.88 3.80 -32.42
C LEU D 124 -17.69 2.78 -31.63
N LYS D 125 -17.11 1.61 -31.35
CA LYS D 125 -17.77 0.62 -30.50
C LYS D 125 -18.05 1.14 -29.09
N SER D 126 -17.25 2.10 -28.62
CA SER D 126 -17.48 2.70 -27.32
C SER D 126 -18.57 3.76 -27.34
N GLY D 127 -18.99 4.19 -28.53
CA GLY D 127 -20.09 5.12 -28.69
C GLY D 127 -19.72 6.56 -28.94
N THR D 128 -18.43 6.85 -29.15
CA THR D 128 -17.96 8.21 -29.41
C THR D 128 -17.03 8.21 -30.61
N ALA D 129 -17.05 9.31 -31.37
CA ALA D 129 -16.20 9.49 -32.53
C ALA D 129 -15.29 10.69 -32.30
N SER D 130 -13.99 10.50 -32.55
CA SER D 130 -12.99 11.57 -32.47
C SER D 130 -12.41 11.76 -33.87
N VAL D 131 -12.64 12.94 -34.46
CA VAL D 131 -12.06 13.31 -35.74
C VAL D 131 -10.90 14.27 -35.50
N VAL D 132 -9.73 13.96 -36.06
CA VAL D 132 -8.51 14.71 -35.79
C VAL D 132 -7.99 15.38 -37.05
N CYS D 133 -7.59 16.64 -36.90
CA CYS D 133 -6.94 17.43 -37.95
C CYS D 133 -5.57 17.86 -37.47
N LEU D 134 -4.53 17.58 -38.25
CA LEU D 134 -3.16 17.92 -37.90
C LEU D 134 -2.66 19.03 -38.81
N LEU D 135 -2.08 20.08 -38.21
CA LEU D 135 -1.38 21.14 -38.93
C LEU D 135 0.08 20.99 -38.55
N ASN D 136 0.93 20.64 -39.52
CA ASN D 136 2.29 20.22 -39.23
C ASN D 136 3.32 21.24 -39.72
N ASN D 137 4.26 21.57 -38.83
CA ASN D 137 5.48 22.35 -39.13
C ASN D 137 5.16 23.63 -39.89
N PHE D 138 4.46 24.55 -39.21
CA PHE D 138 4.14 25.85 -39.77
C PHE D 138 4.70 26.97 -38.88
N TYR D 139 4.82 28.16 -39.48
CA TYR D 139 5.25 29.37 -38.80
C TYR D 139 4.68 30.57 -39.56
N PRO D 140 4.11 31.57 -38.87
CA PRO D 140 4.09 31.71 -37.41
C PRO D 140 3.01 30.90 -36.71
N ARG D 141 2.90 31.12 -35.41
CA ARG D 141 2.09 30.29 -34.52
C ARG D 141 0.59 30.44 -34.76
N GLU D 142 0.16 31.60 -35.25
CA GLU D 142 -1.26 31.90 -35.43
C GLU D 142 -1.85 31.10 -36.59
N ALA D 143 -2.92 30.34 -36.31
CA ALA D 143 -3.61 29.56 -37.34
C ALA D 143 -5.07 29.36 -36.94
N LYS D 144 -5.93 29.32 -37.95
CA LYS D 144 -7.36 29.08 -37.76
C LYS D 144 -7.74 27.73 -38.37
N VAL D 145 -8.54 26.95 -37.64
CA VAL D 145 -9.08 25.68 -38.12
C VAL D 145 -10.59 25.71 -37.96
N GLN D 146 -11.31 25.49 -39.04
CA GLN D 146 -12.76 25.41 -39.01
C GLN D 146 -13.18 24.01 -39.40
N TRP D 147 -14.08 23.43 -38.62
CA TRP D 147 -14.64 22.12 -38.94
C TRP D 147 -15.96 22.33 -39.68
N LYS D 148 -16.11 21.67 -40.82
CA LYS D 148 -17.35 21.73 -41.60
C LYS D 148 -17.86 20.31 -41.79
N VAL D 149 -19.06 20.05 -41.30
CA VAL D 149 -19.69 18.73 -41.40
C VAL D 149 -20.84 18.85 -42.39
N ASP D 150 -20.67 18.28 -43.57
CA ASP D 150 -21.64 18.42 -44.66
C ASP D 150 -21.92 19.88 -44.96
N ASN D 151 -20.84 20.68 -45.01
CA ASN D 151 -20.85 22.12 -45.24
C ASN D 151 -21.50 22.91 -44.10
N ALA D 152 -21.75 22.29 -42.96
CA ALA D 152 -22.30 22.98 -41.81
C ALA D 152 -21.14 23.31 -40.86
N LEU D 153 -20.98 24.60 -40.57
CA LEU D 153 -19.91 25.04 -39.69
C LEU D 153 -20.15 24.51 -38.28
N GLN D 154 -19.12 23.88 -37.72
CA GLN D 154 -19.21 23.34 -36.36
C GLN D 154 -18.83 24.42 -35.35
N SER D 155 -19.40 24.29 -34.16
CA SER D 155 -19.18 25.28 -33.13
C SER D 155 -19.29 24.62 -31.77
N GLY D 156 -18.24 24.77 -30.95
CA GLY D 156 -18.28 24.33 -29.58
C GLY D 156 -17.91 22.88 -29.34
N ASN D 157 -17.63 22.12 -30.41
CA ASN D 157 -17.37 20.69 -30.26
C ASN D 157 -15.96 20.31 -30.70
N SER D 158 -15.01 21.25 -30.61
CA SER D 158 -13.64 20.95 -30.97
C SER D 158 -12.69 21.54 -29.93
N GLN D 159 -11.49 20.96 -29.87
CA GLN D 159 -10.44 21.43 -28.98
C GLN D 159 -9.10 21.38 -29.69
N GLU D 160 -8.28 22.41 -29.47
CA GLU D 160 -6.98 22.54 -30.11
C GLU D 160 -5.85 22.31 -29.11
N SER D 161 -4.67 22.02 -29.64
CA SER D 161 -3.47 21.82 -28.86
C SER D 161 -2.28 22.17 -29.76
N VAL D 162 -1.38 22.99 -29.24
CA VAL D 162 -0.23 23.49 -29.99
C VAL D 162 1.06 23.03 -29.31
N THR D 163 2.02 22.59 -30.10
CA THR D 163 3.32 22.20 -29.58
C THR D 163 4.15 23.43 -29.22
N GLU D 164 5.17 23.19 -28.42
CA GLU D 164 6.21 24.19 -28.25
C GLU D 164 7.02 24.30 -29.53
N GLN D 165 7.70 25.43 -29.69
CA GLN D 165 8.48 25.68 -30.89
C GLN D 165 9.53 24.58 -31.08
N ASP D 166 9.63 24.06 -32.29
CA ASP D 166 10.64 23.05 -32.55
C ASP D 166 12.03 23.65 -32.43
N SER D 167 12.94 22.91 -31.79
CA SER D 167 14.28 23.43 -31.54
C SER D 167 15.18 23.39 -32.76
N LYS D 168 14.83 22.59 -33.78
CA LYS D 168 15.67 22.46 -34.97
C LYS D 168 15.22 23.34 -36.11
N ASP D 169 13.91 23.42 -36.37
CA ASP D 169 13.36 24.20 -37.48
C ASP D 169 12.45 25.34 -37.05
N SER D 170 12.28 25.58 -35.75
CA SER D 170 11.57 26.75 -35.23
C SER D 170 10.10 26.77 -35.62
N THR D 171 9.52 25.63 -36.01
CA THR D 171 8.12 25.60 -36.39
C THR D 171 7.24 25.14 -35.22
N TYR D 172 5.93 25.25 -35.45
CA TYR D 172 4.88 24.76 -34.55
C TYR D 172 4.06 23.71 -35.26
N SER D 173 3.35 22.93 -34.46
CA SER D 173 2.34 22.02 -34.97
C SER D 173 1.10 22.16 -34.10
N LEU D 174 -0.07 21.92 -34.72
CA LEU D 174 -1.35 22.11 -34.06
C LEU D 174 -2.25 20.92 -34.39
N SER D 175 -3.03 20.48 -33.41
CA SER D 175 -4.05 19.46 -33.62
C SER D 175 -5.41 20.00 -33.19
N SER D 176 -6.45 19.71 -33.97
CA SER D 176 -7.82 20.02 -33.63
C SER D 176 -8.61 18.72 -33.60
N THR D 177 -9.32 18.47 -32.52
CA THR D 177 -10.07 17.24 -32.35
C THR D 177 -11.56 17.57 -32.27
N LEU D 178 -12.31 17.08 -33.25
CA LEU D 178 -13.77 17.17 -33.25
C LEU D 178 -14.34 15.92 -32.60
N THR D 179 -15.21 16.12 -31.61
CA THR D 179 -15.80 15.01 -30.86
C THR D 179 -17.32 15.00 -31.04
N LEU D 180 -17.85 13.87 -31.50
CA LEU D 180 -19.26 13.70 -31.72
C LEU D 180 -19.69 12.35 -31.14
N SER D 181 -20.98 12.24 -30.83
CA SER D 181 -21.52 10.93 -30.46
C SER D 181 -21.58 10.04 -31.71
N LYS D 182 -21.57 8.73 -31.48
CA LYS D 182 -21.70 7.80 -32.60
C LYS D 182 -22.97 8.07 -33.41
N ALA D 183 -24.06 8.47 -32.74
CA ALA D 183 -25.29 8.78 -33.45
C ALA D 183 -25.13 10.00 -34.35
N ASP D 184 -24.61 11.10 -33.79
CA ASP D 184 -24.39 12.31 -34.59
C ASP D 184 -23.37 12.05 -35.70
N TYR D 185 -22.34 11.26 -35.42
CA TYR D 185 -21.32 10.99 -36.42
C TYR D 185 -21.90 10.26 -37.63
N GLU D 186 -22.81 9.31 -37.39
CA GLU D 186 -23.31 8.48 -38.49
C GLU D 186 -24.46 9.11 -39.25
N LYS D 187 -24.89 10.32 -38.89
CA LYS D 187 -25.93 11.00 -39.64
C LYS D 187 -25.40 11.97 -40.69
N HIS D 188 -24.07 12.05 -40.87
CA HIS D 188 -23.47 12.95 -41.85
C HIS D 188 -22.39 12.22 -42.66
N LYS D 189 -22.10 12.74 -43.85
CA LYS D 189 -21.24 12.08 -44.82
C LYS D 189 -19.85 12.70 -44.93
N VAL D 190 -19.74 14.00 -45.20
CA VAL D 190 -18.46 14.65 -45.46
C VAL D 190 -17.96 15.32 -44.19
N TYR D 191 -16.73 15.01 -43.80
CA TYR D 191 -16.09 15.64 -42.66
C TYR D 191 -14.85 16.36 -43.17
N ALA D 192 -14.86 17.69 -43.06
CA ALA D 192 -13.80 18.51 -43.61
C ALA D 192 -13.18 19.38 -42.53
N CYS D 193 -11.91 19.67 -42.72
CA CYS D 193 -11.11 20.52 -41.85
C CYS D 193 -10.56 21.65 -42.72
N GLU D 194 -10.97 22.89 -42.45
CA GLU D 194 -10.56 24.04 -43.24
C GLU D 194 -9.55 24.88 -42.48
N VAL D 195 -8.40 25.15 -43.11
CA VAL D 195 -7.24 25.73 -42.44
C VAL D 195 -6.90 27.07 -43.06
N THR D 196 -6.76 28.09 -42.22
CA THR D 196 -6.34 29.43 -42.63
C THR D 196 -4.98 29.73 -42.03
N HIS D 197 -4.04 30.20 -42.86
CA HIS D 197 -2.72 30.55 -42.36
C HIS D 197 -2.06 31.53 -43.31
N GLN D 198 -1.17 32.37 -42.75
CA GLN D 198 -0.49 33.40 -43.52
C GLN D 198 0.29 32.82 -44.69
N GLY D 199 0.81 31.61 -44.54
CA GLY D 199 1.56 30.98 -45.62
C GLY D 199 0.73 30.37 -46.73
N LEU D 200 -0.60 30.41 -46.61
CA LEU D 200 -1.51 29.87 -47.62
C LEU D 200 -2.23 31.03 -48.29
N SER D 201 -2.22 31.04 -49.63
CA SER D 201 -2.90 32.11 -50.37
C SER D 201 -4.41 32.05 -50.16
N SER D 202 -4.98 30.86 -50.22
CA SER D 202 -6.38 30.60 -49.93
C SER D 202 -6.45 29.42 -48.98
N PRO D 203 -7.58 29.25 -48.29
CA PRO D 203 -7.70 28.17 -47.30
C PRO D 203 -7.56 26.78 -47.90
N VAL D 204 -6.99 25.87 -47.11
CA VAL D 204 -6.83 24.47 -47.50
C VAL D 204 -7.88 23.66 -46.76
N THR D 205 -8.56 22.76 -47.47
CA THR D 205 -9.53 21.84 -46.89
C THR D 205 -9.06 20.42 -47.16
N LYS D 206 -8.93 19.62 -46.11
CA LYS D 206 -8.75 18.18 -46.24
C LYS D 206 -9.97 17.50 -45.65
N SER D 207 -10.56 16.56 -46.39
CA SER D 207 -11.80 15.94 -45.96
C SER D 207 -11.78 14.45 -46.22
N PHE D 208 -12.79 13.77 -45.67
CA PHE D 208 -13.05 12.37 -45.97
C PHE D 208 -14.55 12.16 -45.89
N ASN D 209 -14.99 11.07 -46.52
CA ASN D 209 -16.39 10.65 -46.46
C ASN D 209 -16.50 9.45 -45.53
N ARG D 210 -17.43 9.54 -44.58
CA ARG D 210 -17.69 8.45 -43.64
C ARG D 210 -17.98 7.14 -44.34
N GLY D 211 -17.08 6.17 -44.22
CA GLY D 211 -17.25 4.85 -44.79
C GLY D 211 -16.37 4.56 -45.98
N GLU D 212 -15.84 5.59 -46.64
CA GLU D 212 -15.07 5.43 -47.86
C GLU D 212 -13.57 5.26 -47.56
N CYS D 213 -12.76 5.20 -48.63
CA CYS D 213 -11.33 4.93 -48.56
C CYS D 213 -11.04 3.59 -47.89
N GLN E 1 4.97 -34.07 -37.36
CA GLN E 1 4.74 -35.11 -36.37
C GLN E 1 3.25 -35.35 -36.25
N VAL E 2 2.80 -36.51 -36.69
CA VAL E 2 1.44 -36.92 -36.39
C VAL E 2 1.30 -37.07 -34.89
N GLN E 3 0.27 -36.46 -34.31
CA GLN E 3 0.23 -36.28 -32.87
C GLN E 3 -1.18 -36.31 -32.29
N LEU E 4 -1.29 -36.88 -31.10
CA LEU E 4 -2.48 -36.84 -30.27
C LEU E 4 -2.09 -36.27 -28.91
N LEU E 5 -2.83 -35.27 -28.44
CA LEU E 5 -2.51 -34.57 -27.21
C LEU E 5 -3.75 -34.60 -26.31
N GLU E 6 -3.69 -35.37 -25.23
CA GLU E 6 -4.78 -35.45 -24.27
C GLU E 6 -4.67 -34.33 -23.24
N SER E 7 -5.82 -33.91 -22.74
CA SER E 7 -5.88 -32.98 -21.61
C SER E 7 -7.17 -33.21 -20.86
N GLY E 8 -7.27 -32.61 -19.68
CA GLY E 8 -8.47 -32.67 -18.87
C GLY E 8 -8.38 -33.54 -17.63
N GLY E 9 -7.31 -34.30 -17.45
CA GLY E 9 -7.21 -35.16 -16.29
C GLY E 9 -7.11 -34.36 -14.99
N GLY E 10 -7.29 -35.06 -13.89
CA GLY E 10 -7.24 -34.39 -12.59
C GLY E 10 -7.89 -35.24 -11.52
N VAL E 11 -8.26 -34.57 -10.44
CA VAL E 11 -8.89 -35.20 -9.29
C VAL E 11 -10.38 -34.95 -9.35
N VAL E 12 -11.16 -35.99 -9.06
CA VAL E 12 -12.62 -35.88 -9.01
C VAL E 12 -13.11 -36.69 -7.81
N ARG E 13 -14.07 -36.15 -7.08
CA ARG E 13 -14.68 -36.91 -6.00
C ARG E 13 -15.49 -38.07 -6.59
N PRO E 14 -15.56 -39.21 -5.91
CA PRO E 14 -16.42 -40.30 -6.37
C PRO E 14 -17.85 -39.81 -6.58
N GLY E 15 -18.47 -40.28 -7.66
CA GLY E 15 -19.76 -39.78 -8.06
C GLY E 15 -19.71 -38.52 -8.91
N GLY E 16 -18.55 -37.90 -9.06
CA GLY E 16 -18.41 -36.68 -9.82
C GLY E 16 -18.22 -36.91 -11.30
N SER E 17 -17.89 -35.83 -12.00
CA SER E 17 -17.85 -35.84 -13.45
C SER E 17 -16.61 -35.10 -13.93
N LEU E 18 -16.08 -35.56 -15.07
CA LEU E 18 -14.90 -34.98 -15.68
C LEU E 18 -14.95 -35.27 -17.18
N ARG E 19 -14.58 -34.28 -17.98
CA ARG E 19 -14.57 -34.38 -19.44
C ARG E 19 -13.13 -34.35 -19.93
N LEU E 20 -12.71 -35.42 -20.60
CA LEU E 20 -11.39 -35.51 -21.21
C LEU E 20 -11.46 -35.08 -22.67
N SER E 21 -10.37 -34.50 -23.15
CA SER E 21 -10.28 -34.09 -24.54
C SER E 21 -8.95 -34.56 -25.11
N CYS E 22 -8.93 -34.76 -26.43
CA CYS E 22 -7.76 -35.20 -27.17
C CYS E 22 -7.68 -34.41 -28.46
N ALA E 23 -6.61 -33.65 -28.65
CA ALA E 23 -6.42 -32.82 -29.84
C ALA E 23 -5.50 -33.50 -30.83
N ALA E 24 -5.97 -33.67 -32.07
CA ALA E 24 -5.22 -34.28 -33.16
C ALA E 24 -4.61 -33.23 -34.09
N SER E 25 -3.41 -33.53 -34.62
CA SER E 25 -2.75 -32.69 -35.61
C SER E 25 -1.85 -33.54 -36.50
N GLY E 26 -1.64 -33.08 -37.74
CA GLY E 26 -0.77 -33.79 -38.66
C GLY E 26 -1.43 -34.86 -39.51
N PHE E 27 -2.76 -34.98 -39.47
CA PHE E 27 -3.46 -35.91 -40.35
C PHE E 27 -4.92 -35.47 -40.49
N ASN E 28 -5.60 -36.06 -41.47
CA ASN E 28 -7.00 -35.74 -41.73
C ASN E 28 -7.84 -36.42 -40.66
N PHE E 29 -8.03 -35.71 -39.55
CA PHE E 29 -8.73 -36.25 -38.39
C PHE E 29 -10.09 -36.83 -38.74
N GLU E 30 -10.82 -36.18 -39.65
CA GLU E 30 -12.17 -36.62 -39.98
C GLU E 30 -12.24 -38.00 -40.59
N ASP E 31 -11.11 -38.57 -41.02
CA ASP E 31 -11.04 -39.89 -41.65
C ASP E 31 -10.89 -41.06 -40.68
N PHE E 32 -10.61 -40.82 -39.40
CA PHE E 32 -10.19 -41.88 -38.50
C PHE E 32 -11.17 -42.07 -37.35
N GLY E 33 -11.49 -43.33 -37.06
CA GLY E 33 -12.11 -43.65 -35.80
C GLY E 33 -11.15 -43.43 -34.65
N MET E 34 -11.70 -43.12 -33.49
CA MET E 34 -10.90 -42.83 -32.31
C MET E 34 -11.33 -43.73 -31.16
N SER E 35 -10.36 -44.07 -30.30
CA SER E 35 -10.58 -44.90 -29.13
C SER E 35 -10.00 -44.23 -27.89
N TRP E 36 -10.57 -44.56 -26.74
CA TRP E 36 -9.93 -44.29 -25.45
C TRP E 36 -9.44 -45.61 -24.86
N VAL E 37 -8.21 -45.62 -24.37
CA VAL E 37 -7.61 -46.77 -23.70
C VAL E 37 -7.02 -46.28 -22.39
N ARG E 38 -7.32 -46.99 -21.31
CA ARG E 38 -6.86 -46.55 -20.00
C ARG E 38 -5.98 -47.62 -19.36
N GLN E 39 -5.14 -47.18 -18.42
CA GLN E 39 -4.30 -48.07 -17.64
C GLN E 39 -4.37 -47.68 -16.18
N ALA E 40 -5.08 -48.49 -15.39
CA ALA E 40 -5.13 -48.28 -13.97
C ALA E 40 -3.78 -48.62 -13.34
N PRO E 41 -3.45 -48.02 -12.20
CA PRO E 41 -2.18 -48.30 -11.54
C PRO E 41 -1.93 -49.79 -11.32
N GLY E 42 -0.78 -50.25 -11.80
CA GLY E 42 -0.37 -51.63 -11.61
C GLY E 42 -1.12 -52.65 -12.44
N LYS E 43 -1.83 -52.21 -13.48
CA LYS E 43 -2.62 -53.10 -14.31
C LYS E 43 -2.23 -52.89 -15.76
N GLY E 44 -2.90 -53.65 -16.64
CA GLY E 44 -2.64 -53.57 -18.05
C GLY E 44 -3.53 -52.58 -18.79
N LEU E 45 -3.35 -52.54 -20.11
CA LEU E 45 -4.19 -51.71 -20.95
C LEU E 45 -5.61 -52.27 -21.00
N GLU E 46 -6.59 -51.37 -20.93
CA GLU E 46 -8.01 -51.73 -21.06
C GLU E 46 -8.66 -50.75 -22.03
N TRP E 47 -9.20 -51.28 -23.11
CA TRP E 47 -9.97 -50.45 -24.04
C TRP E 47 -11.26 -50.01 -23.37
N VAL E 48 -11.64 -48.75 -23.59
CA VAL E 48 -12.78 -48.13 -22.93
C VAL E 48 -13.91 -47.83 -23.91
N SER E 49 -13.62 -47.12 -24.98
CA SER E 49 -14.67 -46.67 -25.87
C SER E 49 -14.07 -46.34 -27.23
N SER E 50 -14.91 -46.36 -28.26
CA SER E 50 -14.52 -46.01 -29.62
C SER E 50 -15.69 -45.34 -30.34
N ILE E 51 -15.36 -44.37 -31.19
CA ILE E 51 -16.33 -43.72 -32.06
C ILE E 51 -15.79 -43.78 -33.49
N SER E 52 -16.60 -44.26 -34.42
CA SER E 52 -16.17 -44.40 -35.81
C SER E 52 -15.96 -43.03 -36.45
N TRP E 53 -15.29 -43.03 -37.60
CA TRP E 53 -14.88 -41.79 -38.25
C TRP E 53 -16.05 -40.84 -38.44
N ASN E 54 -17.21 -41.38 -38.78
CA ASN E 54 -18.41 -40.59 -39.01
C ASN E 54 -19.41 -40.72 -37.86
N GLY E 55 -19.00 -41.27 -36.73
CA GLY E 55 -19.89 -41.40 -35.59
C GLY E 55 -20.97 -42.45 -35.72
N ALA E 56 -20.95 -43.25 -36.79
CA ALA E 56 -22.05 -44.19 -37.02
C ALA E 56 -21.96 -45.41 -36.12
N ASN E 57 -20.78 -45.72 -35.60
CA ASN E 57 -20.62 -46.89 -34.74
C ASN E 57 -19.88 -46.47 -33.47
N ILE E 58 -20.52 -46.67 -32.33
CA ILE E 58 -19.97 -46.28 -31.03
C ILE E 58 -20.06 -47.49 -30.12
N GLY E 59 -18.96 -47.76 -29.40
CA GLY E 59 -18.92 -48.88 -28.49
C GLY E 59 -18.29 -48.51 -27.16
N TYR E 60 -18.72 -49.21 -26.11
CA TYR E 60 -18.19 -49.00 -24.77
C TYR E 60 -17.91 -50.36 -24.13
N VAL E 61 -16.85 -50.40 -23.32
CA VAL E 61 -16.65 -51.56 -22.46
C VAL E 61 -17.77 -51.62 -21.42
N ASP E 62 -18.14 -52.85 -21.05
CA ASP E 62 -19.33 -53.09 -20.23
C ASP E 62 -19.35 -52.24 -18.96
N SER E 63 -18.18 -52.09 -18.34
CA SER E 63 -18.14 -51.45 -17.03
C SER E 63 -18.43 -49.96 -17.04
N VAL E 64 -18.44 -49.30 -18.20
CA VAL E 64 -18.67 -47.86 -18.27
C VAL E 64 -19.94 -47.50 -19.03
N LYS E 65 -20.68 -48.49 -19.53
CA LYS E 65 -21.95 -48.22 -20.20
C LYS E 65 -22.90 -47.50 -19.27
N GLY E 66 -23.50 -46.41 -19.76
CA GLY E 66 -24.40 -45.61 -18.98
C GLY E 66 -23.73 -44.60 -18.07
N ARG E 67 -22.40 -44.63 -17.97
CA ARG E 67 -21.64 -43.66 -17.20
C ARG E 67 -20.75 -42.79 -18.07
N PHE E 68 -20.18 -43.34 -19.14
CA PHE E 68 -19.31 -42.63 -20.05
C PHE E 68 -20.03 -42.35 -21.37
N THR E 69 -19.66 -41.24 -22.00
CA THR E 69 -20.15 -40.90 -23.33
C THR E 69 -18.98 -40.38 -24.15
N ILE E 70 -18.75 -40.99 -25.30
CA ILE E 70 -17.69 -40.58 -26.22
C ILE E 70 -18.31 -39.69 -27.28
N SER E 71 -17.53 -38.73 -27.78
CA SER E 71 -17.99 -37.85 -28.86
C SER E 71 -16.77 -37.22 -29.51
N ARG E 72 -17.01 -36.54 -30.63
CA ARG E 72 -15.95 -35.90 -31.40
C ARG E 72 -16.46 -34.60 -31.99
N ASP E 73 -15.54 -33.68 -32.26
CA ASP E 73 -15.82 -32.43 -32.96
C ASP E 73 -14.77 -32.30 -34.05
N ASN E 74 -15.15 -32.62 -35.29
CA ASN E 74 -14.18 -32.62 -36.38
C ASN E 74 -13.67 -31.22 -36.66
N ALA E 75 -14.45 -30.19 -36.34
CA ALA E 75 -14.02 -28.82 -36.58
C ALA E 75 -12.91 -28.39 -35.63
N LYS E 76 -12.82 -29.03 -34.46
CA LYS E 76 -11.74 -28.79 -33.52
C LYS E 76 -10.66 -29.87 -33.58
N ASN E 77 -10.77 -30.82 -34.51
CA ASN E 77 -9.86 -31.97 -34.57
C ASN E 77 -9.77 -32.64 -33.19
N SER E 78 -10.91 -32.83 -32.54
CA SER E 78 -10.90 -33.19 -31.14
C SER E 78 -11.83 -34.35 -30.82
N LEU E 79 -11.38 -35.19 -29.89
CA LEU E 79 -12.12 -36.31 -29.36
C LEU E 79 -12.40 -36.05 -27.87
N TYR E 80 -13.57 -36.47 -27.40
CA TYR E 80 -13.97 -36.20 -26.03
C TYR E 80 -14.45 -37.46 -25.33
N LEU E 81 -14.34 -37.45 -24.00
CA LEU E 81 -14.89 -38.50 -23.13
C LEU E 81 -15.52 -37.84 -21.92
N GLN E 82 -16.86 -37.86 -21.85
CA GLN E 82 -17.59 -37.37 -20.69
C GLN E 82 -17.75 -38.51 -19.69
N MET E 83 -17.13 -38.37 -18.51
CA MET E 83 -17.14 -39.42 -17.49
C MET E 83 -18.05 -39.00 -16.32
N ASN E 84 -19.18 -39.70 -16.18
CA ASN E 84 -20.13 -39.43 -15.10
C ASN E 84 -20.12 -40.59 -14.10
N SER E 85 -20.57 -40.30 -12.88
CA SER E 85 -20.66 -41.28 -11.80
C SER E 85 -19.37 -42.07 -11.66
N LEU E 86 -18.27 -41.33 -11.52
CA LEU E 86 -16.94 -41.92 -11.47
C LEU E 86 -16.77 -42.78 -10.23
N ARG E 87 -16.10 -43.92 -10.40
CA ARG E 87 -15.76 -44.79 -9.29
C ARG E 87 -14.25 -44.86 -9.14
N ALA E 88 -13.82 -45.41 -8.00
CA ALA E 88 -12.39 -45.54 -7.74
C ALA E 88 -11.70 -46.40 -8.80
N GLU E 89 -12.39 -47.41 -9.35
CA GLU E 89 -11.79 -48.24 -10.39
C GLU E 89 -11.66 -47.51 -11.71
N ASP E 90 -12.19 -46.30 -11.83
CA ASP E 90 -11.94 -45.47 -13.00
C ASP E 90 -10.60 -44.74 -12.94
N THR E 91 -9.91 -44.80 -11.79
CA THR E 91 -8.59 -44.19 -11.68
C THR E 91 -7.60 -44.88 -12.61
N ALA E 92 -7.01 -44.11 -13.52
CA ALA E 92 -6.15 -44.65 -14.57
C ALA E 92 -5.52 -43.50 -15.34
N LEU E 93 -4.47 -43.85 -16.10
CA LEU E 93 -3.94 -43.01 -17.16
C LEU E 93 -4.72 -43.31 -18.43
N TYR E 94 -5.23 -42.25 -19.07
CA TYR E 94 -6.14 -42.38 -20.20
C TYR E 94 -5.41 -41.95 -21.48
N TYR E 95 -5.25 -42.90 -22.42
CA TYR E 95 -4.71 -42.65 -23.75
C TYR E 95 -5.86 -42.48 -24.77
N CYS E 96 -5.69 -41.57 -25.74
CA CYS E 96 -6.46 -41.64 -26.98
C CYS E 96 -5.60 -42.19 -28.12
N ALA E 97 -6.27 -42.80 -29.09
CA ALA E 97 -5.59 -43.38 -30.24
C ALA E 97 -6.55 -43.42 -31.42
N ILE E 98 -6.00 -43.30 -32.63
CA ILE E 98 -6.77 -43.65 -33.82
C ILE E 98 -7.02 -45.15 -33.79
N ASP E 99 -8.15 -45.58 -34.32
CA ASP E 99 -8.26 -47.01 -34.54
C ASP E 99 -8.37 -47.31 -36.03
N TRP E 100 -9.54 -47.13 -36.62
CA TRP E 100 -9.72 -47.52 -38.01
C TRP E 100 -9.56 -46.32 -38.93
N TYR E 101 -9.04 -46.58 -40.13
CA TYR E 101 -9.17 -45.62 -41.21
C TYR E 101 -10.53 -45.84 -41.85
N ARG E 102 -11.44 -44.90 -41.60
CA ARG E 102 -12.83 -45.00 -42.06
C ARG E 102 -13.40 -46.34 -41.61
N ASP E 103 -14.10 -47.03 -42.50
CA ASP E 103 -14.50 -48.41 -42.24
C ASP E 103 -13.71 -49.38 -43.12
N ASP E 104 -12.51 -48.97 -43.52
CA ASP E 104 -11.68 -49.67 -44.51
C ASP E 104 -10.71 -50.66 -43.85
N TYR E 105 -9.86 -50.17 -42.93
CA TYR E 105 -8.87 -51.08 -42.36
C TYR E 105 -8.47 -50.56 -40.98
N TYR E 106 -8.12 -51.50 -40.11
CA TYR E 106 -7.58 -51.21 -38.78
C TYR E 106 -6.20 -50.58 -38.88
N LYS E 107 -5.98 -49.50 -38.12
CA LYS E 107 -4.64 -48.89 -38.15
C LYS E 107 -4.04 -48.77 -36.76
N MET E 108 -4.56 -47.86 -35.93
CA MET E 108 -4.24 -47.81 -34.50
C MET E 108 -2.74 -47.69 -34.21
N ASP E 109 -2.00 -46.98 -35.06
CA ASP E 109 -0.56 -46.82 -34.89
C ASP E 109 -0.16 -45.42 -34.43
N VAL E 110 -1.10 -44.62 -33.94
CA VAL E 110 -0.86 -43.28 -33.43
C VAL E 110 -1.52 -43.16 -32.07
N TRP E 111 -0.71 -42.89 -31.04
CA TRP E 111 -1.20 -42.79 -29.68
C TRP E 111 -0.71 -41.49 -29.05
N GLY E 112 -1.49 -40.97 -28.11
CA GLY E 112 -1.07 -39.85 -27.30
C GLY E 112 -0.22 -40.29 -26.11
N LYS E 113 0.16 -39.32 -25.28
CA LYS E 113 0.99 -39.61 -24.13
C LYS E 113 0.17 -40.01 -22.89
N GLY E 114 -1.12 -39.74 -22.87
CA GLY E 114 -1.98 -40.08 -21.75
C GLY E 114 -2.21 -38.89 -20.82
N THR E 115 -3.37 -38.89 -20.16
CA THR E 115 -3.66 -37.93 -19.10
C THR E 115 -4.23 -38.67 -17.90
N THR E 116 -3.92 -38.17 -16.71
CA THR E 116 -4.17 -38.89 -15.47
C THR E 116 -5.50 -38.51 -14.85
N VAL E 117 -6.32 -39.51 -14.53
CA VAL E 117 -7.60 -39.32 -13.86
C VAL E 117 -7.55 -40.00 -12.49
N THR E 118 -7.85 -39.24 -11.44
CA THR E 118 -7.80 -39.73 -10.07
C THR E 118 -9.15 -39.51 -9.40
N VAL E 119 -9.81 -40.60 -8.97
CA VAL E 119 -11.10 -40.51 -8.31
C VAL E 119 -10.89 -40.73 -6.82
N SER E 120 -10.99 -39.64 -6.05
CA SER E 120 -10.73 -39.66 -4.63
C SER E 120 -11.45 -38.49 -3.98
N SER E 121 -11.81 -38.66 -2.71
CA SER E 121 -12.37 -37.55 -1.94
C SER E 121 -11.30 -36.63 -1.40
N ALA E 122 -10.03 -37.06 -1.40
CA ALA E 122 -9.00 -36.29 -0.73
C ALA E 122 -8.71 -35.01 -1.50
N SER E 123 -8.08 -34.07 -0.79
CA SER E 123 -7.80 -32.76 -1.34
C SER E 123 -6.46 -32.76 -2.07
N THR E 124 -6.36 -31.86 -3.04
CA THR E 124 -5.11 -31.67 -3.76
C THR E 124 -4.12 -30.96 -2.85
N LYS E 125 -2.93 -31.52 -2.72
CA LYS E 125 -1.87 -30.96 -1.89
C LYS E 125 -0.58 -30.95 -2.69
N GLY E 126 0.12 -29.82 -2.66
CA GLY E 126 1.35 -29.67 -3.36
C GLY E 126 2.48 -30.27 -2.56
N PRO E 127 3.57 -30.64 -3.23
CA PRO E 127 4.65 -31.36 -2.55
C PRO E 127 5.64 -30.45 -1.85
N SER E 128 6.24 -31.01 -0.80
CA SER E 128 7.44 -30.42 -0.22
C SER E 128 8.66 -31.01 -0.91
N VAL E 129 9.67 -30.17 -1.14
CA VAL E 129 10.90 -30.57 -1.81
C VAL E 129 12.06 -30.35 -0.86
N PHE E 130 12.64 -31.46 -0.37
CA PHE E 130 13.79 -31.45 0.52
C PHE E 130 15.02 -31.97 -0.21
N PRO E 131 16.22 -31.51 0.13
CA PRO E 131 17.42 -31.95 -0.58
C PRO E 131 17.99 -33.27 -0.08
N LEU E 132 18.57 -34.02 -1.01
CA LEU E 132 19.43 -35.16 -0.72
C LEU E 132 20.85 -34.72 -1.04
N ALA E 133 21.60 -34.29 0.00
CA ALA E 133 22.89 -33.65 -0.20
C ALA E 133 24.00 -34.69 -0.36
N PRO E 134 24.96 -34.43 -1.26
CA PRO E 134 26.09 -35.37 -1.46
C PRO E 134 26.98 -35.49 -0.24
N SER E 135 27.79 -36.55 -0.23
CA SER E 135 28.74 -36.79 0.86
C SER E 135 29.89 -35.77 0.83
N THR E 143 32.81 -40.55 -7.75
CA THR E 143 31.41 -40.31 -8.12
C THR E 143 30.53 -40.10 -6.89
N ALA E 144 29.73 -39.05 -6.90
CA ALA E 144 28.82 -38.73 -5.82
C ALA E 144 27.37 -38.81 -6.29
N ALA E 145 26.47 -39.03 -5.35
CA ALA E 145 25.04 -39.09 -5.63
C ALA E 145 24.31 -38.01 -4.85
N LEU E 146 23.33 -37.39 -5.50
CA LEU E 146 22.52 -36.35 -4.87
C LEU E 146 21.11 -36.39 -5.46
N GLY E 147 20.18 -35.73 -4.79
CA GLY E 147 18.82 -35.79 -5.26
C GLY E 147 17.89 -34.87 -4.52
N CYS E 148 16.60 -35.06 -4.79
CA CYS E 148 15.50 -34.31 -4.18
C CYS E 148 14.47 -35.30 -3.67
N LEU E 149 13.89 -34.98 -2.52
CA LEU E 149 12.82 -35.78 -1.93
C LEU E 149 11.52 -34.99 -2.07
N VAL E 150 10.61 -35.49 -2.90
CA VAL E 150 9.33 -34.84 -3.19
C VAL E 150 8.27 -35.54 -2.35
N LYS E 151 7.86 -34.93 -1.24
CA LYS E 151 7.11 -35.62 -0.19
C LYS E 151 5.74 -34.99 0.04
N ASP E 152 4.77 -35.87 0.35
CA ASP E 152 3.45 -35.50 0.85
C ASP E 152 2.68 -34.64 -0.16
N TYR E 153 2.50 -35.20 -1.34
CA TYR E 153 1.69 -34.54 -2.37
C TYR E 153 0.55 -35.46 -2.76
N PHE E 154 -0.41 -34.88 -3.47
CA PHE E 154 -1.54 -35.61 -3.96
C PHE E 154 -2.18 -34.79 -5.07
N PRO E 155 -2.62 -35.40 -6.18
CA PRO E 155 -2.48 -36.81 -6.56
C PRO E 155 -1.27 -36.99 -7.49
N GLU E 156 -1.08 -38.17 -8.06
CA GLU E 156 -0.11 -38.29 -9.14
C GLU E 156 -0.63 -37.55 -10.38
N PRO E 157 0.27 -37.09 -11.27
CA PRO E 157 1.71 -37.32 -11.18
C PRO E 157 2.52 -36.10 -10.79
N VAL E 158 3.80 -36.35 -10.50
CA VAL E 158 4.80 -35.31 -10.39
C VAL E 158 5.87 -35.61 -11.43
N THR E 159 6.38 -34.56 -12.07
CA THR E 159 7.55 -34.68 -12.93
C THR E 159 8.71 -33.93 -12.29
N VAL E 160 9.89 -34.51 -12.44
CA VAL E 160 11.13 -33.92 -11.98
C VAL E 160 12.08 -33.91 -13.16
N SER E 161 12.70 -32.77 -13.40
CA SER E 161 13.81 -32.64 -14.33
C SER E 161 14.99 -32.05 -13.59
N TRP E 162 16.14 -32.02 -14.23
CA TRP E 162 17.32 -31.47 -13.59
C TRP E 162 17.91 -30.37 -14.46
N ASN E 163 18.14 -29.21 -13.85
CA ASN E 163 18.65 -28.04 -14.54
C ASN E 163 17.84 -27.73 -15.79
N SER E 164 16.51 -27.76 -15.64
CA SER E 164 15.57 -27.44 -16.71
C SER E 164 15.79 -28.32 -17.94
N GLY E 165 16.12 -29.59 -17.70
CA GLY E 165 16.36 -30.55 -18.76
C GLY E 165 17.79 -30.63 -19.23
N ALA E 166 18.68 -29.78 -18.71
CA ALA E 166 20.07 -29.78 -19.17
C ALA E 166 20.80 -31.07 -18.79
N LEU E 167 20.56 -31.58 -17.58
CA LEU E 167 21.23 -32.78 -17.11
C LEU E 167 20.26 -33.95 -17.20
N THR E 168 20.63 -34.96 -18.01
CA THR E 168 19.76 -36.12 -18.22
C THR E 168 20.45 -37.46 -17.95
N SER E 169 21.71 -37.60 -18.34
CA SER E 169 22.43 -38.85 -18.10
C SER E 169 22.69 -39.04 -16.62
N GLY E 170 22.39 -40.24 -16.13
CA GLY E 170 22.58 -40.58 -14.75
C GLY E 170 21.41 -40.26 -13.85
N VAL E 171 20.31 -39.77 -14.39
CA VAL E 171 19.15 -39.41 -13.58
C VAL E 171 18.27 -40.64 -13.41
N HIS E 172 17.78 -40.83 -12.18
CA HIS E 172 16.77 -41.84 -11.88
C HIS E 172 15.70 -41.17 -11.04
N THR E 173 14.49 -41.07 -11.59
CA THR E 173 13.35 -40.62 -10.82
C THR E 173 12.52 -41.86 -10.49
N PHE E 174 12.39 -42.16 -9.22
CA PHE E 174 11.76 -43.38 -8.76
C PHE E 174 10.24 -43.25 -8.82
N PRO E 175 9.55 -44.38 -8.97
CA PRO E 175 8.09 -44.36 -8.84
C PRO E 175 7.68 -43.86 -7.46
N ALA E 176 6.58 -43.14 -7.41
CA ALA E 176 6.08 -42.64 -6.14
C ALA E 176 5.58 -43.79 -5.28
N VAL E 177 5.49 -43.53 -3.98
CA VAL E 177 4.96 -44.49 -3.02
C VAL E 177 3.84 -43.83 -2.25
N LEU E 178 2.70 -44.51 -2.16
CA LEU E 178 1.58 -44.03 -1.36
C LEU E 178 1.84 -44.41 0.09
N GLN E 179 2.01 -43.40 0.94
CA GLN E 179 2.29 -43.62 2.35
C GLN E 179 1.01 -43.96 3.10
N SER E 180 1.18 -44.50 4.30
CA SER E 180 0.02 -44.83 5.12
C SER E 180 -0.84 -43.60 5.43
N SER E 181 -0.27 -42.40 5.30
CA SER E 181 -1.04 -41.18 5.48
C SER E 181 -1.99 -40.93 4.31
N GLY E 182 -1.75 -41.54 3.15
CA GLY E 182 -2.54 -41.26 1.97
C GLY E 182 -1.93 -40.28 0.98
N LEU E 183 -0.76 -39.72 1.28
CA LEU E 183 -0.08 -38.81 0.38
C LEU E 183 1.05 -39.53 -0.34
N TYR E 184 1.40 -39.02 -1.53
CA TYR E 184 2.46 -39.63 -2.31
C TYR E 184 3.79 -38.96 -2.04
N SER E 185 4.86 -39.71 -2.26
CA SER E 185 6.21 -39.22 -2.07
C SER E 185 7.12 -39.96 -3.05
N LEU E 186 8.10 -39.25 -3.58
CA LEU E 186 9.09 -39.88 -4.45
C LEU E 186 10.44 -39.20 -4.28
N SER E 187 11.47 -39.86 -4.76
CA SER E 187 12.81 -39.32 -4.78
C SER E 187 13.29 -39.29 -6.23
N SER E 188 14.09 -38.27 -6.55
CA SER E 188 14.82 -38.23 -7.81
C SER E 188 16.29 -38.05 -7.46
N VAL E 189 17.13 -38.93 -7.99
CA VAL E 189 18.56 -38.90 -7.69
C VAL E 189 19.33 -38.81 -9.00
N VAL E 190 20.58 -38.39 -8.89
CA VAL E 190 21.49 -38.39 -10.04
C VAL E 190 22.89 -38.62 -9.50
N THR E 191 23.69 -39.37 -10.26
CA THR E 191 25.08 -39.58 -9.92
C THR E 191 25.91 -38.57 -10.70
N VAL E 192 26.86 -37.96 -9.99
CA VAL E 192 27.63 -36.86 -10.56
C VAL E 192 29.12 -37.12 -10.33
N PRO E 193 29.99 -36.51 -11.12
CA PRO E 193 31.42 -36.58 -10.84
C PRO E 193 31.77 -35.87 -9.54
N SER E 194 32.67 -36.47 -8.76
CA SER E 194 33.08 -35.85 -7.52
C SER E 194 33.69 -34.47 -7.77
N SER E 195 34.42 -34.33 -8.88
CA SER E 195 35.09 -33.06 -9.18
C SER E 195 34.10 -31.93 -9.41
N SER E 196 32.89 -32.24 -9.84
CA SER E 196 31.93 -31.19 -10.16
C SER E 196 31.12 -30.70 -8.96
N LEU E 197 31.33 -31.27 -7.76
CA LEU E 197 30.50 -30.89 -6.61
C LEU E 197 30.71 -29.43 -6.24
N GLY E 198 31.90 -28.90 -6.46
CA GLY E 198 32.15 -27.51 -6.12
C GLY E 198 32.01 -26.58 -7.29
N THR E 199 32.14 -27.10 -8.51
CA THR E 199 32.08 -26.27 -9.71
C THR E 199 30.70 -26.21 -10.34
N GLN E 200 29.91 -27.27 -10.23
CA GLN E 200 28.60 -27.33 -10.87
C GLN E 200 27.51 -27.13 -9.84
N THR E 201 26.50 -26.34 -10.22
CA THR E 201 25.33 -26.14 -9.38
C THR E 201 24.27 -27.16 -9.77
N TYR E 202 23.59 -27.73 -8.77
CA TYR E 202 22.58 -28.76 -9.01
C TYR E 202 21.25 -28.33 -8.43
N ILE E 203 20.23 -28.20 -9.29
CA ILE E 203 18.87 -27.86 -8.88
C ILE E 203 17.88 -28.78 -9.60
N CYS E 204 17.00 -29.39 -8.84
CA CYS E 204 15.93 -30.22 -9.39
C CYS E 204 14.68 -29.38 -9.60
N ASN E 205 13.95 -29.68 -10.67
CA ASN E 205 12.76 -28.94 -11.06
C ASN E 205 11.54 -29.84 -10.89
N VAL E 206 10.73 -29.54 -9.89
CA VAL E 206 9.52 -30.31 -9.59
C VAL E 206 8.34 -29.52 -10.15
N ASN E 207 7.55 -30.16 -11.01
CA ASN E 207 6.35 -29.56 -11.56
C ASN E 207 5.19 -30.48 -11.17
N HIS E 208 4.20 -29.92 -10.50
CA HIS E 208 3.01 -30.67 -10.08
C HIS E 208 1.78 -29.92 -10.59
N LYS E 209 1.32 -30.29 -11.79
CA LYS E 209 0.18 -29.61 -12.40
C LYS E 209 -1.09 -29.64 -11.56
N PRO E 210 -1.50 -30.75 -10.93
CA PRO E 210 -2.78 -30.76 -10.21
C PRO E 210 -2.95 -29.68 -9.15
N SER E 211 -1.87 -29.17 -8.54
CA SER E 211 -1.98 -28.15 -7.51
C SER E 211 -1.38 -26.81 -7.93
N ASN E 212 -0.97 -26.67 -9.19
CA ASN E 212 -0.27 -25.47 -9.66
C ASN E 212 0.92 -25.15 -8.76
N THR E 213 1.72 -26.19 -8.50
CA THR E 213 2.91 -26.10 -7.68
C THR E 213 4.12 -26.37 -8.56
N LYS E 214 4.98 -25.38 -8.74
CA LYS E 214 6.29 -25.56 -9.36
C LYS E 214 7.33 -25.08 -8.36
N VAL E 215 8.25 -25.96 -7.99
CA VAL E 215 9.28 -25.66 -7.00
C VAL E 215 10.63 -26.09 -7.55
N ASP E 216 11.64 -25.22 -7.40
CA ASP E 216 13.03 -25.55 -7.74
C ASP E 216 13.87 -25.48 -6.47
N LYS E 217 14.39 -26.63 -6.01
CA LYS E 217 15.17 -26.72 -4.79
C LYS E 217 16.64 -26.93 -5.13
N ARG E 218 17.51 -26.11 -4.56
CA ARG E 218 18.94 -26.25 -4.76
C ARG E 218 19.51 -27.35 -3.87
N VAL E 219 20.36 -28.19 -4.46
CA VAL E 219 21.00 -29.29 -3.75
C VAL E 219 22.49 -29.00 -3.70
N GLU E 220 22.97 -28.47 -2.57
CA GLU E 220 24.37 -28.11 -2.37
C GLU E 220 24.98 -28.97 -1.25
N PRO E 221 26.30 -29.20 -1.29
CA PRO E 221 26.95 -29.91 -0.17
C PRO E 221 26.90 -29.08 1.11
N LYS E 222 26.51 -29.74 2.20
CA LYS E 222 26.33 -29.06 3.49
C LYS E 222 27.67 -28.71 4.15
N GLU F 1 -18.42 -61.14 -23.36
CA GLU F 1 -17.12 -60.52 -23.61
C GLU F 1 -16.12 -61.55 -24.07
N ILE F 2 -15.16 -61.13 -24.91
CA ILE F 2 -14.09 -61.99 -25.38
C ILE F 2 -12.97 -61.98 -24.37
N VAL F 3 -12.49 -63.16 -23.98
CA VAL F 3 -11.43 -63.28 -22.99
C VAL F 3 -10.11 -63.52 -23.71
N MET F 4 -9.14 -62.65 -23.44
CA MET F 4 -7.79 -62.74 -23.99
C MET F 4 -6.86 -63.19 -22.88
N THR F 5 -6.24 -64.35 -23.08
CA THR F 5 -5.34 -64.93 -22.10
C THR F 5 -3.93 -64.97 -22.68
N GLN F 6 -3.01 -64.24 -22.07
CA GLN F 6 -1.61 -64.22 -22.48
C GLN F 6 -0.75 -65.03 -21.54
N SER F 7 0.30 -65.64 -22.10
CA SER F 7 1.30 -66.33 -21.31
C SER F 7 2.63 -66.24 -22.05
N PRO F 8 3.76 -66.25 -21.32
CA PRO F 8 3.81 -66.30 -19.86
C PRO F 8 3.54 -64.94 -19.25
N ALA F 9 3.30 -64.88 -17.95
CA ALA F 9 3.13 -63.58 -17.30
C ALA F 9 4.42 -62.77 -17.37
N THR F 10 5.56 -63.41 -17.11
CA THR F 10 6.87 -62.77 -17.16
C THR F 10 7.82 -63.66 -17.95
N LEU F 11 8.91 -63.05 -18.41
CA LEU F 11 9.87 -63.74 -19.27
C LEU F 11 11.20 -63.03 -19.17
N SER F 12 12.26 -63.81 -18.99
CA SER F 12 13.62 -63.29 -18.88
C SER F 12 14.45 -63.94 -19.98
N VAL F 13 15.05 -63.11 -20.83
CA VAL F 13 15.70 -63.55 -22.06
C VAL F 13 17.04 -62.84 -22.18
N SER F 14 18.11 -63.58 -22.71
CA SER F 14 19.42 -62.97 -22.93
C SER F 14 19.47 -62.29 -24.29
N PRO F 15 20.30 -61.26 -24.43
CA PRO F 15 20.39 -60.58 -25.73
C PRO F 15 20.91 -61.53 -26.79
N GLY F 16 20.33 -61.42 -27.99
CA GLY F 16 20.64 -62.31 -29.09
C GLY F 16 19.76 -63.54 -29.20
N GLU F 17 19.09 -63.94 -28.12
CA GLU F 17 18.21 -65.10 -28.16
C GLU F 17 16.84 -64.67 -28.71
N ARG F 18 15.87 -65.57 -28.66
CA ARG F 18 14.51 -65.27 -29.10
C ARG F 18 13.52 -65.66 -28.02
N ALA F 19 12.41 -64.94 -27.98
CA ALA F 19 11.32 -65.19 -27.04
C ALA F 19 10.02 -65.34 -27.81
N THR F 20 9.17 -66.26 -27.36
CA THR F 20 7.87 -66.47 -27.97
C THR F 20 6.79 -66.16 -26.94
N LEU F 21 5.84 -65.31 -27.35
CA LEU F 21 4.73 -64.91 -26.52
C LEU F 21 3.47 -65.54 -27.11
N SER F 22 2.56 -65.98 -26.24
CA SER F 22 1.36 -66.68 -26.67
C SER F 22 0.12 -65.91 -26.26
N CYS F 23 -0.90 -65.96 -27.12
CA CYS F 23 -2.16 -65.29 -26.86
C CYS F 23 -3.27 -66.25 -27.25
N ARG F 24 -4.26 -66.44 -26.38
CA ARG F 24 -5.43 -67.26 -26.69
C ARG F 24 -6.69 -66.42 -26.54
N ALA F 25 -7.59 -66.55 -27.51
CA ALA F 25 -8.90 -65.91 -27.45
C ALA F 25 -9.96 -66.95 -27.11
N SER F 26 -10.92 -66.58 -26.27
CA SER F 26 -11.94 -67.52 -25.83
C SER F 26 -12.85 -67.98 -26.96
N ARG F 27 -12.90 -67.24 -28.06
CA ARG F 27 -13.63 -67.65 -29.25
C ARG F 27 -12.91 -67.05 -30.44
N SER F 28 -13.28 -67.51 -31.63
CA SER F 28 -12.53 -67.11 -32.82
C SER F 28 -12.53 -65.60 -33.03
N ILE F 29 -11.36 -65.04 -33.27
CA ILE F 29 -11.23 -63.66 -33.70
C ILE F 29 -10.67 -63.59 -35.12
N ARG F 30 -10.73 -64.71 -35.83
CA ARG F 30 -10.23 -64.81 -37.20
C ARG F 30 -8.77 -64.39 -37.26
N SER F 31 -8.46 -63.28 -37.90
CA SER F 31 -7.09 -62.77 -37.95
C SER F 31 -6.96 -61.38 -37.34
N ALA F 32 -7.99 -60.88 -36.66
CA ALA F 32 -7.99 -59.52 -36.12
C ALA F 32 -7.27 -59.57 -34.78
N LEU F 33 -5.97 -59.86 -34.85
CA LEU F 33 -5.12 -59.88 -33.67
C LEU F 33 -3.91 -58.99 -33.90
N ALA F 34 -3.65 -58.11 -32.93
CA ALA F 34 -2.52 -57.19 -32.96
C ALA F 34 -1.63 -57.39 -31.75
N TRP F 35 -0.35 -57.04 -31.90
CA TRP F 35 0.61 -57.09 -30.80
C TRP F 35 1.16 -55.69 -30.57
N TYR F 36 1.33 -55.35 -29.28
CA TYR F 36 1.84 -54.05 -28.88
C TYR F 36 3.04 -54.25 -27.98
N GLN F 37 4.00 -53.34 -28.12
CA GLN F 37 5.09 -53.16 -27.18
C GLN F 37 4.80 -51.91 -26.36
N HIS F 38 4.95 -52.00 -25.05
CA HIS F 38 4.72 -50.85 -24.18
C HIS F 38 5.92 -50.66 -23.24
N LYS F 39 6.83 -49.74 -23.61
CA LYS F 39 7.93 -49.40 -22.72
C LYS F 39 7.46 -48.40 -21.66
N PRO F 40 7.94 -48.55 -20.43
CA PRO F 40 7.47 -47.66 -19.37
C PRO F 40 7.75 -46.19 -19.69
N GLY F 41 6.74 -45.35 -19.44
CA GLY F 41 6.83 -43.94 -19.70
C GLY F 41 6.47 -43.50 -21.10
N GLN F 42 6.10 -44.42 -22.00
CA GLN F 42 5.85 -44.07 -23.39
C GLN F 42 4.49 -44.60 -23.83
N ALA F 43 4.06 -44.12 -24.99
CA ALA F 43 2.81 -44.61 -25.52
C ALA F 43 2.98 -46.01 -26.09
N PRO F 44 1.92 -46.82 -26.09
CA PRO F 44 2.00 -48.15 -26.69
C PRO F 44 2.37 -48.03 -28.16
N ARG F 45 3.11 -49.03 -28.64
CA ARG F 45 3.68 -49.03 -29.98
C ARG F 45 3.21 -50.28 -30.72
N LEU F 46 2.54 -50.09 -31.85
CA LEU F 46 2.02 -51.22 -32.62
C LEU F 46 3.15 -51.95 -33.31
N LEU F 47 3.17 -53.28 -33.16
CA LEU F 47 4.15 -54.14 -33.79
C LEU F 47 3.55 -54.95 -34.95
N ILE F 48 2.42 -55.61 -34.71
CA ILE F 48 1.81 -56.56 -35.64
C ILE F 48 0.32 -56.28 -35.66
N PHE F 49 -0.28 -56.36 -36.85
CA PHE F 49 -1.72 -56.44 -37.04
C PHE F 49 -2.05 -57.57 -38.01
N GLY F 50 -3.33 -57.93 -38.07
CA GLY F 50 -3.71 -59.05 -38.91
C GLY F 50 -2.98 -60.34 -38.57
N ALA F 51 -2.59 -60.50 -37.30
CA ALA F 51 -1.92 -61.69 -36.77
C ALA F 51 -0.46 -61.81 -37.23
N SER F 52 -0.16 -61.48 -38.50
CA SER F 52 1.18 -61.73 -39.01
C SER F 52 1.80 -60.60 -39.82
N THR F 53 1.20 -59.41 -39.90
CA THR F 53 1.70 -58.34 -40.75
C THR F 53 2.43 -57.32 -39.87
N ARG F 54 3.68 -57.04 -40.19
CA ARG F 54 4.44 -56.03 -39.46
C ARG F 54 3.91 -54.63 -39.77
N ALA F 55 3.79 -53.79 -38.75
CA ALA F 55 3.41 -52.41 -38.97
C ALA F 55 4.56 -51.64 -39.63
N THR F 56 4.27 -50.42 -40.08
CA THR F 56 5.26 -49.64 -40.81
C THR F 56 6.49 -49.42 -39.94
N GLY F 57 7.67 -49.73 -40.51
CA GLY F 57 8.95 -49.56 -39.84
C GLY F 57 9.31 -50.61 -38.81
N ILE F 58 8.56 -51.70 -38.70
CA ILE F 58 8.89 -52.77 -37.75
C ILE F 58 9.83 -53.78 -38.39
N PRO F 59 10.96 -54.07 -37.77
CA PRO F 59 11.94 -54.98 -38.37
C PRO F 59 11.48 -56.44 -38.37
N ALA F 60 12.08 -57.24 -39.25
CA ALA F 60 11.66 -58.63 -39.44
C ALA F 60 11.92 -59.50 -38.21
N ARG F 61 12.71 -59.05 -37.23
CA ARG F 61 12.88 -59.87 -36.03
C ARG F 61 11.61 -59.94 -35.18
N PHE F 62 10.54 -59.23 -35.54
CA PHE F 62 9.21 -59.43 -34.96
C PHE F 62 8.42 -60.30 -35.93
N SER F 63 8.01 -61.48 -35.48
CA SER F 63 7.30 -62.44 -36.32
C SER F 63 6.04 -62.84 -35.59
N GLY F 64 4.90 -62.61 -36.21
CA GLY F 64 3.62 -62.98 -35.65
C GLY F 64 2.96 -64.03 -36.52
N SER F 65 2.25 -64.96 -35.88
CA SER F 65 1.42 -65.91 -36.62
C SER F 65 0.26 -66.33 -35.73
N GLY F 66 -0.73 -66.94 -36.35
CA GLY F 66 -1.91 -67.41 -35.67
C GLY F 66 -3.19 -67.05 -36.40
N SER F 67 -4.26 -67.70 -35.96
CA SER F 67 -5.58 -67.62 -36.58
C SER F 67 -6.58 -68.25 -35.62
N GLY F 68 -7.78 -67.70 -35.58
CA GLY F 68 -8.83 -68.29 -34.78
C GLY F 68 -8.73 -67.92 -33.31
N THR F 69 -8.16 -68.82 -32.50
CA THR F 69 -8.02 -68.58 -31.08
C THR F 69 -6.58 -68.60 -30.59
N ASP F 70 -5.64 -69.09 -31.38
CA ASP F 70 -4.28 -69.31 -30.90
C ASP F 70 -3.31 -68.52 -31.75
N PHE F 71 -2.50 -67.68 -31.09
CA PHE F 71 -1.58 -66.78 -31.77
C PHE F 71 -0.27 -66.74 -31.01
N THR F 72 0.83 -66.44 -31.72
CA THR F 72 2.11 -66.23 -31.06
C THR F 72 2.83 -65.03 -31.66
N LEU F 73 3.70 -64.43 -30.84
CA LEU F 73 4.65 -63.43 -31.27
C LEU F 73 6.04 -63.94 -30.91
N THR F 74 6.94 -64.00 -31.89
CA THR F 74 8.32 -64.39 -31.62
C THR F 74 9.24 -63.19 -31.91
N VAL F 75 9.98 -62.77 -30.89
CA VAL F 75 10.93 -61.67 -31.02
C VAL F 75 12.33 -62.25 -30.94
N SER F 76 13.07 -62.14 -32.04
CA SER F 76 14.42 -62.68 -32.16
C SER F 76 15.45 -61.54 -32.11
N SER F 77 16.72 -61.92 -32.01
CA SER F 77 17.85 -60.99 -31.87
C SER F 77 17.57 -59.96 -30.78
N ILE F 78 17.22 -60.47 -29.61
CA ILE F 78 16.77 -59.64 -28.50
C ILE F 78 17.88 -58.65 -28.11
N ARG F 79 17.50 -57.39 -27.88
CA ARG F 79 18.42 -56.39 -27.37
CA ARG F 79 18.42 -56.39 -27.37
C ARG F 79 17.90 -55.80 -26.07
N SER F 80 18.77 -55.05 -25.39
CA SER F 80 18.37 -54.47 -24.11
C SER F 80 17.16 -53.55 -24.25
N GLU F 81 17.05 -52.85 -25.38
CA GLU F 81 15.92 -51.96 -25.61
C GLU F 81 14.58 -52.69 -25.72
N ASP F 82 14.58 -54.03 -25.80
CA ASP F 82 13.33 -54.78 -25.88
C ASP F 82 12.67 -54.98 -24.53
N SER F 83 13.34 -54.58 -23.44
CA SER F 83 12.76 -54.65 -22.09
C SER F 83 11.47 -53.81 -22.03
N ALA F 84 10.33 -54.49 -21.90
CA ALA F 84 9.04 -53.82 -21.99
C ALA F 84 7.94 -54.80 -21.60
N VAL F 85 6.70 -54.31 -21.58
CA VAL F 85 5.50 -55.14 -21.49
C VAL F 85 4.91 -55.27 -22.89
N TYR F 86 4.56 -56.50 -23.29
CA TYR F 86 4.02 -56.77 -24.61
C TYR F 86 2.58 -57.26 -24.47
N TYR F 87 1.67 -56.65 -25.22
CA TYR F 87 0.26 -56.96 -25.16
C TYR F 87 -0.25 -57.48 -26.50
N CYS F 88 -1.18 -58.44 -26.44
CA CYS F 88 -1.99 -58.73 -27.61
C CYS F 88 -3.32 -57.98 -27.51
N GLN F 89 -3.97 -57.81 -28.65
CA GLN F 89 -5.26 -57.14 -28.72
C GLN F 89 -6.10 -57.72 -29.85
N GLN F 90 -7.27 -58.25 -29.51
CA GLN F 90 -8.21 -58.66 -30.55
C GLN F 90 -8.99 -57.44 -31.02
N TYR F 91 -9.25 -57.37 -32.34
CA TYR F 91 -10.07 -56.31 -32.89
C TYR F 91 -11.08 -56.85 -33.89
N ASP F 92 -11.55 -58.08 -33.67
CA ASP F 92 -12.62 -58.62 -34.51
C ASP F 92 -13.97 -58.06 -34.12
N PHE F 93 -14.19 -57.89 -32.81
CA PHE F 93 -15.44 -57.37 -32.25
C PHE F 93 -15.07 -56.39 -31.12
N TRP F 94 -14.98 -55.12 -31.48
CA TRP F 94 -14.43 -54.06 -30.62
C TRP F 94 -12.99 -54.44 -30.24
N TYR F 95 -12.54 -54.08 -29.04
CA TYR F 95 -11.13 -54.21 -28.71
C TYR F 95 -11.00 -54.80 -27.31
N THR F 96 -10.10 -55.78 -27.16
CA THR F 96 -9.79 -56.36 -25.86
C THR F 96 -8.31 -56.70 -25.82
N PHE F 97 -7.61 -56.15 -24.83
CA PHE F 97 -6.21 -56.50 -24.59
C PHE F 97 -6.08 -57.74 -23.71
N GLY F 98 -4.95 -58.45 -23.88
CA GLY F 98 -4.50 -59.42 -22.91
C GLY F 98 -3.84 -58.77 -21.70
N GLN F 99 -3.51 -59.60 -20.71
CA GLN F 99 -2.89 -59.11 -19.49
C GLN F 99 -1.46 -58.64 -19.71
N GLY F 100 -0.83 -59.01 -20.81
CA GLY F 100 0.53 -58.54 -21.05
C GLY F 100 1.57 -59.53 -20.58
N THR F 101 2.72 -59.50 -21.23
CA THR F 101 3.90 -60.24 -20.81
C THR F 101 5.00 -59.25 -20.50
N LYS F 102 5.56 -59.33 -19.28
CA LYS F 102 6.67 -58.46 -18.89
C LYS F 102 7.98 -59.16 -19.25
N LEU F 103 8.76 -58.55 -20.15
CA LEU F 103 9.96 -59.15 -20.71
C LEU F 103 11.17 -58.48 -20.08
N GLU F 104 12.01 -59.27 -19.41
CA GLU F 104 13.21 -58.76 -18.77
C GLU F 104 14.43 -59.23 -19.55
N ILE F 105 15.43 -58.36 -19.64
CA ILE F 105 16.68 -58.65 -20.33
C ILE F 105 17.74 -59.07 -19.33
N LYS F 106 18.35 -60.24 -19.57
CA LYS F 106 19.41 -60.80 -18.73
C LYS F 106 20.76 -60.15 -19.05
N ARG F 107 21.52 -59.83 -18.01
CA ARG F 107 22.90 -59.37 -18.17
C ARG F 107 23.80 -60.02 -17.13
N THR F 108 25.09 -59.66 -17.17
CA THR F 108 26.02 -60.09 -16.14
C THR F 108 25.71 -59.39 -14.82
N VAL F 109 26.25 -59.94 -13.73
CA VAL F 109 26.02 -59.36 -12.42
C VAL F 109 26.60 -57.96 -12.35
N ALA F 110 25.86 -57.06 -11.69
CA ALA F 110 26.31 -55.69 -11.45
C ALA F 110 26.02 -55.34 -10.00
N ALA F 111 27.06 -54.94 -9.26
CA ALA F 111 26.82 -54.67 -7.85
C ALA F 111 26.22 -53.27 -7.66
N PRO F 112 25.41 -53.09 -6.63
CA PRO F 112 24.86 -51.76 -6.35
C PRO F 112 25.95 -50.83 -5.84
N SER F 113 25.93 -49.60 -6.32
CA SER F 113 26.60 -48.52 -5.61
C SER F 113 25.61 -47.97 -4.59
N VAL F 114 26.01 -48.00 -3.32
CA VAL F 114 25.12 -47.74 -2.20
C VAL F 114 25.48 -46.39 -1.60
N PHE F 115 24.46 -45.57 -1.34
CA PHE F 115 24.59 -44.23 -0.74
C PHE F 115 23.52 -44.06 0.33
N ILE F 116 23.85 -43.33 1.38
CA ILE F 116 22.89 -43.02 2.43
C ILE F 116 22.78 -41.50 2.56
N PHE F 117 21.56 -41.03 2.80
CA PHE F 117 21.26 -39.60 2.92
C PHE F 117 20.55 -39.32 4.24
N PRO F 118 21.06 -38.43 5.07
CA PRO F 118 20.36 -38.06 6.31
C PRO F 118 19.23 -37.08 6.03
N PRO F 119 18.31 -36.90 6.98
CA PRO F 119 17.22 -35.92 6.77
C PRO F 119 17.77 -34.50 6.67
N SER F 120 17.16 -33.71 5.81
CA SER F 120 17.55 -32.30 5.71
C SER F 120 17.10 -31.53 6.96
N ASP F 121 17.87 -30.47 7.28
CA ASP F 121 17.48 -29.61 8.39
C ASP F 121 16.14 -28.95 8.13
N GLU F 122 15.85 -28.66 6.86
CA GLU F 122 14.57 -28.09 6.46
C GLU F 122 13.42 -28.98 6.91
N GLN F 123 13.57 -30.30 6.68
CA GLN F 123 12.52 -31.27 6.99
C GLN F 123 12.36 -31.49 8.49
N LEU F 124 13.46 -31.45 9.25
CA LEU F 124 13.35 -31.63 10.70
C LEU F 124 12.57 -30.49 11.36
N LYS F 125 12.66 -29.27 10.81
CA LYS F 125 11.86 -28.17 11.35
C LYS F 125 10.36 -28.46 11.25
N SER F 126 9.97 -29.27 10.28
CA SER F 126 8.57 -29.67 10.12
C SER F 126 8.15 -30.84 11.01
N GLY F 127 9.09 -31.55 11.65
CA GLY F 127 8.73 -32.57 12.62
C GLY F 127 8.80 -34.02 12.17
N THR F 128 9.35 -34.31 11.00
CA THR F 128 9.47 -35.66 10.48
C THR F 128 10.91 -35.90 10.01
N ALA F 129 11.38 -37.14 10.13
CA ALA F 129 12.70 -37.54 9.66
C ALA F 129 12.57 -38.62 8.58
N SER F 130 13.16 -38.37 7.41
CA SER F 130 13.19 -39.33 6.32
C SER F 130 14.64 -39.67 6.03
N VAL F 131 15.01 -40.92 6.26
CA VAL F 131 16.34 -41.42 5.91
C VAL F 131 16.20 -42.19 4.61
N VAL F 132 17.00 -41.85 3.61
CA VAL F 132 16.92 -42.43 2.28
C VAL F 132 18.19 -43.21 1.98
N CYS F 133 18.02 -44.41 1.43
CA CYS F 133 19.11 -45.26 1.00
C CYS F 133 18.98 -45.49 -0.49
N LEU F 134 20.07 -45.24 -1.24
CA LEU F 134 20.07 -45.40 -2.69
C LEU F 134 20.94 -46.60 -3.07
N LEU F 135 20.39 -47.48 -3.92
CA LEU F 135 21.13 -48.56 -4.56
C LEU F 135 21.13 -48.30 -6.06
N ASN F 136 22.31 -48.05 -6.64
CA ASN F 136 22.36 -47.60 -8.03
C ASN F 136 22.96 -48.65 -8.96
N ASN F 137 22.29 -48.87 -10.11
CA ASN F 137 22.74 -49.65 -11.27
C ASN F 137 23.25 -51.05 -10.90
N PHE F 138 22.32 -51.89 -10.43
CA PHE F 138 22.64 -53.27 -10.08
C PHE F 138 21.81 -54.25 -10.89
N TYR F 139 22.31 -55.49 -10.97
CA TYR F 139 21.62 -56.60 -11.60
C TYR F 139 22.11 -57.88 -10.93
N PRO F 140 21.22 -58.81 -10.57
CA PRO F 140 19.78 -58.84 -10.85
C PRO F 140 18.96 -58.00 -9.91
N ARG F 141 17.63 -58.07 -10.06
CA ARG F 141 16.70 -57.18 -9.38
C ARG F 141 16.59 -57.46 -7.88
N GLU F 142 16.86 -58.70 -7.46
CA GLU F 142 16.66 -59.09 -6.08
C GLU F 142 17.69 -58.45 -5.17
N ALA F 143 17.23 -57.76 -4.14
CA ALA F 143 18.11 -57.16 -3.15
C ALA F 143 17.34 -57.01 -1.84
N LYS F 144 18.05 -57.18 -0.72
CA LYS F 144 17.46 -57.00 0.60
C LYS F 144 18.07 -55.74 1.24
N VAL F 145 17.22 -54.92 1.84
CA VAL F 145 17.63 -53.71 2.55
C VAL F 145 17.11 -53.82 3.98
N GLN F 146 18.04 -53.78 4.95
CA GLN F 146 17.70 -53.81 6.36
C GLN F 146 18.13 -52.49 6.99
N TRP F 147 17.22 -51.86 7.72
CA TRP F 147 17.51 -50.63 8.45
C TRP F 147 17.81 -50.98 9.91
N LYS F 148 18.93 -50.48 10.42
CA LYS F 148 19.33 -50.67 11.82
C LYS F 148 19.51 -49.33 12.48
N VAL F 149 18.82 -49.11 13.59
CA VAL F 149 18.92 -47.88 14.37
C VAL F 149 19.61 -48.21 15.70
N ASP F 150 20.85 -47.73 15.87
CA ASP F 150 21.74 -48.15 16.96
C ASP F 150 21.85 -49.67 17.00
N ASN F 151 21.93 -50.28 15.82
CA ASN F 151 22.09 -51.72 15.60
C ASN F 151 20.84 -52.53 15.96
N ALA F 152 19.70 -51.88 16.14
CA ALA F 152 18.43 -52.57 16.34
C ALA F 152 17.71 -52.61 15.01
N LEU F 153 17.40 -53.83 14.53
CA LEU F 153 16.77 -53.99 13.23
C LEU F 153 15.37 -53.37 13.23
N GLN F 154 15.09 -52.56 12.22
CA GLN F 154 13.82 -51.87 12.09
C GLN F 154 12.80 -52.74 11.36
N SER F 155 11.53 -52.50 11.65
CA SER F 155 10.45 -53.26 11.03
C SER F 155 9.22 -52.36 10.96
N GLY F 156 8.68 -52.22 9.75
CA GLY F 156 7.43 -51.53 9.52
C GLY F 156 7.51 -50.05 9.26
N ASN F 157 8.71 -49.45 9.31
CA ASN F 157 8.85 -47.99 9.18
C ASN F 157 9.68 -47.59 7.97
N SER F 158 9.69 -48.43 6.93
CA SER F 158 10.41 -48.12 5.70
C SER F 158 9.59 -48.55 4.48
N GLN F 159 9.89 -47.93 3.33
CA GLN F 159 9.26 -48.26 2.06
C GLN F 159 10.29 -48.18 0.94
N GLU F 160 10.20 -49.10 -0.01
CA GLU F 160 11.14 -49.21 -1.12
C GLU F 160 10.51 -48.74 -2.43
N SER F 161 11.38 -48.53 -3.42
CA SER F 161 10.98 -48.12 -4.77
C SER F 161 12.06 -48.58 -5.74
N VAL F 162 11.64 -49.21 -6.84
CA VAL F 162 12.57 -49.72 -7.86
C VAL F 162 12.29 -49.04 -9.19
N THR F 163 13.34 -48.66 -9.90
CA THR F 163 13.13 -48.17 -11.25
C THR F 163 12.82 -49.33 -12.19
N GLU F 164 12.24 -48.98 -13.34
CA GLU F 164 12.12 -49.96 -14.39
C GLU F 164 13.50 -50.32 -14.92
N GLN F 165 13.59 -51.50 -15.53
CA GLN F 165 14.86 -51.92 -16.06
C GLN F 165 15.36 -50.90 -17.08
N ASP F 166 16.61 -50.50 -16.93
CA ASP F 166 17.19 -49.54 -17.84
C ASP F 166 17.28 -50.13 -19.24
N SER F 167 16.89 -49.34 -20.24
CA SER F 167 16.81 -49.86 -21.59
C SER F 167 18.18 -50.00 -22.28
N LYS F 168 19.20 -49.32 -21.77
CA LYS F 168 20.53 -49.38 -22.39
C LYS F 168 21.47 -50.37 -21.72
N ASP F 169 21.51 -50.39 -20.37
CA ASP F 169 22.42 -51.26 -19.66
C ASP F 169 21.72 -52.33 -18.81
N SER F 170 20.39 -52.42 -18.86
CA SER F 170 19.63 -53.51 -18.25
C SER F 170 19.75 -53.56 -16.73
N THR F 171 20.12 -52.47 -16.06
CA THR F 171 20.22 -52.48 -14.61
C THR F 171 18.95 -51.93 -13.96
N TYR F 172 18.90 -52.09 -12.64
CA TYR F 172 17.84 -51.52 -11.82
C TYR F 172 18.46 -50.57 -10.80
N SER F 173 17.63 -49.68 -10.26
CA SER F 173 18.02 -48.87 -9.12
C SER F 173 16.88 -48.87 -8.11
N LEU F 174 17.25 -48.75 -6.83
CA LEU F 174 16.31 -48.88 -5.74
C LEU F 174 16.56 -47.81 -4.68
N SER F 175 15.48 -47.30 -4.09
CA SER F 175 15.56 -46.42 -2.92
C SER F 175 14.72 -47.02 -1.80
N SER F 176 15.25 -46.97 -0.58
CA SER F 176 14.53 -47.39 0.62
C SER F 176 14.46 -46.18 1.54
N THR F 177 13.27 -45.86 2.00
CA THR F 177 13.06 -44.68 2.84
C THR F 177 12.53 -45.10 4.20
N LEU F 178 13.32 -44.82 5.25
CA LEU F 178 12.91 -45.00 6.64
C LEU F 178 12.28 -43.72 7.16
N THR F 179 11.06 -43.82 7.71
CA THR F 179 10.32 -42.66 8.19
C THR F 179 10.14 -42.76 9.70
N LEU F 180 10.63 -41.74 10.41
CA LEU F 180 10.51 -41.64 11.86
C LEU F 180 10.07 -40.23 12.24
N SER F 181 9.47 -40.12 13.42
CA SER F 181 9.17 -38.82 13.97
C SER F 181 10.47 -38.12 14.41
N LYS F 182 10.44 -36.79 14.43
CA LYS F 182 11.59 -36.03 14.90
C LYS F 182 11.97 -36.43 16.32
N ALA F 183 10.95 -36.70 17.16
CA ALA F 183 11.20 -37.17 18.52
C ALA F 183 11.84 -38.54 18.53
N ASP F 184 11.28 -39.49 17.77
CA ASP F 184 11.88 -40.82 17.67
C ASP F 184 13.26 -40.74 17.03
N TYR F 185 13.44 -39.88 16.03
CA TYR F 185 14.71 -39.75 15.34
C TYR F 185 15.81 -39.28 16.28
N GLU F 186 15.49 -38.36 17.19
CA GLU F 186 16.49 -37.76 18.05
C GLU F 186 16.78 -38.58 19.31
N LYS F 187 16.22 -39.77 19.43
CA LYS F 187 16.54 -40.67 20.55
C LYS F 187 17.69 -41.62 20.23
N HIS F 188 18.22 -41.60 19.00
CA HIS F 188 19.23 -42.57 18.59
C HIS F 188 20.36 -41.91 17.83
N LYS F 189 21.52 -42.58 17.82
CA LYS F 189 22.78 -42.05 17.31
C LYS F 189 23.15 -42.63 15.94
N VAL F 190 23.21 -43.95 15.83
CA VAL F 190 23.72 -44.60 14.63
C VAL F 190 22.54 -44.99 13.76
N TYR F 191 22.57 -44.56 12.49
CA TYR F 191 21.58 -44.92 11.49
C TYR F 191 22.28 -45.63 10.34
N ALA F 192 21.93 -46.90 10.11
CA ALA F 192 22.61 -47.73 9.14
C ALA F 192 21.63 -48.35 8.15
N CYS F 193 22.13 -48.55 6.93
CA CYS F 193 21.42 -49.20 5.83
C CYS F 193 22.30 -50.36 5.36
N GLU F 194 21.81 -51.59 5.53
CA GLU F 194 22.56 -52.80 5.19
C GLU F 194 21.97 -53.44 3.94
N VAL F 195 22.83 -53.74 2.97
CA VAL F 195 22.40 -54.19 1.65
C VAL F 195 22.98 -55.57 1.34
N THR F 196 22.12 -56.52 0.95
CA THR F 196 22.57 -57.83 0.50
C THR F 196 22.26 -57.96 -0.99
N HIS F 197 23.24 -58.37 -1.78
CA HIS F 197 23.05 -58.53 -3.21
C HIS F 197 24.09 -59.50 -3.76
N GLN F 198 23.72 -60.17 -4.85
CA GLN F 198 24.57 -61.21 -5.43
C GLN F 198 25.95 -60.67 -5.81
N GLY F 199 26.03 -59.41 -6.22
CA GLY F 199 27.29 -58.83 -6.60
C GLY F 199 28.19 -58.43 -5.45
N LEU F 200 27.76 -58.63 -4.22
CA LEU F 200 28.54 -58.31 -3.03
C LEU F 200 28.98 -59.59 -2.34
N SER F 201 30.29 -59.73 -2.08
CA SER F 201 30.76 -60.95 -1.43
C SER F 201 30.19 -61.07 -0.03
N SER F 202 30.13 -59.96 0.71
CA SER F 202 29.44 -59.85 1.98
C SER F 202 28.61 -58.57 1.96
N PRO F 203 27.60 -58.46 2.83
CA PRO F 203 26.71 -57.28 2.79
C PRO F 203 27.45 -55.97 3.01
N VAL F 204 26.98 -54.93 2.33
CA VAL F 204 27.56 -53.58 2.40
C VAL F 204 26.69 -52.72 3.31
N THR F 205 27.34 -51.98 4.19
CA THR F 205 26.67 -51.08 5.13
C THR F 205 27.15 -49.67 4.86
N LYS F 206 26.19 -48.76 4.67
CA LYS F 206 26.42 -47.32 4.66
C LYS F 206 25.67 -46.72 5.84
N SER F 207 26.35 -45.88 6.63
CA SER F 207 25.74 -45.34 7.84
C SER F 207 26.15 -43.88 8.06
N PHE F 208 25.50 -43.25 9.03
CA PHE F 208 25.93 -41.94 9.50
C PHE F 208 25.60 -41.80 10.97
N ASN F 209 26.25 -40.84 11.62
CA ASN F 209 25.94 -40.46 12.98
C ASN F 209 25.15 -39.16 12.95
N ARG F 210 23.98 -39.16 13.62
CA ARG F 210 23.12 -37.99 13.66
C ARG F 210 23.87 -36.78 14.23
N GLY F 211 24.12 -35.79 13.38
CA GLY F 211 24.81 -34.56 13.75
C GLY F 211 26.18 -34.38 13.11
N GLU F 212 26.81 -35.45 12.64
CA GLU F 212 28.13 -35.36 12.03
C GLU F 212 28.04 -35.41 10.49
N GLN G 1 42.09 -24.23 22.51
CA GLN G 1 41.63 -23.70 23.77
C GLN G 1 42.82 -23.46 24.72
N VAL G 2 43.80 -22.73 24.23
CA VAL G 2 44.79 -22.11 25.10
C VAL G 2 44.06 -21.10 25.97
N GLN G 3 44.43 -21.01 27.26
CA GLN G 3 43.61 -20.21 28.17
C GLN G 3 44.46 -19.51 29.23
N LEU G 4 44.06 -18.27 29.55
CA LEU G 4 44.63 -17.52 30.66
C LEU G 4 43.50 -17.03 31.55
N LEU G 5 43.63 -17.27 32.85
CA LEU G 5 42.60 -16.97 33.84
C LEU G 5 43.17 -16.12 34.97
N GLU G 6 42.76 -14.85 35.04
CA GLU G 6 43.19 -13.92 36.10
C GLU G 6 42.32 -14.06 37.35
N SER G 7 42.92 -13.81 38.50
CA SER G 7 42.20 -13.76 39.76
C SER G 7 42.99 -12.89 40.74
N GLY G 8 42.37 -12.59 41.88
CA GLY G 8 43.05 -11.85 42.92
C GLY G 8 42.67 -10.39 43.04
N GLY G 9 41.89 -9.86 42.10
CA GLY G 9 41.44 -8.48 42.15
C GLY G 9 40.45 -8.20 43.27
N GLY G 10 40.12 -6.92 43.43
CA GLY G 10 39.13 -6.54 44.41
C GLY G 10 39.26 -5.06 44.73
N VAL G 11 38.62 -4.68 45.84
CA VAL G 11 38.61 -3.31 46.34
C VAL G 11 39.62 -3.18 47.48
N VAL G 12 40.45 -2.13 47.42
CA VAL G 12 41.47 -1.86 48.42
C VAL G 12 41.56 -0.35 48.70
N ARG G 13 41.81 -0.01 49.97
CA ARG G 13 42.07 1.38 50.36
C ARG G 13 43.40 1.86 49.77
N PRO G 14 43.56 3.16 49.56
CA PRO G 14 44.87 3.69 49.17
C PRO G 14 45.95 3.26 50.16
N GLY G 15 47.12 2.93 49.61
CA GLY G 15 48.22 2.36 50.36
C GLY G 15 48.15 0.86 50.54
N GLY G 16 47.05 0.22 50.18
CA GLY G 16 46.89 -1.21 50.35
C GLY G 16 47.45 -1.99 49.18
N SER G 17 47.18 -3.29 49.20
CA SER G 17 47.79 -4.18 48.23
C SER G 17 46.79 -5.23 47.73
N LEU G 18 47.12 -5.80 46.58
CA LEU G 18 46.47 -6.98 46.03
C LEU G 18 47.53 -7.81 45.34
N ARG G 19 47.29 -9.10 45.26
CA ARG G 19 48.21 -10.00 44.56
C ARG G 19 47.43 -10.65 43.42
N LEU G 20 47.71 -10.21 42.20
CA LEU G 20 47.02 -10.79 41.06
C LEU G 20 47.70 -12.09 40.65
N SER G 21 46.89 -13.04 40.18
CA SER G 21 47.39 -14.31 39.68
C SER G 21 46.82 -14.56 38.30
N CYS G 22 47.58 -15.28 37.50
CA CYS G 22 47.16 -15.65 36.16
C CYS G 22 47.56 -17.10 35.96
N ALA G 23 46.58 -17.97 35.79
CA ALA G 23 46.81 -19.40 35.64
C ALA G 23 46.78 -19.73 34.16
N ALA G 24 47.84 -20.36 33.67
CA ALA G 24 47.94 -20.75 32.27
C ALA G 24 47.56 -22.22 32.11
N SER G 25 46.92 -22.53 30.99
CA SER G 25 46.65 -23.91 30.63
C SER G 25 46.61 -24.01 29.11
N GLY G 26 46.97 -25.19 28.61
CA GLY G 26 46.92 -25.47 27.19
C GLY G 26 48.18 -25.14 26.43
N PHE G 27 49.25 -24.75 27.11
CA PHE G 27 50.51 -24.53 26.41
C PHE G 27 51.66 -24.74 27.39
N ASN G 28 52.86 -24.86 26.83
CA ASN G 28 54.07 -25.02 27.62
C ASN G 28 54.44 -23.65 28.18
N PHE G 29 53.88 -23.35 29.36
CA PHE G 29 54.00 -22.03 29.99
C PHE G 29 55.45 -21.56 30.09
N GLU G 30 56.36 -22.46 30.42
CA GLU G 30 57.75 -22.09 30.64
C GLU G 30 58.43 -21.54 29.40
N ASP G 31 57.81 -21.63 28.24
CA ASP G 31 58.42 -21.15 27.01
C ASP G 31 58.12 -19.69 26.71
N PHE G 32 57.19 -19.06 27.44
CA PHE G 32 56.65 -17.77 27.07
C PHE G 32 56.91 -16.70 28.11
N GLY G 33 57.29 -15.52 27.63
CA GLY G 33 57.19 -14.33 28.47
C GLY G 33 55.75 -13.90 28.66
N MET G 34 55.48 -13.29 29.81
CA MET G 34 54.14 -12.88 30.19
C MET G 34 54.13 -11.39 30.49
N SER G 35 53.00 -10.75 30.20
CA SER G 35 52.82 -9.34 30.47
C SER G 35 51.52 -9.11 31.24
N TRP G 36 51.52 -8.01 31.99
CA TRP G 36 50.29 -7.43 32.52
C TRP G 36 49.97 -6.14 31.78
N VAL G 37 48.73 -6.00 31.36
CA VAL G 37 48.21 -4.83 30.66
C VAL G 37 46.91 -4.42 31.35
N ARG G 38 46.75 -3.12 31.59
CA ARG G 38 45.57 -2.64 32.29
C ARG G 38 44.81 -1.62 31.42
N GLN G 39 43.54 -1.42 31.77
CA GLN G 39 42.69 -0.40 31.16
C GLN G 39 41.96 0.32 32.27
N ALA G 40 42.37 1.55 32.55
CA ALA G 40 41.67 2.37 33.53
C ALA G 40 40.33 2.83 32.96
N PRO G 41 39.34 3.09 33.82
CA PRO G 41 38.05 3.58 33.33
C PRO G 41 38.22 4.78 32.42
N GLY G 42 37.67 4.68 31.22
CA GLY G 42 37.78 5.81 30.30
C GLY G 42 39.13 6.02 29.67
N LYS G 43 40.00 5.03 29.66
CA LYS G 43 41.31 5.21 29.06
C LYS G 43 41.57 4.06 28.08
N GLY G 44 42.75 4.10 27.46
CA GLY G 44 43.15 3.06 26.53
C GLY G 44 43.92 1.96 27.23
N LEU G 45 44.38 1.01 26.43
CA LEU G 45 45.23 -0.04 26.97
C LEU G 45 46.55 0.55 27.42
N GLU G 46 47.06 0.05 28.55
CA GLU G 46 48.35 0.49 29.06
C GLU G 46 49.16 -0.73 29.48
N TRP G 47 50.30 -0.92 28.85
CA TRP G 47 51.21 -1.95 29.28
C TRP G 47 51.75 -1.62 30.68
N VAL G 48 51.81 -2.62 31.54
CA VAL G 48 52.22 -2.45 32.92
C VAL G 48 53.57 -3.10 33.19
N SER G 49 53.72 -4.37 32.82
CA SER G 49 54.92 -5.11 33.18
C SER G 49 55.07 -6.36 32.32
N SER G 50 56.31 -6.84 32.21
CA SER G 50 56.61 -8.07 31.49
C SER G 50 57.73 -8.82 32.19
N ILE G 51 57.61 -10.14 32.22
CA ILE G 51 58.68 -11.00 32.71
C ILE G 51 58.97 -12.04 31.63
N SER G 52 60.23 -12.11 31.20
CA SER G 52 60.61 -13.03 30.15
C SER G 52 60.50 -14.48 30.63
N TRP G 53 60.57 -15.40 29.68
CA TRP G 53 60.32 -16.81 29.95
C TRP G 53 61.18 -17.36 31.09
N ASN G 54 62.46 -16.98 31.15
CA ASN G 54 63.37 -17.47 32.17
C ASN G 54 63.69 -16.44 33.25
N GLY G 55 62.92 -15.35 33.33
CA GLY G 55 63.13 -14.33 34.35
C GLY G 55 64.33 -13.44 34.15
N ALA G 56 65.01 -13.53 33.01
CA ALA G 56 66.24 -12.76 32.80
C ALA G 56 65.99 -11.30 32.44
N ASN G 57 64.81 -10.98 31.92
CA ASN G 57 64.49 -9.61 31.55
C ASN G 57 63.12 -9.25 32.10
N ILE G 58 63.08 -8.22 32.94
CA ILE G 58 61.87 -7.78 33.62
C ILE G 58 61.74 -6.29 33.39
N GLY G 59 60.54 -5.85 33.05
CA GLY G 59 60.30 -4.44 32.79
C GLY G 59 59.02 -3.96 33.46
N TYR G 60 59.00 -2.67 33.77
CA TYR G 60 57.87 -2.00 34.37
C TYR G 60 57.63 -0.65 33.69
N VAL G 61 56.36 -0.26 33.60
CA VAL G 61 56.04 1.11 33.25
C VAL G 61 56.44 2.01 34.42
N ASP G 62 56.87 3.25 34.10
CA ASP G 62 57.49 4.13 35.11
C ASP G 62 56.61 4.31 36.33
N SER G 63 55.31 4.52 36.13
CA SER G 63 54.43 4.91 37.23
C SER G 63 54.23 3.82 38.27
N VAL G 64 54.68 2.59 38.01
CA VAL G 64 54.53 1.52 38.99
C VAL G 64 55.87 1.01 39.51
N LYS G 65 57.00 1.54 39.03
CA LYS G 65 58.30 1.08 39.50
C LYS G 65 58.42 1.28 41.01
N GLY G 66 58.87 0.23 41.70
CA GLY G 66 59.02 0.25 43.14
C GLY G 66 57.77 -0.04 43.93
N ARG G 67 56.62 -0.15 43.27
CA ARG G 67 55.36 -0.50 43.93
C ARG G 67 54.83 -1.84 43.47
N PHE G 68 55.02 -2.19 42.20
CA PHE G 68 54.56 -3.44 41.64
C PHE G 68 55.77 -4.36 41.45
N THR G 69 55.55 -5.66 41.63
CA THR G 69 56.58 -6.66 41.39
C THR G 69 55.97 -7.83 40.64
N ILE G 70 56.50 -8.12 39.46
CA ILE G 70 56.04 -9.23 38.64
C ILE G 70 56.92 -10.44 38.94
N SER G 71 56.33 -11.63 38.90
CA SER G 71 57.08 -12.86 39.11
C SER G 71 56.28 -14.04 38.54
N ARG G 72 56.92 -15.20 38.52
CA ARG G 72 56.29 -16.38 37.95
C ARG G 72 56.78 -17.62 38.69
N ASP G 73 55.99 -18.68 38.62
CA ASP G 73 56.44 -20.00 39.08
C ASP G 73 56.05 -21.02 38.00
N ASN G 74 57.02 -21.46 37.18
CA ASN G 74 56.67 -22.34 36.07
C ASN G 74 56.10 -23.68 36.53
N ALA G 75 56.47 -24.14 37.73
CA ALA G 75 55.90 -25.39 38.23
C ALA G 75 54.44 -25.24 38.58
N LYS G 76 53.95 -24.02 38.78
CA LYS G 76 52.55 -23.77 39.05
C LYS G 76 51.78 -23.23 37.84
N ASN G 77 52.42 -23.08 36.68
CA ASN G 77 51.82 -22.46 35.50
C ASN G 77 51.16 -21.13 35.85
N SER G 78 51.85 -20.32 36.65
CA SER G 78 51.25 -19.12 37.19
C SER G 78 52.14 -17.91 37.01
N LEU G 79 51.49 -16.80 36.74
CA LEU G 79 52.07 -15.47 36.66
C LEU G 79 51.48 -14.62 37.78
N TYR G 80 52.29 -13.77 38.37
CA TYR G 80 51.85 -12.98 39.51
C TYR G 80 52.17 -11.51 39.30
N LEU G 81 51.39 -10.67 39.97
CA LEU G 81 51.68 -9.25 40.09
C LEU G 81 51.36 -8.87 41.52
N GLN G 82 52.40 -8.62 42.31
CA GLN G 82 52.24 -8.12 43.68
C GLN G 82 52.15 -6.60 43.58
N MET G 83 50.99 -6.06 43.90
CA MET G 83 50.73 -4.63 43.75
C MET G 83 50.70 -3.99 45.14
N ASN G 84 51.73 -3.21 45.49
CA ASN G 84 51.79 -2.51 46.77
C ASN G 84 51.64 -1.00 46.58
N SER G 85 51.34 -0.32 47.69
CA SER G 85 51.16 1.13 47.71
C SER G 85 50.18 1.58 46.64
N LEU G 86 49.00 0.97 46.62
CA LEU G 86 48.07 1.23 45.52
C LEU G 86 47.53 2.66 45.57
N ARG G 87 47.40 3.25 44.39
CA ARG G 87 46.85 4.60 44.23
C ARG G 87 45.53 4.52 43.48
N ALA G 88 44.79 5.63 43.54
CA ALA G 88 43.51 5.69 42.85
C ALA G 88 43.68 5.49 41.34
N GLU G 89 44.78 6.00 40.77
CA GLU G 89 44.99 5.84 39.33
C GLU G 89 45.39 4.44 38.93
N ASP G 90 45.63 3.55 39.89
CA ASP G 90 45.83 2.14 39.60
C ASP G 90 44.52 1.40 39.39
N THR G 91 43.39 2.05 39.64
CA THR G 91 42.08 1.45 39.39
C THR G 91 41.93 1.12 37.91
N ALA G 92 41.68 -0.14 37.61
CA ALA G 92 41.65 -0.60 36.23
C ALA G 92 41.25 -2.07 36.19
N LEU G 93 40.87 -2.51 34.99
CA LEU G 93 40.80 -3.93 34.67
C LEU G 93 42.18 -4.40 34.22
N TYR G 94 42.67 -5.48 34.80
CA TYR G 94 44.03 -5.97 34.56
C TYR G 94 43.97 -7.27 33.76
N TYR G 95 44.56 -7.25 32.57
CA TYR G 95 44.70 -8.42 31.70
C TYR G 95 46.09 -9.05 31.87
N CYS G 96 46.17 -10.38 31.80
CA CYS G 96 47.45 -11.02 31.52
C CYS G 96 47.49 -11.49 30.08
N ALA G 97 48.71 -11.62 29.54
CA ALA G 97 48.92 -12.05 28.17
C ALA G 97 50.31 -12.65 28.04
N ILE G 98 50.44 -13.63 27.14
CA ILE G 98 51.77 -14.03 26.70
C ILE G 98 52.37 -12.89 25.88
N ASP G 99 53.70 -12.77 25.90
CA ASP G 99 54.27 -11.85 24.93
C ASP G 99 55.21 -12.59 24.00
N TRP G 100 56.42 -12.90 24.44
CA TRP G 100 57.40 -13.50 23.54
C TRP G 100 57.46 -15.01 23.70
N TYR G 101 57.73 -15.69 22.59
CA TYR G 101 58.19 -17.06 22.67
C TYR G 101 59.69 -17.04 22.89
N ARG G 102 60.11 -17.38 24.12
CA ARG G 102 61.51 -17.37 24.55
C ARG G 102 62.08 -15.96 24.28
N ASP G 103 63.27 -15.86 23.70
CA ASP G 103 63.81 -14.61 23.20
C ASP G 103 63.86 -14.61 21.68
N ASP G 104 62.98 -15.41 21.07
CA ASP G 104 63.00 -15.68 19.64
C ASP G 104 62.10 -14.72 18.87
N TYR G 105 60.81 -14.66 19.23
CA TYR G 105 59.86 -13.84 18.49
C TYR G 105 58.67 -13.41 19.36
N TYR G 106 58.17 -12.22 19.04
CA TYR G 106 56.94 -11.69 19.62
C TYR G 106 55.73 -12.52 19.17
N LYS G 107 54.88 -12.90 20.13
CA LYS G 107 53.67 -13.65 19.79
C LYS G 107 52.44 -12.91 20.30
N MET G 108 52.22 -12.86 21.61
CA MET G 108 51.23 -11.98 22.24
C MET G 108 49.82 -12.16 21.67
N ASP G 109 49.45 -13.36 21.26
CA ASP G 109 48.13 -13.56 20.66
C ASP G 109 47.18 -14.32 21.57
N VAL G 110 47.53 -14.48 22.84
CA VAL G 110 46.66 -15.13 23.82
C VAL G 110 46.54 -14.21 25.02
N TRP G 111 45.31 -13.80 25.34
CA TRP G 111 45.00 -12.85 26.39
C TRP G 111 43.93 -13.39 27.31
N GLY G 112 43.98 -12.98 28.60
CA GLY G 112 42.93 -13.30 29.53
C GLY G 112 41.74 -12.33 29.45
N LYS G 113 40.73 -12.59 30.29
CA LYS G 113 39.51 -11.79 30.31
C LYS G 113 39.60 -10.57 31.22
N GLY G 114 40.58 -10.50 32.10
CA GLY G 114 40.79 -9.37 32.98
C GLY G 114 40.21 -9.59 34.36
N THR G 115 40.84 -8.95 35.36
CA THR G 115 40.33 -8.92 36.72
C THR G 115 40.35 -7.47 37.17
N THR G 116 39.35 -7.09 37.98
CA THR G 116 39.12 -5.69 38.32
C THR G 116 39.83 -5.31 39.61
N VAL G 117 40.56 -4.20 39.56
CA VAL G 117 41.22 -3.61 40.72
C VAL G 117 40.63 -2.21 40.95
N THR G 118 40.07 -1.98 42.14
CA THR G 118 39.48 -0.70 42.52
C THR G 118 40.15 -0.21 43.80
N VAL G 119 40.82 0.94 43.72
CA VAL G 119 41.50 1.57 44.86
C VAL G 119 40.69 2.82 45.26
N SER G 120 40.09 2.81 46.44
CA SER G 120 39.21 3.90 46.86
C SER G 120 39.21 4.02 48.39
N SER G 121 39.03 5.26 48.88
CA SER G 121 38.84 5.53 50.31
C SER G 121 37.40 5.34 50.76
N ALA G 122 36.44 5.42 49.84
CA ALA G 122 35.03 5.45 50.19
C ALA G 122 34.56 4.08 50.64
N SER G 123 33.40 4.06 51.28
CA SER G 123 32.90 2.80 51.82
C SER G 123 32.17 2.01 50.74
N THR G 124 32.25 0.69 50.85
CA THR G 124 31.54 -0.22 49.97
C THR G 124 30.08 -0.29 50.39
N LYS G 125 29.18 -0.12 49.42
CA LYS G 125 27.75 -0.17 49.67
C LYS G 125 27.09 -1.00 48.58
N GLY G 126 26.20 -1.90 48.97
CA GLY G 126 25.48 -2.74 48.04
C GLY G 126 24.25 -2.09 47.45
N PRO G 127 23.83 -2.59 46.29
CA PRO G 127 22.72 -1.95 45.57
C PRO G 127 21.34 -2.38 46.02
N SER G 128 20.41 -1.46 45.85
CA SER G 128 18.98 -1.79 45.83
C SER G 128 18.58 -2.00 44.38
N VAL G 129 17.70 -2.98 44.15
CA VAL G 129 17.28 -3.34 42.80
C VAL G 129 15.78 -3.12 42.70
N PHE G 130 15.37 -2.18 41.85
CA PHE G 130 13.94 -2.01 41.62
C PHE G 130 13.57 -2.41 40.19
N PRO G 131 12.36 -2.91 39.99
CA PRO G 131 11.95 -3.31 38.65
C PRO G 131 11.46 -2.13 37.84
N LEU G 132 11.69 -2.23 36.53
CA LEU G 132 11.09 -1.35 35.54
C LEU G 132 10.03 -2.20 34.82
N ALA G 133 8.75 -2.07 35.25
CA ALA G 133 7.70 -2.99 34.88
C ALA G 133 7.13 -2.66 33.49
N PRO G 134 6.79 -3.68 32.68
CA PRO G 134 6.26 -3.42 31.34
C PRO G 134 4.93 -2.69 31.41
N SER G 135 4.60 -2.02 30.32
CA SER G 135 3.43 -1.16 30.25
C SER G 135 2.26 -1.87 29.59
N SER G 136 1.08 -1.29 29.81
CA SER G 136 -0.21 -1.77 29.28
C SER G 136 -0.18 -2.03 27.77
N GLY G 142 3.08 -4.33 19.96
CA GLY G 142 4.00 -5.06 19.11
C GLY G 142 5.32 -5.48 19.74
N THR G 143 5.90 -4.58 20.55
CA THR G 143 7.16 -4.86 21.23
C THR G 143 7.15 -4.15 22.57
N ALA G 144 7.47 -4.86 23.65
CA ALA G 144 7.45 -4.32 25.01
C ALA G 144 8.85 -4.28 25.61
N ALA G 145 9.04 -3.34 26.54
CA ALA G 145 10.31 -3.15 27.23
C ALA G 145 10.12 -3.30 28.73
N LEU G 146 11.10 -3.92 29.38
CA LEU G 146 11.12 -4.07 30.82
C LEU G 146 12.57 -4.06 31.27
N GLY G 147 12.81 -3.90 32.56
CA GLY G 147 14.18 -3.82 33.00
C GLY G 147 14.33 -3.82 34.50
N CYS G 148 15.56 -3.54 34.93
CA CYS G 148 15.94 -3.43 36.35
C CYS G 148 16.73 -2.17 36.57
N LEU G 149 16.46 -1.48 37.68
CA LEU G 149 17.21 -0.30 38.07
C LEU G 149 18.08 -0.68 39.28
N VAL G 150 19.39 -0.70 39.09
CA VAL G 150 20.34 -1.06 40.14
C VAL G 150 20.91 0.23 40.69
N LYS G 151 20.48 0.63 41.89
CA LYS G 151 20.72 1.97 42.39
C LYS G 151 21.53 1.98 43.69
N ASP G 152 22.37 3.01 43.82
CA ASP G 152 23.06 3.39 45.05
C ASP G 152 24.05 2.31 45.54
N TYR G 153 25.01 1.98 44.68
CA TYR G 153 26.08 1.06 45.05
C TYR G 153 27.44 1.71 44.85
N PHE G 154 28.45 1.13 45.51
CA PHE G 154 29.81 1.59 45.40
C PHE G 154 30.73 0.47 45.86
N PRO G 155 31.85 0.23 45.19
CA PRO G 155 32.24 0.89 43.95
C PRO G 155 31.76 0.11 42.74
N GLU G 156 32.20 0.51 41.55
CA GLU G 156 31.99 -0.29 40.37
C GLU G 156 32.81 -1.58 40.49
N PRO G 157 32.40 -2.65 39.79
CA PRO G 157 31.26 -2.75 38.88
C PRO G 157 30.09 -3.58 39.41
N VAL G 158 29.01 -3.55 38.66
CA VAL G 158 27.87 -4.45 38.82
C VAL G 158 27.74 -5.24 37.54
N THR G 159 27.40 -6.53 37.65
CA THR G 159 27.01 -7.31 36.49
C THR G 159 25.54 -7.68 36.59
N VAL G 160 24.86 -7.69 35.44
CA VAL G 160 23.45 -8.05 35.33
C VAL G 160 23.29 -9.10 34.24
N SER G 161 22.54 -10.15 34.55
CA SER G 161 22.06 -11.09 33.54
C SER G 161 20.56 -11.21 33.66
N TRP G 162 19.95 -11.90 32.69
CA TRP G 162 18.51 -12.11 32.68
C TRP G 162 18.22 -13.59 32.57
N ASN G 163 17.31 -14.07 33.42
CA ASN G 163 16.92 -15.48 33.48
C ASN G 163 18.16 -16.38 33.54
N SER G 164 19.10 -15.99 34.40
CA SER G 164 20.33 -16.75 34.67
C SER G 164 21.12 -17.00 33.39
N GLY G 165 21.13 -16.01 32.50
CA GLY G 165 21.85 -16.09 31.24
C GLY G 165 21.06 -16.67 30.07
N ALA G 166 19.84 -17.15 30.33
CA ALA G 166 19.03 -17.73 29.26
C ALA G 166 18.62 -16.68 28.23
N LEU G 167 18.34 -15.46 28.68
CA LEU G 167 17.86 -14.38 27.84
C LEU G 167 18.99 -13.40 27.54
N THR G 168 19.35 -13.27 26.25
CA THR G 168 20.43 -12.38 25.85
C THR G 168 20.00 -11.44 24.72
N SER G 169 19.14 -11.90 23.81
CA SER G 169 18.67 -11.07 22.72
C SER G 169 17.80 -9.94 23.25
N GLY G 170 18.11 -8.71 22.82
CA GLY G 170 17.36 -7.55 23.22
C GLY G 170 17.81 -6.93 24.52
N VAL G 171 18.85 -7.44 25.14
CA VAL G 171 19.30 -6.93 26.43
C VAL G 171 20.23 -5.76 26.20
N HIS G 172 20.03 -4.71 26.98
CA HIS G 172 20.92 -3.56 27.03
C HIS G 172 21.22 -3.28 28.50
N THR G 173 22.47 -3.47 28.92
CA THR G 173 22.92 -3.04 30.23
C THR G 173 23.74 -1.77 30.05
N PHE G 174 23.23 -0.67 30.57
CA PHE G 174 23.80 0.64 30.31
C PHE G 174 25.02 0.88 31.19
N PRO G 175 25.95 1.72 30.74
CA PRO G 175 27.05 2.11 31.62
C PRO G 175 26.53 2.75 32.89
N ALA G 176 27.22 2.51 34.00
CA ALA G 176 26.80 3.12 35.25
C ALA G 176 26.98 4.64 35.17
N VAL G 177 26.26 5.33 36.05
CA VAL G 177 26.30 6.78 36.16
C VAL G 177 26.65 7.12 37.60
N LEU G 178 27.65 7.97 37.78
CA LEU G 178 28.04 8.41 39.12
C LEU G 178 27.14 9.55 39.56
N GLN G 179 26.34 9.31 40.60
CA GLN G 179 25.42 10.33 41.09
C GLN G 179 26.12 11.34 41.99
N SER G 180 25.46 12.48 42.21
CA SER G 180 26.01 13.51 43.08
C SER G 180 26.23 13.02 44.51
N SER G 181 25.54 11.95 44.90
CA SER G 181 25.73 11.40 46.24
C SER G 181 27.07 10.70 46.37
N GLY G 182 27.72 10.35 45.26
CA GLY G 182 28.93 9.55 45.29
C GLY G 182 28.69 8.08 45.03
N LEU G 183 27.44 7.68 44.84
CA LEU G 183 27.08 6.30 44.55
C LEU G 183 26.78 6.13 43.06
N TYR G 184 26.94 4.92 42.60
CA TYR G 184 26.69 4.59 41.19
C TYR G 184 25.26 4.09 41.03
N SER G 185 24.78 4.16 39.78
CA SER G 185 23.46 3.68 39.44
C SER G 185 23.50 3.21 37.99
N LEU G 186 22.82 2.11 37.69
CA LEU G 186 22.72 1.72 36.29
C LEU G 186 21.38 1.05 36.04
N SER G 187 20.99 0.99 34.77
CA SER G 187 19.77 0.34 34.33
C SER G 187 20.11 -0.78 33.36
N SER G 188 19.36 -1.85 33.44
CA SER G 188 19.43 -2.90 32.44
C SER G 188 18.02 -3.13 31.93
N VAL G 189 17.85 -3.11 30.61
CA VAL G 189 16.55 -3.30 29.99
C VAL G 189 16.65 -4.44 28.99
N VAL G 190 15.48 -4.94 28.61
CA VAL G 190 15.38 -5.94 27.56
C VAL G 190 14.09 -5.68 26.80
N THR G 191 14.14 -5.88 25.50
CA THR G 191 12.96 -5.81 24.65
C THR G 191 12.49 -7.21 24.30
N VAL G 192 11.19 -7.44 24.40
CA VAL G 192 10.60 -8.75 24.11
C VAL G 192 9.37 -8.52 23.25
N PRO G 193 8.91 -9.55 22.54
CA PRO G 193 7.63 -9.42 21.84
C PRO G 193 6.48 -9.28 22.82
N SER G 194 5.51 -8.45 22.46
CA SER G 194 4.36 -8.23 23.33
C SER G 194 3.65 -9.54 23.65
N SER G 195 3.56 -10.44 22.67
CA SER G 195 2.83 -11.68 22.85
C SER G 195 3.46 -12.58 23.90
N SER G 196 4.77 -12.46 24.13
CA SER G 196 5.45 -13.32 25.09
C SER G 196 5.43 -12.79 26.51
N LEU G 197 4.79 -11.65 26.76
CA LEU G 197 4.80 -11.08 28.11
C LEU G 197 4.08 -11.95 29.12
N GLY G 198 3.11 -12.73 28.69
CA GLY G 198 2.32 -13.52 29.60
C GLY G 198 2.80 -14.94 29.78
N THR G 199 3.66 -15.41 28.89
CA THR G 199 4.16 -16.79 28.93
C THR G 199 5.50 -16.94 29.63
N GLN G 200 6.35 -15.95 29.57
CA GLN G 200 7.71 -16.03 30.10
C GLN G 200 7.86 -15.24 31.40
N THR G 201 8.65 -15.79 32.31
CA THR G 201 9.02 -15.09 33.54
C THR G 201 10.30 -14.32 33.27
N TYR G 202 10.37 -13.09 33.77
CA TYR G 202 11.54 -12.26 33.57
C TYR G 202 12.15 -11.91 34.90
N ILE G 203 13.38 -12.36 35.12
CA ILE G 203 14.12 -12.14 36.35
C ILE G 203 15.49 -11.63 35.97
N CYS G 204 15.89 -10.50 36.55
CA CYS G 204 17.25 -10.02 36.36
C CYS G 204 18.13 -10.47 37.52
N ASN G 205 19.36 -10.82 37.21
CA ASN G 205 20.31 -11.36 38.18
C ASN G 205 21.44 -10.36 38.35
N VAL G 206 21.45 -9.68 39.50
CA VAL G 206 22.42 -8.62 39.79
C VAL G 206 23.46 -9.17 40.74
N ASN G 207 24.73 -9.00 40.38
CA ASN G 207 25.84 -9.38 41.23
C ASN G 207 26.72 -8.15 41.49
N HIS G 208 26.99 -7.88 42.76
CA HIS G 208 27.93 -6.83 43.19
C HIS G 208 28.94 -7.50 44.13
N LYS G 209 30.03 -8.01 43.55
CA LYS G 209 31.02 -8.73 44.35
C LYS G 209 31.65 -7.92 45.47
N PRO G 210 31.94 -6.61 45.32
CA PRO G 210 32.59 -5.89 46.43
C PRO G 210 31.84 -5.99 47.75
N SER G 211 30.52 -6.15 47.72
CA SER G 211 29.72 -6.26 48.94
C SER G 211 29.10 -7.65 49.11
N ASN G 212 29.49 -8.61 48.28
CA ASN G 212 28.91 -9.97 48.30
C ASN G 212 27.39 -9.92 48.26
N THR G 213 26.87 -9.15 47.31
CA THR G 213 25.43 -8.96 47.15
C THR G 213 25.00 -9.59 45.83
N LYS G 214 24.12 -10.59 45.92
CA LYS G 214 23.47 -11.19 44.78
C LYS G 214 21.97 -10.99 44.94
N VAL G 215 21.33 -10.40 43.94
CA VAL G 215 19.89 -10.14 43.98
C VAL G 215 19.26 -10.70 42.72
N ASP G 216 18.15 -11.43 42.89
CA ASP G 216 17.31 -11.91 41.79
C ASP G 216 15.98 -11.20 41.94
N LYS G 217 15.68 -10.30 41.02
CA LYS G 217 14.46 -9.51 41.08
C LYS G 217 13.49 -10.00 40.01
N ARG G 218 12.28 -10.32 40.43
CA ARG G 218 11.23 -10.64 39.48
C ARG G 218 10.65 -9.36 38.93
N VAL G 219 10.50 -9.29 37.61
CA VAL G 219 9.96 -8.10 36.95
C VAL G 219 8.62 -8.52 36.35
N GLU G 220 7.54 -8.18 37.04
CA GLU G 220 6.24 -8.61 36.59
C GLU G 220 5.41 -7.40 36.18
N PRO G 221 4.45 -7.57 35.27
CA PRO G 221 3.58 -6.44 34.88
C PRO G 221 2.73 -5.92 36.03
N LYS G 222 2.57 -4.60 36.07
CA LYS G 222 1.80 -3.95 37.12
C LYS G 222 0.37 -3.65 36.65
N GLU H 1 61.58 7.03 26.05
CA GLU H 1 60.14 6.87 25.99
C GLU H 1 59.63 7.19 24.60
N ILE H 2 58.95 6.23 24.01
CA ILE H 2 58.39 6.35 22.68
C ILE H 2 56.95 6.87 22.76
N VAL H 3 56.64 7.87 21.95
CA VAL H 3 55.28 8.42 21.87
C VAL H 3 54.59 7.79 20.67
N MET H 4 53.43 7.20 20.88
CA MET H 4 52.65 6.59 19.81
C MET H 4 51.44 7.47 19.52
N THR H 5 51.35 7.96 18.29
CA THR H 5 50.27 8.87 17.88
C THR H 5 49.40 8.21 16.83
N GLN H 6 48.13 8.02 17.15
CA GLN H 6 47.18 7.41 16.23
C GLN H 6 46.24 8.45 15.64
N SER H 7 45.85 8.28 14.39
CA SER H 7 44.83 9.14 13.79
C SER H 7 44.07 8.35 12.74
N PRO H 8 42.79 8.69 12.51
CA PRO H 8 42.07 9.71 13.27
C PRO H 8 41.58 9.16 14.61
N ALA H 9 41.19 10.03 15.53
CA ALA H 9 40.66 9.59 16.82
C ALA H 9 39.38 8.80 16.65
N THR H 10 38.50 9.26 15.76
CA THR H 10 37.25 8.60 15.45
C THR H 10 37.14 8.42 13.94
N LEU H 11 36.28 7.50 13.55
CA LEU H 11 36.17 7.12 12.14
C LEU H 11 34.82 6.46 11.95
N SER H 12 34.09 6.88 10.93
CA SER H 12 32.79 6.32 10.60
C SER H 12 32.84 5.80 9.18
N VAL H 13 32.57 4.50 9.00
CA VAL H 13 32.78 3.80 7.73
C VAL H 13 31.54 2.97 7.41
N SER H 14 31.17 2.93 6.09
CA SER H 14 30.02 2.14 5.65
C SER H 14 30.41 0.69 5.40
N PRO H 15 29.46 -0.24 5.56
CA PRO H 15 29.77 -1.65 5.29
C PRO H 15 30.14 -1.86 3.84
N GLY H 16 31.12 -2.74 3.62
CA GLY H 16 31.65 -3.00 2.31
C GLY H 16 32.79 -2.09 1.90
N GLU H 17 32.89 -0.90 2.51
CA GLU H 17 33.99 0.02 2.23
C GLU H 17 35.22 -0.39 3.02
N ARG H 18 36.26 0.44 3.00
CA ARG H 18 37.45 0.14 3.77
C ARG H 18 37.86 1.32 4.63
N ALA H 19 38.51 1.01 5.75
CA ALA H 19 38.92 2.01 6.72
C ALA H 19 40.44 2.01 6.83
N THR H 20 41.02 3.20 6.85
CA THR H 20 42.47 3.36 6.93
C THR H 20 42.80 4.06 8.24
N LEU H 21 43.60 3.39 9.06
CA LEU H 21 44.03 3.87 10.37
C LEU H 21 45.53 4.14 10.34
N SER H 22 45.96 5.21 11.00
CA SER H 22 47.37 5.57 11.00
C SER H 22 47.96 5.55 12.40
N CYS H 23 49.22 5.18 12.47
CA CYS H 23 50.00 5.15 13.69
C CYS H 23 51.37 5.74 13.38
N ARG H 24 51.82 6.70 14.21
CA ARG H 24 53.15 7.27 14.11
C ARG H 24 53.90 7.10 15.44
N ALA H 25 55.15 6.68 15.34
CA ALA H 25 56.06 6.54 16.48
C ALA H 25 57.00 7.73 16.50
N SER H 26 57.28 8.25 17.70
CA SER H 26 58.12 9.45 17.79
C SER H 26 59.55 9.20 17.34
N ARG H 27 59.98 7.94 17.28
CA ARG H 27 61.28 7.58 16.72
C ARG H 27 61.13 6.19 16.12
N SER H 28 62.14 5.78 15.35
CA SER H 28 62.05 4.54 14.60
C SER H 28 61.88 3.36 15.52
N ILE H 29 60.88 2.53 15.21
CA ILE H 29 60.67 1.25 15.86
C ILE H 29 60.86 0.11 14.85
N ARG H 30 61.53 0.39 13.73
CA ARG H 30 61.82 -0.58 12.68
C ARG H 30 60.51 -1.25 12.23
N SER H 31 60.36 -2.56 12.44
CA SER H 31 59.11 -3.23 12.06
C SER H 31 58.34 -3.77 13.26
N ALA H 32 58.73 -3.42 14.49
CA ALA H 32 58.12 -3.96 15.69
C ALA H 32 56.85 -3.20 16.04
N LEU H 33 55.86 -3.29 15.16
CA LEU H 33 54.58 -2.64 15.41
C LEU H 33 53.45 -3.65 15.25
N ALA H 34 52.54 -3.67 16.22
CA ALA H 34 51.37 -4.56 16.21
C ALA H 34 50.09 -3.75 16.26
N TRP H 35 49.01 -4.32 15.73
CA TRP H 35 47.68 -3.73 15.75
C TRP H 35 46.72 -4.65 16.51
N TYR H 36 45.85 -4.04 17.32
CA TYR H 36 44.89 -4.77 18.15
C TYR H 36 43.48 -4.28 17.90
N GLN H 37 42.52 -5.21 17.95
CA GLN H 37 41.10 -4.89 17.98
C GLN H 37 40.59 -5.13 19.40
N HIS H 38 39.88 -4.15 19.94
CA HIS H 38 39.32 -4.27 21.29
C HIS H 38 37.84 -3.93 21.25
N LYS H 39 36.99 -4.96 21.17
CA LYS H 39 35.56 -4.76 21.28
C LYS H 39 35.17 -4.69 22.76
N PRO H 40 34.26 -3.80 23.14
CA PRO H 40 33.91 -3.66 24.57
C PRO H 40 33.36 -4.95 25.15
N GLY H 41 33.85 -5.31 26.34
CA GLY H 41 33.45 -6.53 27.01
C GLY H 41 34.29 -7.75 26.70
N GLN H 42 35.29 -7.63 25.82
CA GLN H 42 36.11 -8.76 25.39
C GLN H 42 37.58 -8.41 25.53
N ALA H 43 38.41 -9.44 25.47
CA ALA H 43 39.85 -9.23 25.56
C ALA H 43 40.39 -8.61 24.29
N PRO H 44 41.48 -7.87 24.38
CA PRO H 44 42.10 -7.37 23.14
C PRO H 44 42.49 -8.53 22.25
N ARG H 45 42.40 -8.29 20.94
CA ARG H 45 42.60 -9.33 19.95
C ARG H 45 43.70 -8.88 18.99
N LEU H 46 44.76 -9.67 18.90
CA LEU H 46 45.89 -9.29 18.05
C LEU H 46 45.53 -9.51 16.58
N LEU H 47 45.75 -8.47 15.77
CA LEU H 47 45.45 -8.53 14.34
C LEU H 47 46.70 -8.67 13.49
N ILE H 48 47.69 -7.82 13.75
CA ILE H 48 48.90 -7.69 12.95
C ILE H 48 50.07 -7.62 13.91
N PHE H 49 51.16 -8.26 13.56
CA PHE H 49 52.43 -8.04 14.21
C PHE H 49 53.48 -7.84 13.12
N GLY H 50 54.68 -7.41 13.52
CA GLY H 50 55.72 -7.18 12.54
C GLY H 50 55.32 -6.19 11.46
N ALA H 51 54.41 -5.27 11.78
CA ALA H 51 53.93 -4.23 10.88
C ALA H 51 52.99 -4.76 9.80
N SER H 52 53.31 -5.93 9.20
CA SER H 52 52.53 -6.37 8.05
C SER H 52 52.08 -7.83 8.09
N THR H 53 52.26 -8.56 9.19
CA THR H 53 51.96 -9.98 9.25
C THR H 53 50.68 -10.21 10.06
N ARG H 54 49.71 -10.88 9.45
CA ARG H 54 48.49 -11.24 10.15
C ARG H 54 48.74 -12.31 11.19
N ALA H 55 48.10 -12.15 12.35
CA ALA H 55 48.14 -13.16 13.40
C ALA H 55 47.33 -14.39 12.98
N THR H 56 47.47 -15.46 13.75
CA THR H 56 46.85 -16.73 13.38
C THR H 56 45.34 -16.56 13.25
N GLY H 57 44.80 -17.00 12.10
CA GLY H 57 43.36 -16.96 11.93
C GLY H 57 42.77 -15.60 11.65
N ILE H 58 43.59 -14.59 11.37
CA ILE H 58 43.06 -13.26 11.04
C ILE H 58 42.76 -13.24 9.55
N PRO H 59 41.58 -12.78 9.15
CA PRO H 59 41.21 -12.76 7.74
C PRO H 59 42.04 -11.75 6.95
N ALA H 60 42.09 -11.97 5.64
CA ALA H 60 42.93 -11.17 4.77
C ALA H 60 42.45 -9.72 4.64
N ARG H 61 41.20 -9.42 5.01
CA ARG H 61 40.72 -8.04 4.92
C ARG H 61 41.37 -7.12 5.96
N PHE H 62 42.24 -7.64 6.83
CA PHE H 62 43.10 -6.85 7.70
C PHE H 62 44.50 -6.81 7.10
N SER H 63 44.95 -5.62 6.73
CA SER H 63 46.25 -5.43 6.08
C SER H 63 47.02 -4.34 6.81
N GLY H 64 48.21 -4.66 7.28
CA GLY H 64 49.06 -3.71 7.97
C GLY H 64 50.27 -3.44 7.09
N SER H 65 50.74 -2.19 7.12
CA SER H 65 51.96 -1.83 6.40
C SER H 65 52.66 -0.72 7.17
N GLY H 66 53.92 -0.48 6.78
CA GLY H 66 54.72 0.55 7.41
C GLY H 66 56.07 0.07 7.87
N SER H 67 56.97 1.00 8.18
CA SER H 67 58.32 0.70 8.62
C SER H 67 58.93 1.96 9.18
N GLY H 68 59.72 1.84 10.25
CA GLY H 68 60.40 3.00 10.82
C GLY H 68 59.53 3.80 11.79
N THR H 69 58.87 4.86 11.30
CA THR H 69 58.00 5.64 12.18
C THR H 69 56.54 5.68 11.74
N ASP H 70 56.22 5.33 10.50
CA ASP H 70 54.88 5.51 9.95
C ASP H 70 54.25 4.18 9.55
N PHE H 71 53.05 3.90 10.09
CA PHE H 71 52.38 2.63 9.89
C PHE H 71 50.89 2.86 9.64
N THR H 72 50.26 1.95 8.88
CA THR H 72 48.82 2.02 8.65
C THR H 72 48.21 0.63 8.77
N LEU H 73 46.94 0.61 9.16
CA LEU H 73 46.11 -0.58 9.15
C LEU H 73 44.94 -0.29 8.21
N THR H 74 44.72 -1.16 7.22
CA THR H 74 43.60 -1.02 6.30
C THR H 74 42.65 -2.20 6.51
N VAL H 75 41.41 -1.91 6.84
CA VAL H 75 40.37 -2.92 7.08
C VAL H 75 39.37 -2.83 5.94
N SER H 76 39.30 -3.86 5.10
CA SER H 76 38.37 -3.83 3.97
C SER H 76 37.17 -4.72 4.21
N SER H 77 36.18 -4.58 3.32
CA SER H 77 34.90 -5.28 3.41
C SER H 77 34.30 -5.15 4.82
N ILE H 78 34.15 -3.89 5.23
CA ILE H 78 33.75 -3.59 6.60
C ILE H 78 32.40 -4.21 6.93
N ARG H 79 32.31 -4.77 8.14
CA ARG H 79 31.11 -5.42 8.66
C ARG H 79 30.68 -4.70 9.93
N SER H 80 29.43 -4.93 10.34
CA SER H 80 28.95 -4.33 11.58
C SER H 80 29.75 -4.78 12.78
N GLU H 81 30.26 -6.01 12.75
CA GLU H 81 31.08 -6.55 13.85
C GLU H 81 32.41 -5.84 13.99
N ASP H 82 32.81 -5.00 13.04
CA ASP H 82 34.08 -4.31 13.14
C ASP H 82 34.04 -3.10 14.06
N SER H 83 32.86 -2.74 14.57
CA SER H 83 32.74 -1.64 15.52
C SER H 83 33.56 -1.92 16.78
N ALA H 84 34.62 -1.15 16.99
CA ALA H 84 35.56 -1.41 18.08
C ALA H 84 36.54 -0.26 18.14
N VAL H 85 37.42 -0.31 19.14
CA VAL H 85 38.59 0.55 19.23
C VAL H 85 39.79 -0.23 18.73
N TYR H 86 40.61 0.42 17.89
CA TYR H 86 41.80 -0.20 17.32
C TYR H 86 43.02 0.52 17.86
N TYR H 87 43.96 -0.26 18.39
CA TYR H 87 45.18 0.29 18.99
C TYR H 87 46.40 -0.22 18.24
N CYS H 88 47.38 0.65 18.07
CA CYS H 88 48.70 0.16 17.71
C CYS H 88 49.54 -0.01 18.98
N GLN H 89 50.59 -0.81 18.85
CA GLN H 89 51.48 -1.09 19.96
C GLN H 89 52.88 -1.30 19.40
N GLN H 90 53.83 -0.48 19.85
CA GLN H 90 55.23 -0.69 19.54
C GLN H 90 55.80 -1.73 20.49
N TYR H 91 56.69 -2.59 19.96
CA TYR H 91 57.38 -3.54 20.82
C TYR H 91 58.87 -3.60 20.49
N ASP H 92 59.43 -2.47 20.06
CA ASP H 92 60.87 -2.36 19.86
C ASP H 92 61.59 -2.20 21.21
N PHE H 93 61.03 -1.41 22.13
CA PHE H 93 61.64 -1.18 23.45
C PHE H 93 60.54 -1.26 24.52
N TRP H 94 60.37 -2.44 25.09
CA TRP H 94 59.21 -2.78 25.94
C TRP H 94 57.96 -2.54 25.08
N TYR H 95 56.86 -2.05 25.67
CA TYR H 95 55.59 -2.01 24.96
C TYR H 95 54.90 -0.68 25.24
N THR H 96 54.38 -0.05 24.18
CA THR H 96 53.57 1.15 24.34
C THR H 96 52.45 1.12 23.33
N PHE H 97 51.22 1.19 23.83
CA PHE H 97 50.03 1.33 22.98
C PHE H 97 49.80 2.79 22.61
N GLY H 98 49.21 3.02 21.43
CA GLY H 98 48.64 4.31 21.10
C GLY H 98 47.32 4.53 21.84
N GLN H 99 46.73 5.71 21.60
CA GLN H 99 45.52 6.06 22.34
C GLN H 99 44.25 5.47 21.77
N GLY H 100 44.31 4.84 20.61
CA GLY H 100 43.20 4.13 19.99
C GLY H 100 42.47 4.96 18.96
N THR H 101 41.89 4.27 17.97
CA THR H 101 40.96 4.88 17.02
C THR H 101 39.63 4.18 17.23
N LYS H 102 38.58 4.96 17.49
CA LYS H 102 37.25 4.40 17.70
C LYS H 102 36.52 4.37 16.35
N LEU H 103 36.18 3.15 15.90
CA LEU H 103 35.61 2.91 14.58
C LEU H 103 34.12 2.63 14.70
N GLU H 104 33.30 3.46 14.03
CA GLU H 104 31.85 3.32 14.00
C GLU H 104 31.40 2.83 12.63
N ILE H 105 30.41 1.94 12.62
CA ILE H 105 29.88 1.38 11.37
C ILE H 105 28.61 2.13 11.02
N LYS H 106 28.56 2.68 9.82
CA LYS H 106 27.43 3.44 9.31
C LYS H 106 26.28 2.51 8.93
N ARG H 107 25.06 2.89 9.31
CA ARG H 107 23.85 2.21 8.83
C ARG H 107 22.79 3.22 8.42
N THR H 108 21.62 2.71 8.00
CA THR H 108 20.48 3.56 7.68
C THR H 108 19.92 4.19 8.96
N VAL H 109 19.14 5.25 8.77
CA VAL H 109 18.55 5.94 9.92
C VAL H 109 17.58 5.00 10.62
N ALA H 110 17.61 5.02 11.96
CA ALA H 110 16.70 4.24 12.78
C ALA H 110 16.17 5.12 13.91
N ALA H 111 14.86 5.20 14.02
CA ALA H 111 14.26 6.05 15.05
C ALA H 111 14.27 5.34 16.40
N PRO H 112 14.39 6.09 17.49
CA PRO H 112 14.32 5.45 18.82
C PRO H 112 12.92 4.96 19.08
N SER H 113 12.83 3.73 19.60
CA SER H 113 11.59 3.27 20.22
C SER H 113 11.61 3.68 21.68
N VAL H 114 10.62 4.48 22.08
CA VAL H 114 10.68 5.20 23.35
C VAL H 114 9.73 4.55 24.33
N PHE H 115 10.21 4.35 25.56
CA PHE H 115 9.44 3.79 26.65
C PHE H 115 9.71 4.61 27.90
N ILE H 116 8.69 4.79 28.74
CA ILE H 116 8.85 5.49 30.00
C ILE H 116 8.44 4.56 31.15
N PHE H 117 9.18 4.62 32.25
CA PHE H 117 8.94 3.77 33.41
C PHE H 117 8.71 4.62 34.65
N PRO H 118 7.61 4.44 35.34
CA PRO H 118 7.37 5.20 36.57
C PRO H 118 8.15 4.59 37.72
N PRO H 119 8.30 5.32 38.84
CA PRO H 119 9.02 4.74 39.99
C PRO H 119 8.29 3.52 40.51
N SER H 120 9.06 2.53 40.93
CA SER H 120 8.46 1.36 41.56
C SER H 120 7.95 1.74 42.94
N ASP H 121 6.92 1.01 43.40
CA ASP H 121 6.41 1.24 44.75
C ASP H 121 7.45 0.93 45.81
N GLU H 122 8.29 -0.08 45.58
CA GLU H 122 9.31 -0.41 46.56
C GLU H 122 10.21 0.79 46.83
N GLN H 123 10.59 1.50 45.78
CA GLN H 123 11.49 2.65 45.96
C GLN H 123 10.77 3.82 46.62
N LEU H 124 9.49 4.01 46.32
CA LEU H 124 8.76 5.14 46.92
C LEU H 124 8.65 5.00 48.43
N LYS H 125 8.51 3.77 48.93
CA LYS H 125 8.50 3.58 50.38
C LYS H 125 9.83 4.00 50.99
N SER H 126 10.92 3.89 50.25
CA SER H 126 12.23 4.31 50.72
C SER H 126 12.45 5.81 50.61
N GLY H 127 11.60 6.54 49.89
CA GLY H 127 11.67 8.00 49.84
C GLY H 127 12.26 8.64 48.60
N THR H 128 12.51 7.89 47.53
CA THR H 128 13.05 8.44 46.29
C THR H 128 12.19 7.98 45.12
N ALA H 129 12.08 8.83 44.11
CA ALA H 129 11.38 8.51 42.89
C ALA H 129 12.36 8.58 41.73
N SER H 130 12.47 7.50 40.97
CA SER H 130 13.32 7.45 39.80
C SER H 130 12.45 7.16 38.59
N VAL H 131 12.33 8.15 37.70
CA VAL H 131 11.60 7.99 36.45
C VAL H 131 12.61 7.78 35.32
N VAL H 132 12.42 6.71 34.57
CA VAL H 132 13.39 6.27 33.57
C VAL H 132 12.76 6.36 32.19
N CYS H 133 13.51 6.91 31.23
CA CYS H 133 13.09 6.96 29.84
C CYS H 133 14.09 6.20 28.98
N LEU H 134 13.59 5.26 28.19
CA LEU H 134 14.40 4.41 27.36
C LEU H 134 14.23 4.79 25.90
N LEU H 135 15.34 4.98 25.21
CA LEU H 135 15.37 5.19 23.76
C LEU H 135 16.09 3.99 23.15
N ASN H 136 15.39 3.19 22.37
CA ASN H 136 15.91 1.88 21.95
C ASN H 136 16.26 1.81 20.47
N ASN H 137 17.47 1.29 20.19
CA ASN H 137 17.94 0.88 18.87
C ASN H 137 17.73 1.96 17.81
N PHE H 138 18.45 3.06 17.97
CA PHE H 138 18.38 4.19 17.05
C PHE H 138 19.75 4.42 16.41
N TYR H 139 19.74 5.11 15.26
CA TYR H 139 20.94 5.54 14.55
C TYR H 139 20.57 6.74 13.69
N PRO H 140 21.38 7.81 13.69
CA PRO H 140 22.67 7.91 14.36
C PRO H 140 22.58 8.19 15.84
N ARG H 141 23.76 8.40 16.45
CA ARG H 141 23.87 8.42 17.90
C ARG H 141 23.24 9.66 18.53
N GLU H 142 23.15 10.76 17.79
CA GLU H 142 22.69 12.00 18.37
C GLU H 142 21.19 11.92 18.68
N ALA H 143 20.84 12.20 19.93
CA ALA H 143 19.44 12.21 20.34
C ALA H 143 19.30 13.17 21.52
N LYS H 144 18.16 13.85 21.58
CA LYS H 144 17.86 14.77 22.67
C LYS H 144 16.70 14.23 23.49
N VAL H 145 16.82 14.31 24.82
CA VAL H 145 15.76 13.92 25.73
C VAL H 145 15.48 15.11 26.66
N GLN H 146 14.22 15.54 26.69
CA GLN H 146 13.76 16.57 27.61
C GLN H 146 12.71 15.96 28.51
N TRP H 147 12.81 16.25 29.80
CA TRP H 147 11.81 15.82 30.77
C TRP H 147 10.83 16.95 31.03
N LYS H 148 9.53 16.65 30.93
CA LYS H 148 8.48 17.62 31.22
C LYS H 148 7.61 17.06 32.33
N VAL H 149 7.53 17.80 33.44
CA VAL H 149 6.69 17.46 34.57
C VAL H 149 5.60 18.51 34.65
N ASP H 150 4.34 18.09 34.47
CA ASP H 150 3.21 19.02 34.39
C ASP H 150 3.46 20.10 33.33
N ASN H 151 4.00 19.69 32.17
CA ASN H 151 4.32 20.54 31.03
C ASN H 151 5.42 21.55 31.32
N ALA H 152 6.15 21.40 32.41
CA ALA H 152 7.29 22.25 32.75
C ALA H 152 8.59 21.54 32.38
N LEU H 153 9.41 22.18 31.55
CA LEU H 153 10.68 21.58 31.16
C LEU H 153 11.60 21.47 32.37
N GLN H 154 12.13 20.27 32.59
CA GLN H 154 13.01 19.98 33.73
C GLN H 154 14.46 20.31 33.42
N SER H 155 15.23 20.62 34.46
CA SER H 155 16.63 20.94 34.25
C SER H 155 17.45 20.61 35.49
N GLY H 156 18.54 19.85 35.30
CA GLY H 156 19.52 19.58 36.33
C GLY H 156 19.27 18.34 37.17
N ASN H 157 18.16 17.64 36.95
CA ASN H 157 17.75 16.51 37.75
C ASN H 157 17.67 15.22 36.93
N SER H 158 18.47 15.14 35.87
CA SER H 158 18.46 13.96 35.02
C SER H 158 19.89 13.57 34.66
N GLN H 159 20.05 12.29 34.31
CA GLN H 159 21.33 11.75 33.88
C GLN H 159 21.10 10.78 32.73
N GLU H 160 21.97 10.84 31.73
CA GLU H 160 21.89 9.98 30.55
C GLU H 160 23.01 8.96 30.56
N SER H 161 22.82 7.91 29.75
CA SER H 161 23.80 6.85 29.59
C SER H 161 23.53 6.19 28.24
N VAL H 162 24.59 5.98 27.44
CA VAL H 162 24.45 5.41 26.10
C VAL H 162 25.25 4.12 26.02
N THR H 163 24.67 3.10 25.38
CA THR H 163 25.41 1.87 25.13
C THR H 163 26.43 2.09 24.01
N GLU H 164 27.40 1.19 23.92
CA GLU H 164 28.25 1.13 22.75
C GLU H 164 27.46 0.61 21.55
N GLN H 165 27.94 0.93 20.35
CA GLN H 165 27.23 0.52 19.14
C GLN H 165 27.07 -1.01 19.11
N ASP H 166 25.86 -1.46 18.83
CA ASP H 166 25.60 -2.89 18.75
C ASP H 166 26.35 -3.52 17.59
N SER H 167 26.94 -4.69 17.84
CA SER H 167 27.79 -5.32 16.83
C SER H 167 27.00 -6.00 15.71
N LYS H 168 25.72 -6.28 15.90
CA LYS H 168 24.94 -6.95 14.87
C LYS H 168 24.10 -5.99 14.04
N ASP H 169 23.45 -4.99 14.66
CA ASP H 169 22.60 -4.05 13.91
C ASP H 169 23.08 -2.60 13.93
N SER H 170 24.26 -2.32 14.51
CA SER H 170 24.91 -1.01 14.46
C SER H 170 24.10 0.11 15.10
N THR H 171 23.16 -0.20 15.99
CA THR H 171 22.36 0.85 16.62
C THR H 171 22.89 1.20 18.01
N TYR H 172 22.34 2.28 18.55
CA TYR H 172 22.63 2.72 19.91
C TYR H 172 21.35 2.68 20.72
N SER H 173 21.51 2.61 22.04
CA SER H 173 20.40 2.80 22.96
C SER H 173 20.84 3.76 24.06
N LEU H 174 19.87 4.50 24.59
CA LEU H 174 20.10 5.56 25.56
C LEU H 174 19.08 5.46 26.69
N SER H 175 19.54 5.69 27.91
CA SER H 175 18.67 5.77 29.09
C SER H 175 18.84 7.13 29.75
N SER H 176 17.72 7.73 30.15
CA SER H 176 17.71 8.97 30.93
C SER H 176 16.91 8.75 32.21
N THR H 177 17.49 9.11 33.35
CA THR H 177 16.86 8.92 34.65
C THR H 177 16.59 10.28 35.29
N LEU H 178 15.31 10.60 35.49
CA LEU H 178 14.90 11.78 36.24
C LEU H 178 14.76 11.40 37.71
N THR H 179 15.47 12.10 38.59
CA THR H 179 15.49 11.75 40.01
C THR H 179 14.90 12.91 40.82
N LEU H 180 13.85 12.62 41.58
CA LEU H 180 13.17 13.58 42.42
C LEU H 180 12.92 12.97 43.78
N SER H 181 12.72 13.83 44.78
CA SER H 181 12.32 13.34 46.08
C SER H 181 10.88 12.85 46.02
N LYS H 182 10.53 11.95 46.94
CA LYS H 182 9.16 11.46 47.02
C LYS H 182 8.19 12.62 47.21
N ALA H 183 8.60 13.63 47.99
CA ALA H 183 7.76 14.80 48.21
C ALA H 183 7.53 15.55 46.91
N ASP H 184 8.61 15.85 46.19
CA ASP H 184 8.46 16.56 44.90
C ASP H 184 7.69 15.71 43.90
N TYR H 185 7.92 14.38 43.88
CA TYR H 185 7.25 13.51 42.93
C TYR H 185 5.74 13.51 43.13
N GLU H 186 5.28 13.56 44.38
CA GLU H 186 3.86 13.45 44.68
C GLU H 186 3.12 14.77 44.53
N LYS H 187 3.80 15.82 44.08
CA LYS H 187 3.17 17.12 43.88
C LYS H 187 2.67 17.32 42.46
N HIS H 188 2.94 16.37 41.57
CA HIS H 188 2.63 16.55 40.16
C HIS H 188 1.99 15.28 39.60
N LYS H 189 1.25 15.46 38.51
CA LYS H 189 0.45 14.38 37.93
C LYS H 189 1.10 13.81 36.67
N VAL H 190 1.42 14.66 35.69
CA VAL H 190 1.85 14.24 34.37
C VAL H 190 3.38 14.24 34.30
N TYR H 191 3.94 13.10 33.90
CA TYR H 191 5.38 12.94 33.70
C TYR H 191 5.64 12.54 32.26
N ALA H 192 6.34 13.38 31.51
CA ALA H 192 6.54 13.20 30.09
C ALA H 192 8.01 13.17 29.71
N CYS H 193 8.30 12.39 28.68
CA CYS H 193 9.65 12.25 28.14
C CYS H 193 9.58 12.56 26.64
N GLU H 194 10.22 13.66 26.22
CA GLU H 194 10.20 14.10 24.82
C GLU H 194 11.54 13.82 24.16
N VAL H 195 11.50 13.17 22.99
CA VAL H 195 12.68 12.68 22.29
C VAL H 195 12.78 13.34 20.92
N THR H 196 13.96 13.89 20.61
CA THR H 196 14.26 14.44 19.30
C THR H 196 15.31 13.58 18.63
N HIS H 197 15.08 13.24 17.36
CA HIS H 197 16.03 12.44 16.62
C HIS H 197 15.78 12.58 15.12
N GLN H 198 16.84 12.38 14.34
CA GLN H 198 16.77 12.53 12.88
C GLN H 198 15.71 11.59 12.27
N GLY H 199 15.44 10.46 12.89
CA GLY H 199 14.47 9.49 12.43
C GLY H 199 13.02 9.81 12.76
N LEU H 200 12.77 10.88 13.50
CA LEU H 200 11.42 11.31 13.83
C LEU H 200 11.16 12.63 13.12
N SER H 201 10.05 12.69 12.38
CA SER H 201 9.71 13.94 11.69
C SER H 201 9.42 15.05 12.69
N SER H 202 8.69 14.73 13.75
CA SER H 202 8.41 15.62 14.85
C SER H 202 8.71 14.88 16.15
N PRO H 203 8.97 15.60 17.24
CA PRO H 203 9.36 14.93 18.49
C PRO H 203 8.29 13.98 19.00
N VAL H 204 8.75 12.89 19.63
CA VAL H 204 7.89 11.87 20.21
C VAL H 204 7.86 12.06 21.73
N THR H 205 6.66 11.99 22.30
CA THR H 205 6.45 12.13 23.74
C THR H 205 5.80 10.86 24.28
N LYS H 206 6.40 10.30 25.33
CA LYS H 206 5.79 9.24 26.12
C LYS H 206 5.57 9.77 27.53
N SER H 207 4.38 9.56 28.07
CA SER H 207 4.05 10.13 29.38
C SER H 207 3.24 9.13 30.19
N PHE H 208 3.06 9.44 31.47
CA PHE H 208 2.14 8.71 32.34
C PHE H 208 1.55 9.65 33.38
N ASN H 209 0.43 9.22 33.96
CA ASN H 209 -0.21 9.92 35.08
C ASN H 209 0.09 9.18 36.38
N ARG H 210 0.58 9.92 37.37
CA ARG H 210 0.93 9.33 38.66
C ARG H 210 -0.28 8.64 39.29
N GLY H 211 -0.26 7.31 39.32
CA GLY H 211 -1.31 6.51 39.93
C GLY H 211 -2.20 5.77 38.95
N GLU H 212 -2.24 6.20 37.69
CA GLU H 212 -3.15 5.60 36.72
C GLU H 212 -2.50 4.42 36.01
N GLN I 1 -24.08 29.55 19.46
CA GLN I 1 -23.06 29.76 18.44
C GLN I 1 -23.08 28.60 17.44
N VAL I 2 -24.25 28.46 16.83
CA VAL I 2 -24.44 27.65 15.65
C VAL I 2 -23.66 28.27 14.50
N GLN I 3 -22.93 27.44 13.76
CA GLN I 3 -22.02 27.98 12.75
C GLN I 3 -21.91 27.00 11.58
N LEU I 4 -21.83 27.56 10.37
CA LEU I 4 -21.56 26.78 9.17
C LEU I 4 -20.36 27.43 8.49
N LEU I 5 -19.37 26.62 8.11
CA LEU I 5 -18.13 27.10 7.53
C LEU I 5 -17.83 26.37 6.23
N GLU I 6 -17.95 27.05 5.10
CA GLU I 6 -17.64 26.48 3.80
C GLU I 6 -16.15 26.59 3.48
N SER I 7 -15.65 25.60 2.74
CA SER I 7 -14.30 25.63 2.19
C SER I 7 -14.28 24.74 0.96
N GLY I 8 -13.16 24.74 0.27
CA GLY I 8 -12.98 23.90 -0.90
C GLY I 8 -13.02 24.64 -2.22
N GLY I 9 -13.43 25.91 -2.22
CA GLY I 9 -13.49 26.68 -3.44
C GLY I 9 -12.12 27.04 -3.97
N GLY I 10 -12.11 27.57 -5.18
CA GLY I 10 -10.87 27.98 -5.82
C GLY I 10 -11.11 28.18 -7.32
N VAL I 11 -10.01 28.25 -8.06
CA VAL I 11 -10.05 28.41 -9.52
C VAL I 11 -9.81 27.06 -10.18
N VAL I 12 -10.64 26.72 -11.16
CA VAL I 12 -10.52 25.48 -11.92
C VAL I 12 -10.83 25.74 -13.38
N ARG I 13 -10.08 25.09 -14.27
CA ARG I 13 -10.33 25.17 -15.72
C ARG I 13 -11.63 24.45 -16.11
N PRO I 14 -12.29 24.88 -17.19
CA PRO I 14 -13.51 24.19 -17.65
C PRO I 14 -13.30 22.69 -17.83
N GLY I 15 -14.30 21.91 -17.39
CA GLY I 15 -14.21 20.48 -17.33
C GLY I 15 -13.59 19.93 -16.06
N GLY I 16 -13.06 20.79 -15.18
CA GLY I 16 -12.39 20.35 -13.98
C GLY I 16 -13.34 20.06 -12.84
N SER I 17 -12.76 19.85 -11.65
CA SER I 17 -13.52 19.37 -10.50
C SER I 17 -13.14 20.14 -9.24
N LEU I 18 -14.13 20.28 -8.36
CA LEU I 18 -13.96 20.80 -7.01
C LEU I 18 -14.88 20.03 -6.08
N ARG I 19 -14.44 19.84 -4.85
CA ARG I 19 -15.26 19.27 -3.78
CA ARG I 19 -15.27 19.27 -3.79
C ARG I 19 -15.38 20.33 -2.70
N LEU I 20 -16.53 20.98 -2.62
CA LEU I 20 -16.79 21.93 -1.57
C LEU I 20 -17.15 21.18 -0.30
N SER I 21 -16.78 21.75 0.83
CA SER I 21 -17.15 21.20 2.10
C SER I 21 -17.68 22.30 3.00
N CYS I 22 -18.57 21.92 3.91
CA CYS I 22 -19.22 22.82 4.85
C CYS I 22 -19.20 22.14 6.20
N ALA I 23 -18.54 22.76 7.18
CA ALA I 23 -18.40 22.20 8.52
C ALA I 23 -19.43 22.83 9.46
N ALA I 24 -20.26 22.00 10.07
CA ALA I 24 -21.30 22.44 10.98
C ALA I 24 -20.86 22.25 12.44
N SER I 25 -21.27 23.19 13.29
CA SER I 25 -21.02 23.02 14.71
C SER I 25 -22.11 23.73 15.50
N GLY I 26 -22.35 23.25 16.72
CA GLY I 26 -23.31 23.84 17.61
C GLY I 26 -24.71 23.30 17.52
N PHE I 27 -24.92 22.23 16.75
CA PHE I 27 -26.24 21.61 16.70
C PHE I 27 -26.09 20.16 16.30
N ASN I 28 -27.17 19.41 16.46
CA ASN I 28 -27.20 18.01 16.03
C ASN I 28 -27.34 17.99 14.51
N PHE I 29 -26.19 18.01 13.84
CA PHE I 29 -26.14 18.06 12.38
C PHE I 29 -27.00 17.00 11.73
N GLU I 30 -27.01 15.79 12.30
CA GLU I 30 -27.72 14.65 11.73
C GLU I 30 -29.23 14.87 11.64
N ASP I 31 -29.78 15.88 12.34
CA ASP I 31 -31.20 16.16 12.34
C ASP I 31 -31.66 17.11 11.23
N PHE I 32 -30.76 17.75 10.49
CA PHE I 32 -31.13 18.86 9.62
C PHE I 32 -30.82 18.56 8.16
N GLY I 33 -31.77 18.88 7.28
CA GLY I 33 -31.47 18.92 5.87
C GLY I 33 -30.59 20.11 5.52
N MET I 34 -29.75 19.92 4.51
CA MET I 34 -28.77 20.91 4.10
C MET I 34 -28.96 21.27 2.64
N SER I 35 -28.70 22.52 2.30
CA SER I 35 -28.76 23.00 0.93
C SER I 35 -27.48 23.75 0.58
N TRP I 36 -27.18 23.76 -0.72
CA TRP I 36 -26.22 24.67 -1.29
C TRP I 36 -26.96 25.71 -2.12
N VAL I 37 -26.61 26.97 -1.94
CA VAL I 37 -27.17 28.08 -2.69
C VAL I 37 -26.02 28.90 -3.22
N ARG I 38 -26.10 29.29 -4.49
CA ARG I 38 -25.03 30.06 -5.09
C ARG I 38 -25.55 31.40 -5.59
N GLN I 39 -24.62 32.34 -5.75
CA GLN I 39 -24.92 33.63 -6.37
C GLN I 39 -23.82 33.93 -7.38
N ALA I 40 -24.17 33.80 -8.66
CA ALA I 40 -23.25 34.15 -9.73
C ALA I 40 -23.03 35.66 -9.78
N PRO I 41 -21.86 36.11 -10.27
CA PRO I 41 -21.62 37.55 -10.39
C PRO I 41 -22.71 38.28 -11.15
N GLY I 42 -23.30 39.29 -10.50
CA GLY I 42 -24.36 40.07 -11.11
C GLY I 42 -25.70 39.41 -11.21
N LYS I 43 -25.93 38.32 -10.47
CA LYS I 43 -27.22 37.62 -10.53
C LYS I 43 -27.77 37.43 -9.12
N GLY I 44 -28.96 36.82 -9.05
CA GLY I 44 -29.60 36.60 -7.79
C GLY I 44 -29.22 35.26 -7.20
N LEU I 45 -29.82 34.96 -6.07
CA LEU I 45 -29.61 33.67 -5.43
C LEU I 45 -30.22 32.57 -6.29
N GLU I 46 -29.53 31.44 -6.36
CA GLU I 46 -30.03 30.27 -7.07
C GLU I 46 -29.81 29.04 -6.19
N TRP I 47 -30.90 28.36 -5.86
CA TRP I 47 -30.78 27.10 -5.14
C TRP I 47 -30.12 26.06 -6.04
N VAL I 48 -29.18 25.29 -5.49
CA VAL I 48 -28.38 24.34 -6.25
C VAL I 48 -28.72 22.90 -5.91
N SER I 49 -28.70 22.55 -4.62
CA SER I 49 -28.92 21.16 -4.23
C SER I 49 -29.30 21.09 -2.76
N SER I 50 -29.95 19.97 -2.40
CA SER I 50 -30.36 19.71 -1.04
C SER I 50 -30.29 18.21 -0.76
N ILE I 51 -29.90 17.86 0.47
CA ILE I 51 -29.96 16.48 0.95
C ILE I 51 -30.71 16.49 2.28
N SER I 52 -31.72 15.62 2.41
CA SER I 52 -32.53 15.60 3.63
C SER I 52 -31.70 15.05 4.80
N TRP I 53 -32.25 15.24 6.01
CA TRP I 53 -31.52 14.90 7.24
C TRP I 53 -31.01 13.46 7.20
N ASN I 54 -31.80 12.53 6.68
CA ASN I 54 -31.42 11.12 6.65
C ASN I 54 -31.01 10.65 5.26
N GLY I 55 -30.78 11.57 4.32
CA GLY I 55 -30.38 11.20 2.97
C GLY I 55 -31.46 10.61 2.11
N ALA I 56 -32.70 10.54 2.60
CA ALA I 56 -33.76 9.86 1.86
C ALA I 56 -34.29 10.67 0.70
N ASN I 57 -34.12 11.99 0.72
CA ASN I 57 -34.60 12.84 -0.37
C ASN I 57 -33.49 13.78 -0.79
N ILE I 58 -33.08 13.69 -2.06
CA ILE I 58 -32.00 14.48 -2.62
C ILE I 58 -32.47 15.14 -3.90
N GLY I 59 -32.15 16.42 -4.06
CA GLY I 59 -32.59 17.17 -5.22
C GLY I 59 -31.48 18.03 -5.76
N TYR I 60 -31.59 18.31 -7.07
CA TYR I 60 -30.67 19.17 -7.78
C TYR I 60 -31.44 20.12 -8.69
N VAL I 61 -30.91 21.34 -8.84
CA VAL I 61 -31.41 22.22 -9.89
C VAL I 61 -31.03 21.64 -11.25
N ASP I 62 -31.90 21.84 -12.25
CA ASP I 62 -31.75 21.14 -13.53
C ASP I 62 -30.37 21.32 -14.15
N SER I 63 -29.79 22.53 -14.04
CA SER I 63 -28.56 22.84 -14.76
C SER I 63 -27.33 22.11 -14.21
N VAL I 64 -27.40 21.47 -13.04
CA VAL I 64 -26.27 20.73 -12.49
C VAL I 64 -26.51 19.24 -12.43
N LYS I 65 -27.68 18.76 -12.85
CA LYS I 65 -27.96 17.33 -12.80
C LYS I 65 -26.94 16.54 -13.59
N GLY I 66 -26.38 15.52 -12.95
CA GLY I 66 -25.38 14.67 -13.55
C GLY I 66 -23.97 15.20 -13.48
N ARG I 67 -23.77 16.43 -13.00
CA ARG I 67 -22.44 16.98 -12.81
C ARG I 67 -22.08 17.19 -11.35
N PHE I 68 -23.04 17.58 -10.52
CA PHE I 68 -22.83 17.80 -9.11
C PHE I 68 -23.42 16.65 -8.32
N THR I 69 -22.79 16.33 -7.19
CA THR I 69 -23.30 15.32 -6.26
C THR I 69 -23.16 15.88 -4.85
N ILE I 70 -24.26 15.92 -4.15
CA ILE I 70 -24.32 16.36 -2.77
C ILE I 70 -24.24 15.13 -1.86
N SER I 71 -23.61 15.29 -0.69
CA SER I 71 -23.58 14.22 0.28
C SER I 71 -23.20 14.80 1.64
N ARG I 72 -23.24 13.94 2.66
CA ARG I 72 -22.94 14.34 4.03
C ARG I 72 -22.20 13.23 4.76
N ASP I 73 -21.39 13.64 5.75
CA ASP I 73 -20.66 12.74 6.64
C ASP I 73 -21.08 13.16 8.05
N ASN I 74 -22.05 12.42 8.59
CA ASN I 74 -22.62 12.78 9.87
C ASN I 74 -21.61 12.59 11.00
N ALA I 75 -20.62 11.72 10.80
CA ALA I 75 -19.59 11.56 11.82
C ALA I 75 -18.64 12.75 11.88
N LYS I 76 -18.47 13.47 10.77
CA LYS I 76 -17.65 14.69 10.76
C LYS I 76 -18.45 15.98 10.81
N ASN I 77 -19.79 15.89 10.92
CA ASN I 77 -20.64 17.08 10.88
C ASN I 77 -20.33 17.93 9.64
N SER I 78 -20.24 17.27 8.49
CA SER I 78 -19.80 17.91 7.27
C SER I 78 -20.74 17.64 6.11
N LEU I 79 -20.90 18.64 5.25
CA LEU I 79 -21.68 18.56 4.02
C LEU I 79 -20.73 18.76 2.85
N TYR I 80 -20.99 18.05 1.74
CA TYR I 80 -20.11 18.12 0.58
C TYR I 80 -20.90 18.43 -0.68
N LEU I 81 -20.18 19.03 -1.63
CA LEU I 81 -20.69 19.22 -2.97
C LEU I 81 -19.55 18.86 -3.90
N GLN I 82 -19.68 17.71 -4.55
CA GLN I 82 -18.73 17.26 -5.56
C GLN I 82 -19.14 17.90 -6.87
N MET I 83 -18.31 18.79 -7.38
CA MET I 83 -18.60 19.53 -8.61
C MET I 83 -17.71 19.01 -9.72
N ASN I 84 -18.30 18.28 -10.67
CA ASN I 84 -17.60 17.73 -11.83
C ASN I 84 -18.07 18.43 -13.11
N SER I 85 -17.23 18.34 -14.14
CA SER I 85 -17.52 18.93 -15.45
C SER I 85 -17.95 20.39 -15.32
N LEU I 86 -17.14 21.17 -14.60
CA LEU I 86 -17.47 22.56 -14.32
C LEU I 86 -17.44 23.41 -15.59
N ARG I 87 -18.41 24.30 -15.70
CA ARG I 87 -18.51 25.24 -16.81
C ARG I 87 -18.34 26.67 -16.30
N ALA I 88 -18.21 27.61 -17.24
CA ALA I 88 -18.02 29.01 -16.87
C ALA I 88 -19.19 29.56 -16.06
N GLU I 89 -20.41 29.15 -16.38
CA GLU I 89 -21.60 29.64 -15.67
C GLU I 89 -21.73 29.09 -14.26
N ASP I 90 -20.87 28.14 -13.86
CA ASP I 90 -20.82 27.67 -12.46
C ASP I 90 -20.03 28.61 -11.56
N THR I 91 -19.37 29.61 -12.13
CA THR I 91 -18.66 30.61 -11.34
C THR I 91 -19.63 31.36 -10.45
N ALA I 92 -19.38 31.33 -9.14
CA ALA I 92 -20.30 31.90 -8.16
C ALA I 92 -19.68 31.82 -6.77
N LEU I 93 -20.30 32.55 -5.85
CA LEU I 93 -20.12 32.35 -4.42
C LEU I 93 -21.09 31.25 -3.96
N TYR I 94 -20.59 30.25 -3.24
CA TYR I 94 -21.40 29.09 -2.83
C TYR I 94 -21.62 29.08 -1.33
N TYR I 95 -22.89 29.21 -0.91
CA TYR I 95 -23.33 29.10 0.48
C TYR I 95 -23.83 27.70 0.79
N CYS I 96 -23.58 27.22 2.01
CA CYS I 96 -24.39 26.14 2.57
C CYS I 96 -25.36 26.72 3.57
N ALA I 97 -26.48 26.03 3.75
CA ALA I 97 -27.49 26.46 4.70
C ALA I 97 -28.27 25.24 5.18
N ILE I 98 -28.73 25.31 6.42
CA ILE I 98 -29.75 24.38 6.88
C ILE I 98 -31.04 24.68 6.12
N ASP I 99 -31.83 23.66 5.80
CA ASP I 99 -33.15 23.92 5.24
C ASP I 99 -34.24 23.40 6.17
N TRP I 100 -34.42 22.09 6.29
CA TRP I 100 -35.49 21.51 7.10
C TRP I 100 -34.95 20.95 8.42
N TYR I 101 -35.78 21.01 9.46
CA TYR I 101 -35.59 20.14 10.62
C TYR I 101 -36.26 18.82 10.29
N ARG I 102 -35.46 17.78 10.06
CA ARG I 102 -36.00 16.49 9.65
C ARG I 102 -36.94 16.65 8.48
N ASP I 103 -38.09 16.00 8.53
CA ASP I 103 -39.17 16.24 7.59
C ASP I 103 -40.33 16.97 8.27
N ASP I 104 -40.02 17.72 9.33
CA ASP I 104 -41.02 18.34 10.21
C ASP I 104 -41.37 19.75 9.72
N TYR I 105 -40.36 20.62 9.59
CA TYR I 105 -40.65 21.99 9.22
C TYR I 105 -39.45 22.62 8.51
N TYR I 106 -39.77 23.51 7.58
CA TYR I 106 -38.78 24.32 6.88
C TYR I 106 -38.12 25.28 7.86
N LYS I 107 -36.81 25.42 7.75
CA LYS I 107 -36.13 26.32 8.69
C LYS I 107 -35.34 27.39 7.92
N MET I 108 -34.19 26.99 7.38
CA MET I 108 -33.38 27.78 6.45
C MET I 108 -32.99 29.16 6.97
N ASP I 109 -32.78 29.28 8.28
CA ASP I 109 -32.39 30.55 8.88
C ASP I 109 -30.93 30.58 9.33
N VAL I 110 -30.12 29.60 8.93
CA VAL I 110 -28.70 29.54 9.27
C VAL I 110 -27.92 29.35 7.98
N TRP I 111 -27.01 30.27 7.70
CA TRP I 111 -26.24 30.30 6.48
C TRP I 111 -24.75 30.42 6.81
N GLY I 112 -23.90 29.90 5.93
CA GLY I 112 -22.48 30.15 6.02
C GLY I 112 -22.09 31.48 5.38
N LYS I 113 -20.78 31.73 5.34
CA LYS I 113 -20.26 32.94 4.72
C LYS I 113 -20.01 32.78 3.22
N GLY I 114 -19.98 31.56 2.70
CA GLY I 114 -19.79 31.33 1.29
C GLY I 114 -18.34 31.05 0.94
N THR I 115 -18.13 30.30 -0.15
CA THR I 115 -16.80 30.10 -0.70
C THR I 115 -16.86 30.32 -2.21
N THR I 116 -15.80 30.86 -2.78
CA THR I 116 -15.80 31.31 -4.16
C THR I 116 -15.28 30.22 -5.10
N VAL I 117 -16.04 29.94 -6.15
CA VAL I 117 -15.66 29.00 -7.21
C VAL I 117 -15.54 29.78 -8.52
N THR I 118 -14.38 29.69 -9.16
CA THR I 118 -14.11 30.39 -10.41
C THR I 118 -13.69 29.39 -11.47
N VAL I 119 -14.46 29.28 -12.54
CA VAL I 119 -14.19 28.37 -13.65
C VAL I 119 -13.71 29.20 -14.84
N SER I 120 -12.42 29.09 -15.18
CA SER I 120 -11.85 29.95 -16.21
C SER I 120 -10.70 29.25 -16.92
N SER I 121 -10.57 29.56 -18.22
CA SER I 121 -9.42 29.12 -19.02
C SER I 121 -8.23 30.05 -18.89
N ALA I 122 -8.46 31.27 -18.42
CA ALA I 122 -7.41 32.27 -18.39
C ALA I 122 -6.41 31.96 -17.28
N SER I 123 -5.25 32.60 -17.36
CA SER I 123 -4.20 32.33 -16.40
C SER I 123 -4.38 33.17 -15.15
N THR I 124 -3.94 32.62 -14.02
CA THR I 124 -3.95 33.34 -12.77
C THR I 124 -2.78 34.32 -12.69
N LYS I 125 -3.09 35.58 -12.37
CA LYS I 125 -2.09 36.63 -12.23
C LYS I 125 -2.33 37.38 -10.93
N GLY I 126 -1.27 37.63 -10.17
CA GLY I 126 -1.36 38.33 -8.90
C GLY I 126 -1.36 39.84 -9.09
N PRO I 127 -1.91 40.56 -8.12
CA PRO I 127 -2.10 42.00 -8.30
C PRO I 127 -0.87 42.81 -7.93
N SER I 128 -0.73 43.95 -8.59
CA SER I 128 0.18 45.00 -8.15
C SER I 128 -0.57 46.00 -7.28
N VAL I 129 0.10 46.48 -6.23
CA VAL I 129 -0.50 47.40 -5.27
C VAL I 129 0.29 48.70 -5.32
N PHE I 130 -0.35 49.74 -5.81
CA PHE I 130 0.24 51.06 -5.84
C PHE I 130 -0.49 51.97 -4.85
N PRO I 131 0.20 52.92 -4.23
CA PRO I 131 -0.47 53.80 -3.27
C PRO I 131 -1.16 54.95 -3.97
N LEU I 132 -2.27 55.37 -3.37
CA LEU I 132 -2.95 56.61 -3.71
C LEU I 132 -2.67 57.57 -2.56
N ALA I 133 -1.69 58.46 -2.76
CA ALA I 133 -1.13 59.28 -1.70
C ALA I 133 -2.01 60.50 -1.43
N PRO I 134 -2.15 60.88 -0.15
CA PRO I 134 -2.95 62.05 0.20
C PRO I 134 -2.33 63.36 -0.28
N SER I 135 -3.15 64.40 -0.29
CA SER I 135 -2.67 65.75 -0.63
C SER I 135 -3.18 66.81 0.34
N GLY I 142 -9.09 69.77 6.35
CA GLY I 142 -9.74 69.07 7.45
C GLY I 142 -9.82 67.56 7.25
N THR I 143 -10.39 67.16 6.11
CA THR I 143 -10.57 65.75 5.76
C THR I 143 -9.75 65.43 4.52
N ALA I 144 -8.94 64.38 4.59
CA ALA I 144 -8.11 63.95 3.48
C ALA I 144 -8.48 62.53 3.06
N ALA I 145 -8.17 62.21 1.80
CA ALA I 145 -8.41 60.90 1.23
C ALA I 145 -7.11 60.25 0.80
N LEU I 146 -7.01 58.94 1.02
CA LEU I 146 -5.85 58.15 0.62
C LEU I 146 -6.35 56.77 0.28
N GLY I 147 -5.51 55.97 -0.37
CA GLY I 147 -6.00 54.67 -0.74
C GLY I 147 -4.92 53.78 -1.31
N CYS I 148 -5.37 52.67 -1.87
CA CYS I 148 -4.54 51.68 -2.52
C CYS I 148 -5.18 51.34 -3.86
N LEU I 149 -4.35 51.17 -4.88
CA LEU I 149 -4.81 50.76 -6.19
C LEU I 149 -4.33 49.32 -6.43
N VAL I 150 -5.27 48.38 -6.48
CA VAL I 150 -4.97 46.97 -6.67
C VAL I 150 -5.20 46.68 -8.15
N LYS I 151 -4.11 46.49 -8.89
CA LYS I 151 -4.13 46.54 -10.34
C LYS I 151 -3.74 45.21 -10.98
N ASP I 152 -4.42 44.88 -12.07
CA ASP I 152 -4.02 43.82 -13.00
C ASP I 152 -3.94 42.44 -12.34
N TYR I 153 -5.08 41.99 -11.81
CA TYR I 153 -5.19 40.63 -11.28
C TYR I 153 -6.28 39.84 -11.98
N PHE I 154 -6.21 38.52 -11.83
CA PHE I 154 -7.22 37.61 -12.37
C PHE I 154 -7.08 36.27 -11.67
N PRO I 155 -8.19 35.61 -11.31
CA PRO I 155 -9.54 36.12 -11.42
C PRO I 155 -9.99 36.83 -10.15
N GLU I 156 -11.26 37.22 -10.09
CA GLU I 156 -11.82 37.74 -8.87
C GLU I 156 -11.89 36.62 -7.81
N PRO I 157 -11.90 36.98 -6.52
CA PRO I 157 -11.92 38.31 -5.92
C PRO I 157 -10.63 38.75 -5.23
N VAL I 158 -10.60 40.01 -4.82
CA VAL I 158 -9.60 40.57 -3.93
C VAL I 158 -10.32 41.10 -2.70
N THR I 159 -9.73 40.92 -1.52
CA THR I 159 -10.20 41.59 -0.31
C THR I 159 -9.13 42.56 0.21
N VAL I 160 -9.59 43.71 0.71
CA VAL I 160 -8.73 44.75 1.26
C VAL I 160 -9.24 45.12 2.65
N SER I 161 -8.32 45.22 3.61
CA SER I 161 -8.55 45.80 4.92
C SER I 161 -7.53 46.91 5.17
N TRP I 162 -7.70 47.63 6.28
CA TRP I 162 -6.78 48.72 6.64
C TRP I 162 -6.27 48.51 8.05
N ASN I 163 -4.95 48.64 8.23
CA ASN I 163 -4.28 48.43 9.51
C ASN I 163 -4.72 47.10 10.13
N SER I 164 -4.73 46.06 9.31
CA SER I 164 -5.06 44.70 9.73
C SER I 164 -6.45 44.65 10.39
N GLY I 165 -7.37 45.45 9.87
CA GLY I 165 -8.73 45.49 10.37
C GLY I 165 -9.01 46.50 11.47
N ALA I 166 -7.97 47.19 11.97
CA ALA I 166 -8.19 48.17 13.03
C ALA I 166 -8.99 49.36 12.51
N LEU I 167 -8.72 49.78 11.29
CA LEU I 167 -9.37 50.95 10.70
C LEU I 167 -10.47 50.46 9.77
N THR I 168 -11.72 50.82 10.10
CA THR I 168 -12.90 50.42 9.32
C THR I 168 -13.78 51.59 8.95
N SER I 169 -13.94 52.57 9.83
CA SER I 169 -14.80 53.71 9.56
C SER I 169 -14.20 54.58 8.47
N GLY I 170 -15.02 54.93 7.48
CA GLY I 170 -14.58 55.76 6.38
C GLY I 170 -13.98 55.01 5.22
N VAL I 171 -13.97 53.68 5.26
CA VAL I 171 -13.38 52.87 4.20
C VAL I 171 -14.40 52.66 3.10
N HIS I 172 -13.94 52.78 1.85
CA HIS I 172 -14.73 52.42 0.69
C HIS I 172 -13.86 51.55 -0.20
N THR I 173 -14.22 50.27 -0.32
CA THR I 173 -13.59 49.37 -1.26
C THR I 173 -14.54 49.18 -2.42
N PHE I 174 -14.12 49.62 -3.61
CA PHE I 174 -14.97 49.66 -4.79
C PHE I 174 -15.04 48.28 -5.45
N PRO I 175 -16.13 48.01 -6.18
CA PRO I 175 -16.17 46.80 -7.00
C PRO I 175 -15.04 46.80 -8.03
N ALA I 176 -14.57 45.60 -8.35
CA ALA I 176 -13.52 45.47 -9.36
C ALA I 176 -14.04 45.90 -10.72
N VAL I 177 -13.10 46.20 -11.61
CA VAL I 177 -13.40 46.58 -12.98
C VAL I 177 -12.62 45.65 -13.90
N LEU I 178 -13.31 45.06 -14.87
CA LEU I 178 -12.63 44.24 -15.86
C LEU I 178 -12.06 45.18 -16.92
N GLN I 179 -10.74 45.20 -17.03
CA GLN I 179 -10.07 46.05 -18.01
C GLN I 179 -10.15 45.40 -19.38
N SER I 180 -9.92 46.21 -20.42
CA SER I 180 -9.92 45.68 -21.78
C SER I 180 -8.87 44.58 -21.96
N SER I 181 -7.85 44.57 -21.11
CA SER I 181 -6.81 43.56 -21.14
C SER I 181 -7.29 42.17 -20.68
N GLY I 182 -8.42 42.10 -19.99
CA GLY I 182 -8.87 40.87 -19.38
C GLY I 182 -8.52 40.75 -17.91
N LEU I 183 -7.81 41.72 -17.35
CA LEU I 183 -7.44 41.71 -15.94
C LEU I 183 -8.35 42.65 -15.16
N TYR I 184 -8.51 42.37 -13.88
CA TYR I 184 -9.35 43.14 -12.98
C TYR I 184 -8.50 44.18 -12.22
N SER I 185 -9.18 45.23 -11.76
CA SER I 185 -8.54 46.27 -10.99
C SER I 185 -9.57 46.88 -10.04
N LEU I 186 -9.13 47.26 -8.85
CA LEU I 186 -10.00 47.96 -7.92
C LEU I 186 -9.16 48.90 -7.06
N SER I 187 -9.85 49.84 -6.43
CA SER I 187 -9.26 50.77 -5.49
C SER I 187 -9.97 50.69 -4.16
N SER I 188 -9.23 50.90 -3.08
CA SER I 188 -9.83 51.05 -1.75
C SER I 188 -9.32 52.37 -1.17
N VAL I 189 -10.26 53.22 -0.74
CA VAL I 189 -9.91 54.54 -0.22
C VAL I 189 -10.49 54.66 1.19
N VAL I 190 -9.94 55.60 1.93
CA VAL I 190 -10.44 55.89 3.28
C VAL I 190 -10.24 57.38 3.55
N THR I 191 -11.21 58.00 4.21
CA THR I 191 -11.11 59.40 4.62
C THR I 191 -10.68 59.47 6.08
N VAL I 192 -9.69 60.32 6.34
CA VAL I 192 -9.12 60.45 7.68
C VAL I 192 -9.00 61.93 8.00
N PRO I 193 -8.90 62.28 9.28
CA PRO I 193 -8.59 63.68 9.63
C PRO I 193 -7.21 64.05 9.12
N SER I 194 -7.08 65.27 8.60
CA SER I 194 -5.79 65.71 8.06
C SER I 194 -4.69 65.71 9.12
N SER I 195 -5.02 66.03 10.37
CA SER I 195 -3.99 66.13 11.41
C SER I 195 -3.29 64.80 11.64
N SER I 196 -3.97 63.68 11.41
CA SER I 196 -3.39 62.37 11.65
C SER I 196 -2.58 61.84 10.48
N LEU I 197 -2.49 62.60 9.39
CA LEU I 197 -1.80 62.14 8.19
C LEU I 197 -0.31 61.92 8.43
N GLY I 198 0.29 62.70 9.33
CA GLY I 198 1.70 62.59 9.61
C GLY I 198 1.98 61.77 10.83
N THR I 199 0.99 61.60 11.71
CA THR I 199 1.16 60.89 12.97
C THR I 199 0.74 59.42 12.93
N GLN I 200 -0.33 59.08 12.23
CA GLN I 200 -0.86 57.73 12.25
C GLN I 200 -0.44 57.03 10.96
N THR I 201 -0.06 55.76 11.08
CA THR I 201 0.35 55.00 9.91
C THR I 201 -0.85 54.30 9.29
N TYR I 202 -0.90 54.32 7.96
CA TYR I 202 -1.98 53.72 7.19
C TYR I 202 -1.37 52.69 6.25
N ILE I 203 -1.77 51.43 6.43
CA ILE I 203 -1.30 50.31 5.63
C ILE I 203 -2.52 49.51 5.20
N CYS I 204 -2.65 49.28 3.90
CA CYS I 204 -3.71 48.44 3.37
C CYS I 204 -3.21 47.00 3.21
N ASN I 205 -4.10 46.04 3.48
CA ASN I 205 -3.75 44.63 3.45
C ASN I 205 -4.53 44.00 2.30
N VAL I 206 -3.84 43.67 1.22
CA VAL I 206 -4.47 43.15 0.01
C VAL I 206 -4.26 41.64 -0.02
N ASN I 207 -5.37 40.91 -0.19
CA ASN I 207 -5.35 39.46 -0.27
C ASN I 207 -5.98 39.03 -1.60
N HIS I 208 -5.24 38.22 -2.36
CA HIS I 208 -5.74 37.60 -3.59
C HIS I 208 -5.53 36.10 -3.43
N LYS I 209 -6.53 35.40 -2.90
CA LYS I 209 -6.38 33.96 -2.65
C LYS I 209 -6.03 33.16 -3.90
N PRO I 210 -6.60 33.42 -5.09
CA PRO I 210 -6.27 32.57 -6.25
C PRO I 210 -4.78 32.45 -6.59
N SER I 211 -3.96 33.44 -6.24
CA SER I 211 -2.53 33.43 -6.54
C SER I 211 -1.66 33.39 -5.29
N ASN I 212 -2.25 33.21 -4.12
CA ASN I 212 -1.53 33.25 -2.84
C ASN I 212 -0.72 34.53 -2.70
N THR I 213 -1.41 35.66 -2.89
CA THR I 213 -0.81 36.98 -2.79
C THR I 213 -1.38 37.71 -1.59
N LYS I 214 -0.53 38.00 -0.61
CA LYS I 214 -0.87 38.89 0.49
C LYS I 214 0.19 39.99 0.52
N VAL I 215 -0.24 41.25 0.39
CA VAL I 215 0.66 42.40 0.34
C VAL I 215 0.15 43.46 1.30
N ASP I 216 1.08 44.04 2.07
CA ASP I 216 0.80 45.17 2.96
C ASP I 216 1.62 46.36 2.47
N LYS I 217 0.92 47.37 1.93
CA LYS I 217 1.54 48.56 1.35
C LYS I 217 1.31 49.77 2.26
N ARG I 218 2.39 50.44 2.63
CA ARG I 218 2.29 51.68 3.39
C ARG I 218 1.98 52.83 2.43
N VAL I 219 1.02 53.66 2.79
CA VAL I 219 0.61 54.80 1.98
C VAL I 219 0.98 56.06 2.76
N GLU I 220 2.08 56.67 2.37
CA GLU I 220 2.61 57.87 3.00
C GLU I 220 2.56 59.04 2.03
N PRO I 221 2.48 60.28 2.52
CA PRO I 221 2.52 61.45 1.63
C PRO I 221 3.85 61.58 0.88
N GLU J 1 -41.16 23.49 -14.44
CA GLU J 1 -40.63 24.10 -13.23
C GLU J 1 -41.40 25.38 -12.88
N ILE J 2 -41.36 25.74 -11.60
CA ILE J 2 -42.07 26.91 -11.07
C ILE J 2 -41.21 28.16 -11.30
N VAL J 3 -41.81 29.19 -11.89
CA VAL J 3 -41.14 30.47 -12.11
C VAL J 3 -41.63 31.47 -11.07
N MET J 4 -40.68 32.10 -10.38
CA MET J 4 -40.98 33.10 -9.36
C MET J 4 -40.72 34.48 -9.92
N THR J 5 -41.75 35.30 -9.98
CA THR J 5 -41.67 36.63 -10.56
C THR J 5 -41.88 37.68 -9.49
N GLN J 6 -40.87 38.51 -9.25
CA GLN J 6 -40.93 39.57 -8.27
C GLN J 6 -41.12 40.93 -8.94
N SER J 7 -41.84 41.82 -8.25
CA SER J 7 -42.00 43.18 -8.74
C SER J 7 -42.19 44.12 -7.55
N PRO J 8 -41.74 45.38 -7.67
CA PRO J 8 -41.04 45.89 -8.85
C PRO J 8 -39.57 45.46 -8.84
N ALA J 9 -38.86 45.63 -9.96
CA ALA J 9 -37.44 45.26 -9.97
C ALA J 9 -36.65 46.11 -8.99
N THR J 10 -36.93 47.41 -8.95
CA THR J 10 -36.27 48.34 -8.06
C THR J 10 -37.33 49.19 -7.37
N LEU J 11 -36.93 49.77 -6.24
CA LEU J 11 -37.86 50.53 -5.42
C LEU J 11 -37.06 51.49 -4.57
N SER J 12 -37.53 52.73 -4.52
CA SER J 12 -36.86 53.80 -3.78
C SER J 12 -37.85 54.33 -2.75
N VAL J 13 -37.46 54.30 -1.47
CA VAL J 13 -38.37 54.57 -0.36
C VAL J 13 -37.67 55.49 0.65
N SER J 14 -38.44 56.46 1.24
CA SER J 14 -37.91 57.34 2.27
C SER J 14 -38.01 56.70 3.65
N PRO J 15 -37.13 57.05 4.59
CA PRO J 15 -37.21 56.47 5.93
C PRO J 15 -38.53 56.82 6.61
N GLY J 16 -39.08 55.86 7.36
CA GLY J 16 -40.34 56.03 8.03
C GLY J 16 -41.57 55.62 7.25
N GLU J 17 -41.48 55.59 5.92
CA GLU J 17 -42.58 55.16 5.06
C GLU J 17 -42.62 53.63 5.00
N ARG J 18 -43.46 53.07 4.14
CA ARG J 18 -43.50 51.63 3.98
C ARG J 18 -43.36 51.27 2.51
N ALA J 19 -42.84 50.07 2.27
CA ALA J 19 -42.64 49.56 0.91
C ALA J 19 -43.35 48.24 0.76
N THR J 20 -44.01 48.03 -0.38
CA THR J 20 -44.74 46.80 -0.64
C THR J 20 -44.13 46.08 -1.82
N LEU J 21 -43.70 44.84 -1.59
CA LEU J 21 -43.05 43.99 -2.56
C LEU J 21 -43.99 42.85 -2.94
N SER J 22 -44.00 42.48 -4.21
CA SER J 22 -44.90 41.46 -4.72
C SER J 22 -44.11 40.29 -5.31
N CYS J 23 -44.67 39.09 -5.16
CA CYS J 23 -44.07 37.86 -5.68
C CYS J 23 -45.18 37.04 -6.33
N ARG J 24 -44.95 36.55 -7.53
CA ARG J 24 -45.94 35.70 -8.20
C ARG J 24 -45.29 34.36 -8.54
N ALA J 25 -46.01 33.28 -8.25
CA ALA J 25 -45.59 31.93 -8.59
C ALA J 25 -46.39 31.47 -9.80
N SER J 26 -45.73 30.77 -10.73
CA SER J 26 -46.37 30.35 -11.98
C SER J 26 -47.45 29.30 -11.74
N ARG J 27 -47.42 28.60 -10.61
CA ARG J 27 -48.49 27.71 -10.20
C ARG J 27 -48.49 27.68 -8.67
N SER J 28 -49.56 27.15 -8.10
CA SER J 28 -49.77 27.26 -6.66
C SER J 28 -48.63 26.62 -5.88
N ILE J 29 -48.12 27.35 -4.90
CA ILE J 29 -47.16 26.83 -3.95
C ILE J 29 -47.77 26.78 -2.54
N ARG J 30 -49.10 26.86 -2.47
CA ARG J 30 -49.86 26.86 -1.21
C ARG J 30 -49.41 27.99 -0.31
N SER J 31 -48.76 27.67 0.82
CA SER J 31 -48.20 28.69 1.71
C SER J 31 -46.69 28.59 1.86
N ALA J 32 -46.03 27.75 1.07
CA ALA J 32 -44.58 27.55 1.25
C ALA J 32 -43.82 28.65 0.52
N LEU J 33 -43.99 29.88 0.99
CA LEU J 33 -43.28 31.03 0.45
C LEU J 33 -42.52 31.73 1.56
N ALA J 34 -41.25 32.02 1.32
CA ALA J 34 -40.39 32.68 2.29
C ALA J 34 -39.83 33.97 1.69
N TRP J 35 -39.48 34.92 2.55
CA TRP J 35 -38.86 36.17 2.17
C TRP J 35 -37.49 36.33 2.84
N TYR J 36 -36.51 36.81 2.07
CA TYR J 36 -35.15 36.98 2.54
C TYR J 36 -34.71 38.42 2.30
N GLN J 37 -33.92 38.95 3.23
CA GLN J 37 -33.20 40.20 3.04
C GLN J 37 -31.73 39.86 2.81
N HIS J 38 -31.13 40.44 1.78
CA HIS J 38 -29.73 40.17 1.47
C HIS J 38 -28.96 41.47 1.34
N LYS J 39 -28.27 41.84 2.41
CA LYS J 39 -27.41 43.01 2.38
C LYS J 39 -26.05 42.67 1.77
N PRO J 40 -25.48 43.57 0.99
CA PRO J 40 -24.19 43.28 0.36
C PRO J 40 -23.12 43.02 1.40
N GLY J 41 -22.30 42.00 1.14
CA GLY J 41 -21.24 41.63 2.04
C GLY J 41 -21.65 40.67 3.12
N GLN J 42 -22.91 40.26 3.16
CA GLN J 42 -23.43 39.42 4.21
C GLN J 42 -24.18 38.24 3.61
N ALA J 43 -24.50 37.28 4.46
CA ALA J 43 -25.31 36.14 4.08
C ALA J 43 -26.76 36.56 4.00
N PRO J 44 -27.58 35.84 3.22
CA PRO J 44 -29.01 36.10 3.21
C PRO J 44 -29.61 35.89 4.59
N ARG J 45 -30.66 36.66 4.90
CA ARG J 45 -31.31 36.67 6.20
C ARG J 45 -32.80 36.36 6.00
N LEU J 46 -33.28 35.31 6.67
CA LEU J 46 -34.67 34.90 6.54
C LEU J 46 -35.57 35.87 7.29
N LEU J 47 -36.61 36.37 6.61
CA LEU J 47 -37.58 37.28 7.22
C LEU J 47 -38.91 36.61 7.51
N ILE J 48 -39.44 35.88 6.54
CA ILE J 48 -40.79 35.33 6.63
C ILE J 48 -40.72 33.90 6.12
N PHE J 49 -41.49 33.00 6.74
CA PHE J 49 -41.78 31.69 6.18
C PHE J 49 -43.28 31.45 6.31
N GLY J 50 -43.75 30.40 5.65
CA GLY J 50 -45.17 30.10 5.67
C GLY J 50 -46.04 31.23 5.17
N ALA J 51 -45.50 32.10 4.31
CA ALA J 51 -46.16 33.26 3.71
C ALA J 51 -46.39 34.42 4.69
N SER J 52 -46.79 34.11 5.93
CA SER J 52 -47.19 35.17 6.84
C SER J 52 -46.56 35.08 8.23
N THR J 53 -45.59 34.19 8.47
CA THR J 53 -45.02 34.01 9.80
C THR J 53 -43.61 34.59 9.86
N ARG J 54 -43.40 35.55 10.76
CA ARG J 54 -42.06 36.10 10.96
C ARG J 54 -41.13 35.06 11.59
N ALA J 55 -39.90 35.01 11.09
CA ALA J 55 -38.88 34.16 11.70
C ALA J 55 -38.48 34.72 13.07
N THR J 56 -37.78 33.91 13.85
CA THR J 56 -37.45 34.29 15.23
C THR J 56 -36.62 35.56 15.27
N GLY J 57 -37.04 36.50 16.10
CA GLY J 57 -36.31 37.74 16.27
C GLY J 57 -36.49 38.76 15.16
N ILE J 58 -37.43 38.55 14.25
CA ILE J 58 -37.72 39.51 13.17
C ILE J 58 -38.72 40.54 13.66
N PRO J 59 -38.46 41.83 13.43
CA PRO J 59 -39.38 42.86 13.94
C PRO J 59 -40.72 42.83 13.22
N ALA J 60 -41.75 43.30 13.93
CA ALA J 60 -43.10 43.25 13.42
C ALA J 60 -43.33 44.17 12.22
N ARG J 61 -42.41 45.10 11.94
CA ARG J 61 -42.57 45.97 10.78
C ARG J 61 -42.35 45.24 9.47
N PHE J 62 -41.98 43.96 9.54
CA PHE J 62 -41.95 43.06 8.40
C PHE J 62 -43.22 42.23 8.42
N SER J 63 -44.07 42.40 7.40
CA SER J 63 -45.36 41.74 7.34
C SER J 63 -45.55 41.07 5.99
N GLY J 64 -45.78 39.77 6.01
CA GLY J 64 -46.01 39.00 4.79
C GLY J 64 -47.43 38.44 4.77
N SER J 65 -47.99 38.34 3.56
CA SER J 65 -49.28 37.70 3.38
C SER J 65 -49.34 37.12 1.97
N GLY J 66 -50.32 36.25 1.74
CA GLY J 66 -50.50 35.60 0.45
C GLY J 66 -50.74 34.11 0.58
N SER J 67 -51.19 33.53 -0.53
CA SER J 67 -51.55 32.11 -0.57
C SER J 67 -51.72 31.70 -2.03
N GLY J 68 -51.29 30.49 -2.37
CA GLY J 68 -51.46 30.03 -3.73
C GLY J 68 -50.40 30.54 -4.68
N THR J 69 -50.69 31.64 -5.40
CA THR J 69 -49.73 32.21 -6.33
C THR J 69 -49.31 33.64 -6.02
N ASP J 70 -50.07 34.38 -5.22
CA ASP J 70 -49.84 35.81 -5.01
C ASP J 70 -49.45 36.10 -3.57
N PHE J 71 -48.31 36.77 -3.40
CA PHE J 71 -47.74 37.05 -2.09
C PHE J 71 -47.20 38.47 -2.07
N THR J 72 -47.25 39.09 -0.90
CA THR J 72 -46.66 40.42 -0.73
C THR J 72 -45.86 40.45 0.55
N LEU J 73 -44.83 41.30 0.56
CA LEU J 73 -44.08 41.65 1.75
C LEU J 73 -44.20 43.15 1.93
N THR J 74 -44.66 43.59 3.10
CA THR J 74 -44.76 45.01 3.40
C THR J 74 -43.78 45.33 4.53
N VAL J 75 -42.88 46.26 4.27
CA VAL J 75 -41.86 46.65 5.24
C VAL J 75 -42.15 48.09 5.65
N SER J 76 -42.55 48.27 6.91
CA SER J 76 -42.91 49.59 7.41
C SER J 76 -41.80 50.16 8.28
N SER J 77 -41.95 51.43 8.63
CA SER J 77 -40.96 52.18 9.41
C SER J 77 -39.55 51.95 8.85
N ILE J 78 -39.43 52.26 7.55
CA ILE J 78 -38.20 51.97 6.82
C ILE J 78 -37.03 52.71 7.44
N ARG J 79 -35.92 51.99 7.60
CA ARG J 79 -34.68 52.56 8.10
C ARG J 79 -33.63 52.50 6.99
N SER J 80 -32.59 53.32 7.14
CA SER J 80 -31.50 53.26 6.18
C SER J 80 -30.87 51.88 6.10
N GLU J 81 -30.84 51.14 7.21
CA GLU J 81 -30.25 49.80 7.22
C GLU J 81 -31.04 48.81 6.38
N ASP J 82 -32.24 49.17 5.93
CA ASP J 82 -33.06 48.30 5.11
C ASP J 82 -32.62 48.28 3.65
N SER J 83 -31.66 49.13 3.28
CA SER J 83 -31.11 49.13 1.94
C SER J 83 -30.47 47.76 1.66
N ALA J 84 -31.07 46.99 0.76
CA ALA J 84 -30.66 45.62 0.48
C ALA J 84 -31.49 45.12 -0.69
N VAL J 85 -31.19 43.90 -1.13
CA VAL J 85 -32.01 43.17 -2.09
C VAL J 85 -32.89 42.20 -1.32
N TYR J 86 -34.18 42.15 -1.69
CA TYR J 86 -35.14 41.28 -1.03
C TYR J 86 -35.63 40.23 -2.03
N TYR J 87 -35.55 38.96 -1.61
CA TYR J 87 -35.93 37.82 -2.43
C TYR J 87 -37.07 37.06 -1.79
N CYS J 88 -38.00 36.58 -2.62
CA CYS J 88 -38.89 35.53 -2.18
C CYS J 88 -38.33 34.17 -2.60
N GLN J 89 -38.83 33.11 -1.97
CA GLN J 89 -38.40 31.75 -2.30
C GLN J 89 -39.57 30.81 -2.06
N GLN J 90 -39.99 30.08 -3.09
CA GLN J 90 -40.94 29.00 -2.90
C GLN J 90 -40.21 27.76 -2.42
N TYR J 91 -40.83 27.02 -1.49
CA TYR J 91 -40.31 25.75 -1.03
C TYR J 91 -41.42 24.71 -0.97
N ASP J 92 -42.39 24.82 -1.88
CA ASP J 92 -43.40 23.77 -1.97
C ASP J 92 -42.85 22.53 -2.65
N PHE J 93 -42.04 22.72 -3.69
CA PHE J 93 -41.46 21.62 -4.46
C PHE J 93 -40.00 21.97 -4.74
N TRP J 94 -39.10 21.49 -3.88
CA TRP J 94 -37.70 21.94 -3.86
C TRP J 94 -37.72 23.44 -3.61
N TYR J 95 -36.79 24.20 -4.20
CA TYR J 95 -36.65 25.61 -3.84
C TYR J 95 -36.37 26.43 -5.08
N THR J 96 -37.02 27.59 -5.17
CA THR J 96 -36.73 28.55 -6.23
C THR J 96 -36.83 29.95 -5.65
N PHE J 97 -35.76 30.72 -5.79
CA PHE J 97 -35.80 32.14 -5.47
C PHE J 97 -36.37 32.93 -6.65
N GLY J 98 -37.01 34.05 -6.34
CA GLY J 98 -37.30 35.05 -7.36
C GLY J 98 -36.04 35.82 -7.70
N GLN J 99 -36.15 36.71 -8.70
CA GLN J 99 -34.97 37.43 -9.14
CA GLN J 99 -34.99 37.45 -9.15
C GLN J 99 -34.60 38.58 -8.21
N GLY J 100 -35.48 38.96 -7.30
CA GLY J 100 -35.14 39.95 -6.29
C GLY J 100 -35.68 41.34 -6.62
N THR J 101 -35.96 42.10 -5.55
CA THR J 101 -36.30 43.52 -5.62
C THR J 101 -35.22 44.30 -4.90
N LYS J 102 -34.60 45.24 -5.61
CA LYS J 102 -33.52 46.05 -5.06
C LYS J 102 -34.12 47.30 -4.43
N LEU J 103 -33.94 47.43 -3.11
CA LEU J 103 -34.57 48.50 -2.34
C LEU J 103 -33.51 49.54 -1.98
N GLU J 104 -33.71 50.76 -2.45
CA GLU J 104 -32.85 51.90 -2.16
C GLU J 104 -33.57 52.88 -1.21
N ILE J 105 -32.80 53.48 -0.31
CA ILE J 105 -33.34 54.44 0.66
C ILE J 105 -33.15 55.86 0.13
N LYS J 106 -34.23 56.63 0.06
CA LYS J 106 -34.18 58.03 -0.35
C LYS J 106 -33.68 58.87 0.80
N ARG J 107 -32.69 59.71 0.53
CA ARG J 107 -32.26 60.71 1.49
C ARG J 107 -32.23 62.05 0.77
N THR J 108 -31.85 63.09 1.51
CA THR J 108 -31.68 64.40 0.90
C THR J 108 -30.45 64.44 0.01
N VAL J 109 -30.40 65.46 -0.84
CA VAL J 109 -29.28 65.63 -1.74
C VAL J 109 -28.02 65.88 -0.92
N ALA J 110 -26.93 65.24 -1.33
CA ALA J 110 -25.63 65.38 -0.70
C ALA J 110 -24.59 65.52 -1.79
N ALA J 111 -23.77 66.56 -1.71
CA ALA J 111 -22.81 66.77 -2.79
C ALA J 111 -21.58 65.86 -2.61
N PRO J 112 -20.98 65.44 -3.72
CA PRO J 112 -19.76 64.65 -3.62
C PRO J 112 -18.60 65.51 -3.15
N SER J 113 -17.80 64.98 -2.23
CA SER J 113 -16.48 65.51 -1.93
C SER J 113 -15.50 64.87 -2.92
N VAL J 114 -14.78 65.70 -3.68
CA VAL J 114 -14.00 65.25 -4.83
C VAL J 114 -12.52 65.30 -4.49
N PHE J 115 -11.80 64.23 -4.85
CA PHE J 115 -10.35 64.11 -4.66
C PHE J 115 -9.76 63.52 -5.94
N ILE J 116 -8.57 63.96 -6.31
CA ILE J 116 -7.85 63.43 -7.47
C ILE J 116 -6.50 62.87 -7.03
N PHE J 117 -6.11 61.76 -7.63
CA PHE J 117 -4.85 61.09 -7.29
C PHE J 117 -4.02 60.90 -8.55
N PRO J 118 -2.79 61.39 -8.58
CA PRO J 118 -1.91 61.15 -9.73
C PRO J 118 -1.28 59.76 -9.67
N PRO J 119 -0.67 59.28 -10.76
CA PRO J 119 -0.02 57.97 -10.71
C PRO J 119 1.12 57.95 -9.72
N SER J 120 1.29 56.81 -9.05
CA SER J 120 2.44 56.66 -8.17
C SER J 120 3.72 56.50 -8.98
N ASP J 121 4.83 56.93 -8.39
CA ASP J 121 6.12 56.75 -9.05
C ASP J 121 6.45 55.29 -9.24
N GLU J 122 6.04 54.43 -8.31
CA GLU J 122 6.27 53.00 -8.46
C GLU J 122 5.64 52.47 -9.74
N GLN J 123 4.41 52.91 -10.05
CA GLN J 123 3.71 52.40 -11.21
C GLN J 123 4.29 52.91 -12.53
N LEU J 124 4.75 54.18 -12.56
CA LEU J 124 5.33 54.67 -13.81
C LEU J 124 6.59 53.92 -14.17
N LYS J 125 7.37 53.49 -13.18
CA LYS J 125 8.54 52.68 -13.46
C LYS J 125 8.14 51.37 -14.15
N SER J 126 6.92 50.90 -13.89
CA SER J 126 6.41 49.71 -14.56
C SER J 126 5.89 50.02 -15.96
N GLY J 127 5.73 51.30 -16.31
CA GLY J 127 5.35 51.70 -17.65
C GLY J 127 3.91 52.11 -17.88
N THR J 128 3.11 52.28 -16.83
CA THR J 128 1.72 52.69 -16.98
C THR J 128 1.39 53.81 -16.01
N ALA J 129 0.46 54.68 -16.41
CA ALA J 129 -0.05 55.74 -15.54
C ALA J 129 -1.54 55.54 -15.34
N SER J 130 -1.96 55.46 -14.08
CA SER J 130 -3.38 55.37 -13.71
C SER J 130 -3.73 56.58 -12.84
N VAL J 131 -4.58 57.46 -13.36
CA VAL J 131 -5.06 58.64 -12.65
C VAL J 131 -6.46 58.33 -12.12
N VAL J 132 -6.65 58.53 -10.81
CA VAL J 132 -7.89 58.13 -10.13
C VAL J 132 -8.61 59.38 -9.61
N CYS J 133 -9.92 59.42 -9.81
CA CYS J 133 -10.76 60.48 -9.28
C CYS J 133 -11.82 59.89 -8.35
N LEU J 134 -11.91 60.43 -7.14
CA LEU J 134 -12.84 59.96 -6.11
C LEU J 134 -13.97 60.96 -5.88
N LEU J 135 -15.21 60.47 -5.88
CA LEU J 135 -16.39 61.22 -5.48
C LEU J 135 -16.93 60.55 -4.22
N ASN J 136 -16.94 61.27 -3.10
CA ASN J 136 -17.21 60.65 -1.81
C ASN J 136 -18.53 61.10 -1.18
N ASN J 137 -19.33 60.11 -0.75
CA ASN J 137 -20.52 60.30 0.11
C ASN J 137 -21.51 61.32 -0.44
N PHE J 138 -22.06 60.99 -1.61
CA PHE J 138 -23.04 61.81 -2.30
C PHE J 138 -24.34 61.07 -2.51
N TYR J 139 -25.40 61.83 -2.78
CA TYR J 139 -26.69 61.30 -3.12
C TYR J 139 -27.43 62.36 -3.92
N PRO J 140 -28.08 62.00 -5.05
CA PRO J 140 -28.30 60.63 -5.57
C PRO J 140 -27.14 60.04 -6.35
N ARG J 141 -27.36 58.83 -6.86
CA ARG J 141 -26.28 58.07 -7.47
C ARG J 141 -25.81 58.67 -8.78
N GLU J 142 -26.70 59.32 -9.51
CA GLU J 142 -26.36 59.77 -10.84
C GLU J 142 -25.31 60.87 -10.75
N ALA J 143 -24.20 60.67 -11.44
CA ALA J 143 -23.12 61.63 -11.48
C ALA J 143 -22.37 61.46 -12.81
N LYS J 144 -21.88 62.58 -13.34
CA LYS J 144 -21.07 62.58 -14.55
C LYS J 144 -19.66 62.99 -14.20
N VAL J 145 -18.69 62.24 -14.74
CA VAL J 145 -17.27 62.53 -14.56
C VAL J 145 -16.66 62.65 -15.95
N GLN J 146 -16.04 63.80 -16.22
CA GLN J 146 -15.33 64.06 -17.47
C GLN J 146 -13.85 64.21 -17.14
N TRP J 147 -13.01 63.54 -17.90
CA TRP J 147 -11.56 63.69 -17.79
C TRP J 147 -11.09 64.67 -18.85
N LYS J 148 -10.34 65.68 -18.43
CA LYS J 148 -9.77 66.66 -19.36
C LYS J 148 -8.26 66.68 -19.18
N VAL J 149 -7.55 66.38 -20.25
CA VAL J 149 -6.10 66.36 -20.23
C VAL J 149 -5.64 67.55 -21.06
N ASP J 150 -5.11 68.57 -20.38
CA ASP J 150 -4.77 69.84 -21.01
C ASP J 150 -5.98 70.47 -21.70
N ASN J 151 -7.11 70.46 -20.97
CA ASN J 151 -8.39 71.04 -21.40
C ASN J 151 -9.03 70.30 -22.56
N ALA J 152 -8.52 69.11 -22.92
CA ALA J 152 -9.12 68.29 -23.96
C ALA J 152 -9.93 67.17 -23.28
N LEU J 153 -11.22 67.13 -23.58
CA LEU J 153 -12.10 66.11 -22.99
C LEU J 153 -11.69 64.72 -23.48
N GLN J 154 -11.55 63.80 -22.52
CA GLN J 154 -11.15 62.42 -22.78
C GLN J 154 -12.35 61.55 -23.10
N SER J 155 -12.10 60.48 -23.84
CA SER J 155 -13.16 59.55 -24.21
C SER J 155 -12.56 58.17 -24.41
N GLY J 156 -13.14 57.18 -23.73
CA GLY J 156 -12.80 55.79 -23.96
C GLY J 156 -11.64 55.25 -23.16
N ASN J 157 -10.96 56.09 -22.36
CA ASN J 157 -9.76 55.68 -21.64
C ASN J 157 -9.97 55.76 -20.13
N SER J 158 -11.22 55.64 -19.68
CA SER J 158 -11.53 55.68 -18.26
C SER J 158 -12.58 54.63 -17.95
N GLN J 159 -12.61 54.21 -16.68
CA GLN J 159 -13.60 53.27 -16.20
C GLN J 159 -14.02 53.67 -14.78
N GLU J 160 -15.31 53.56 -14.51
CA GLU J 160 -15.88 53.99 -13.24
C GLU J 160 -16.28 52.78 -12.39
N SER J 161 -16.50 53.05 -11.10
CA SER J 161 -16.93 52.03 -10.16
C SER J 161 -17.67 52.72 -9.02
N VAL J 162 -18.85 52.20 -8.67
CA VAL J 162 -19.71 52.79 -7.64
C VAL J 162 -19.92 51.79 -6.52
N THR J 163 -19.84 52.28 -5.27
CA THR J 163 -20.11 51.44 -4.12
C THR J 163 -21.61 51.18 -3.98
N GLU J 164 -21.95 50.14 -3.21
CA GLU J 164 -23.32 49.97 -2.78
C GLU J 164 -23.67 51.05 -1.75
N GLN J 165 -24.97 51.35 -1.65
CA GLN J 165 -25.46 52.40 -0.78
C GLN J 165 -25.05 52.15 0.67
N ASP J 166 -24.55 53.20 1.33
CA ASP J 166 -24.17 53.08 2.74
C ASP J 166 -25.38 52.82 3.63
N SER J 167 -25.23 51.86 4.56
CA SER J 167 -26.34 51.44 5.40
C SER J 167 -26.65 52.42 6.53
N LYS J 168 -25.75 53.35 6.81
CA LYS J 168 -25.97 54.33 7.88
C LYS J 168 -26.43 55.67 7.35
N ASP J 169 -25.82 56.19 6.29
CA ASP J 169 -26.17 57.52 5.78
C ASP J 169 -26.72 57.53 4.35
N SER J 170 -26.96 56.37 3.75
CA SER J 170 -27.66 56.23 2.47
C SER J 170 -26.94 56.89 1.29
N THR J 171 -25.63 57.15 1.41
CA THR J 171 -24.86 57.77 0.34
C THR J 171 -24.10 56.74 -0.49
N TYR J 172 -23.56 57.23 -1.60
CA TYR J 172 -22.74 56.48 -2.53
C TYR J 172 -21.37 57.13 -2.65
N SER J 173 -20.42 56.34 -3.16
CA SER J 173 -19.13 56.85 -3.57
C SER J 173 -18.76 56.26 -4.92
N LEU J 174 -17.96 57.00 -5.69
CA LEU J 174 -17.64 56.63 -7.06
C LEU J 174 -16.15 56.90 -7.31
N SER J 175 -15.51 56.00 -8.05
CA SER J 175 -14.13 56.20 -8.49
C SER J 175 -14.08 56.14 -10.00
N SER J 176 -13.30 57.04 -10.60
CA SER J 176 -13.02 57.03 -12.02
C SER J 176 -11.51 56.93 -12.20
N THR J 177 -11.08 55.98 -13.03
CA THR J 177 -9.66 55.76 -13.28
C THR J 177 -9.38 56.04 -14.74
N LEU J 178 -8.54 57.04 -15.00
CA LEU J 178 -8.01 57.32 -16.33
C LEU J 178 -6.69 56.57 -16.47
N THR J 179 -6.58 55.76 -17.52
CA THR J 179 -5.38 54.94 -17.74
C THR J 179 -4.72 55.37 -19.05
N LEU J 180 -3.45 55.75 -18.96
CA LEU J 180 -2.62 56.13 -20.10
C LEU J 180 -1.27 55.44 -19.97
N SER J 181 -0.58 55.30 -21.09
CA SER J 181 0.79 54.81 -21.01
C SER J 181 1.67 55.88 -20.37
N LYS J 182 2.80 55.44 -19.82
CA LYS J 182 3.74 56.39 -19.27
C LYS J 182 4.17 57.41 -20.34
N ALA J 183 4.32 56.95 -21.59
CA ALA J 183 4.71 57.83 -22.67
C ALA J 183 3.64 58.88 -22.94
N ASP J 184 2.38 58.45 -23.06
CA ASP J 184 1.29 59.41 -23.25
C ASP J 184 1.14 60.31 -22.03
N TYR J 185 1.35 59.76 -20.83
CA TYR J 185 1.19 60.53 -19.61
C TYR J 185 2.19 61.68 -19.52
N GLU J 186 3.41 61.45 -19.97
CA GLU J 186 4.47 62.44 -19.84
C GLU J 186 4.45 63.49 -20.94
N LYS J 187 3.44 63.47 -21.80
CA LYS J 187 3.26 64.44 -22.88
C LYS J 187 2.38 65.62 -22.50
N HIS J 188 1.81 65.65 -21.29
CA HIS J 188 0.86 66.69 -20.93
C HIS J 188 1.12 67.17 -19.50
N LYS J 189 0.63 68.38 -19.21
CA LYS J 189 0.89 69.03 -17.94
C LYS J 189 -0.30 68.97 -16.99
N VAL J 190 -1.48 69.41 -17.43
CA VAL J 190 -2.67 69.49 -16.58
C VAL J 190 -3.55 68.26 -16.78
N TYR J 191 -3.86 67.59 -15.68
CA TYR J 191 -4.80 66.48 -15.67
C TYR J 191 -5.95 66.86 -14.75
N ALA J 192 -7.14 66.97 -15.31
CA ALA J 192 -8.29 67.50 -14.60
C ALA J 192 -9.43 66.48 -14.57
N CYS J 193 -10.21 66.55 -13.50
CA CYS J 193 -11.39 65.72 -13.31
C CYS J 193 -12.57 66.65 -13.00
N GLU J 194 -13.56 66.71 -13.90
CA GLU J 194 -14.71 67.61 -13.79
C GLU J 194 -15.94 66.82 -13.37
N VAL J 195 -16.63 67.28 -12.33
CA VAL J 195 -17.71 66.52 -11.71
C VAL J 195 -19.02 67.31 -11.80
N THR J 196 -20.05 66.65 -12.30
CA THR J 196 -21.40 67.20 -12.33
C THR J 196 -22.29 66.35 -11.43
N HIS J 197 -23.06 67.00 -10.57
CA HIS J 197 -23.97 66.32 -9.66
C HIS J 197 -25.05 67.28 -9.21
N GLN J 198 -26.22 66.73 -8.88
CA GLN J 198 -27.36 67.55 -8.51
C GLN J 198 -27.06 68.42 -7.30
N GLY J 199 -26.19 67.95 -6.40
CA GLY J 199 -25.83 68.71 -5.22
C GLY J 199 -24.84 69.82 -5.44
N LEU J 200 -24.36 69.99 -6.67
CA LEU J 200 -23.43 71.05 -7.01
C LEU J 200 -24.12 72.05 -7.92
N SER J 201 -24.02 73.34 -7.56
CA SER J 201 -24.64 74.40 -8.35
C SER J 201 -23.97 74.54 -9.72
N SER J 202 -22.64 74.47 -9.75
CA SER J 202 -21.86 74.50 -10.98
C SER J 202 -20.86 73.35 -10.94
N PRO J 203 -20.33 72.93 -12.09
CA PRO J 203 -19.40 71.80 -12.10
C PRO J 203 -18.14 72.09 -11.29
N VAL J 204 -17.65 71.05 -10.62
CA VAL J 204 -16.45 71.12 -9.79
C VAL J 204 -15.32 70.43 -10.54
N THR J 205 -14.14 71.06 -10.55
CA THR J 205 -12.96 70.50 -11.19
C THR J 205 -11.81 70.36 -10.19
N LYS J 206 -11.23 69.17 -10.13
CA LYS J 206 -9.98 68.92 -9.42
C LYS J 206 -8.90 68.53 -10.43
N SER J 207 -7.74 69.16 -10.32
CA SER J 207 -6.66 68.97 -11.28
C SER J 207 -5.32 68.91 -10.55
N PHE J 208 -4.28 68.55 -11.29
CA PHE J 208 -2.91 68.63 -10.78
C PHE J 208 -1.96 68.91 -11.94
N ASN J 209 -0.74 69.35 -11.59
CA ASN J 209 0.34 69.50 -12.55
C ASN J 209 1.33 68.36 -12.40
N ARG J 210 1.59 67.65 -13.51
CA ARG J 210 2.55 66.55 -13.51
C ARG J 210 3.92 67.07 -13.08
N GLY J 211 4.41 66.63 -11.92
CA GLY J 211 5.71 67.08 -11.43
C GLY J 211 5.70 67.92 -10.16
N GLU J 212 4.54 68.39 -9.70
CA GLU J 212 4.50 69.33 -8.58
C GLU J 212 4.61 68.65 -7.22
#